data_9MOE
#
_entry.id   9MOE
#
_cell.length_a   1.00
_cell.length_b   1.00
_cell.length_c   1.00
_cell.angle_alpha   90.00
_cell.angle_beta   90.00
_cell.angle_gamma   90.00
#
_symmetry.space_group_name_H-M   'P 1'
#
loop_
_entity.id
_entity.type
_entity.pdbx_description
1 polymer 'Transient receptor potential cation channel subfamily A member 1'
2 non-polymer (2S)-2-{3-methyl-1-[(3-methyl-1,2,4-oxadiazol-5-yl)methyl]-2,6-dioxo-1,2,3,6-tetrahydro-7H-purin-7-yl}-N-{6-[2-(trifluoromethyl)pyrimidin-5-yl]pyridin-2-yl}propanamide
#
_entity_poly.entity_id   1
_entity_poly.type   'polypeptide(L)'
_entity_poly.pdbx_seq_one_letter_code
;LGKRSLRKMWRPGEKKEPQGVVYEDVPDDTEDFKESLKVVFEGSAYGLQNFNKQKKLKRCDDMDTFFLHYAAAEGQIELM
EKITRDSSLEVLHEMDDYGNTPLHCAVEKNQIESVKFLLSRGANPNLRNFNMMAPLHIAVQGMNNEVMKVLLEHRTIDVN
LEGENGNTAVIIACTTNNSEALQILLKKGAKPCKSNKWGCFPIHQAAFSGSKECMEIILRFGEEHGYSRQLHINFMNNGK
ATPLHLAVQNGDLEMIKMCLDNGAQIDPVEKGRCTAIHFAATQGATEIVKLMISSYSGSVDIVNTTDGCHETMLHRASLF
DHHELADYLISVGADINKIDSEGRSPLILATASASWNIVNLLLSKGAQVDIKDNFGRNFLHLTVQQPYGLKNLRPEFMQM
QQIKELVMDEDNDGCTPLHYACRQGGPGSVNNLLGFNVSIHSKSKDKKSPLHFAASYGRINTCQRLLQDISDTRLLNEGD
LHGMTPLHLAAKNGHDKVVQLLLKKGALFLSDHNGWTALHHASMGGYTQTMKVILDTNLKCTDRLDEDGNTALHFAAREG
HAKAVALLLSHNADIVLNKQQASFLHLALHNKRKEVVLTIIRSKRWDECLKIFSHNSPGNKCPITEMIEYLPECMKVLLD
FCMLHSTEDKSCRDYYIEYNFKYLQCPLEFTKKTPTQDVIYEPLTALNAMVQNNRIELLNHPVCKEYLLMKWLAYGFRAH
MMNLGSYCLGLIPMTILVVNIKPGMAFNSTGIINETSDHSEILDTTNSYLIKTCMILVFLSSIFGYCKEAGQIFQQKRNY
FMDISNVLEWIIYTTGIIFVLPLFVEIPAHLQWQCGAIAVYFYWMNFLLYLQRFENCGIFIVMLEVILKTLLRSTVVFIF
LLLAFGLSFYILLNLQDPFSSPLLSIIQTFSMMLGDINYRESFLEPYLRNELAHPVLSFAQLVSFTIFVPIVLMNLLIGL
AVGDIAEVQKHASLKRIAMQVELHTSLEKKLPLWFLRKVDQKSTIVYPNKPRSGGMLFHIFCFLFCTGEIRQEIPNADKS
LEMEILKQKYRLKDLTFLLEKQHELIKLIIQKMEIISETEDDDSHCSFQDRFKKEQMEQRNSRWNTVLRAVKAKTHHLEP
;
_entity_poly.pdbx_strand_id   A,B,D,E
#
loop_
_chem_comp.id
_chem_comp.type
_chem_comp.name
_chem_comp.formula
A1BNO non-polymer (2S)-2-{3-methyl-1-[(3-methyl-1,2,4-oxadiazol-5-yl)methyl]-2,6-dioxo-1,2,3,6-tetrahydro-7H-purin-7-yl}-N-{6-[2-(trifluoromethyl)pyrimidin-5-yl]pyridin-2-yl}propanamide 'C23 H19 F3 N10 O4'
#
# COMPACT_ATOMS: atom_id res chain seq x y z
N SER A 449 1.28 59.88 15.64
CA SER A 449 2.07 58.91 14.89
C SER A 449 3.27 58.36 15.69
N PRO A 450 4.08 59.22 16.31
CA PRO A 450 5.18 58.67 17.13
C PRO A 450 4.69 57.85 18.31
N LEU A 451 3.63 58.30 18.98
CA LEU A 451 3.09 57.54 20.11
C LEU A 451 2.52 56.21 19.64
N HIS A 452 1.83 56.20 18.50
CA HIS A 452 1.30 54.97 17.95
C HIS A 452 2.42 54.00 17.58
N PHE A 453 3.49 54.50 16.96
CA PHE A 453 4.61 53.65 16.62
C PHE A 453 5.27 53.06 17.87
N ALA A 454 5.50 53.91 18.88
CA ALA A 454 6.15 53.44 20.10
C ALA A 454 5.30 52.42 20.83
N ALA A 455 3.98 52.64 20.90
CA ALA A 455 3.10 51.66 21.51
C ALA A 455 3.08 50.37 20.72
N SER A 456 3.03 50.47 19.39
CA SER A 456 2.95 49.28 18.54
C SER A 456 4.21 48.44 18.62
N TYR A 457 5.37 49.05 18.87
CA TYR A 457 6.61 48.30 18.87
C TYR A 457 7.28 48.22 20.23
N GLY A 458 6.58 48.62 21.30
CA GLY A 458 7.05 48.34 22.64
C GLY A 458 8.16 49.22 23.14
N ARG A 459 8.42 50.34 22.48
CA ARG A 459 9.45 51.27 22.89
C ARG A 459 8.91 52.07 24.07
N ILE A 460 9.09 51.52 25.27
CA ILE A 460 8.44 52.07 26.46
C ILE A 460 9.03 53.42 26.84
N ASN A 461 10.34 53.60 26.67
CA ASN A 461 10.97 54.86 27.06
C ASN A 461 10.43 56.02 26.23
N THR A 462 10.17 55.78 24.95
CA THR A 462 9.51 56.78 24.12
C THR A 462 8.09 57.05 24.61
N CYS A 463 7.39 55.99 25.03
CA CYS A 463 6.02 56.16 25.51
C CYS A 463 5.98 57.00 26.79
N GLN A 464 6.91 56.77 27.72
CA GLN A 464 6.95 57.57 28.93
C GLN A 464 7.30 59.02 28.63
N ARG A 465 8.21 59.25 27.69
CA ARG A 465 8.59 60.62 27.35
C ARG A 465 7.45 61.36 26.65
N LEU A 466 6.68 60.65 25.82
CA LEU A 466 5.59 61.27 25.09
C LEU A 466 4.36 61.52 25.95
N LEU A 467 4.31 60.95 27.15
CA LEU A 467 3.16 61.12 28.03
C LEU A 467 3.59 61.68 29.38
N THR A 473 -6.98 64.00 27.79
CA THR A 473 -5.97 63.11 27.21
C THR A 473 -6.35 62.72 25.78
N ARG A 474 -6.28 63.70 24.87
CA ARG A 474 -6.66 63.46 23.49
C ARG A 474 -5.64 62.60 22.73
N LEU A 475 -4.45 62.42 23.27
CA LEU A 475 -3.44 61.57 22.63
C LEU A 475 -3.45 60.15 23.16
N LEU A 476 -3.86 59.95 24.41
CA LEU A 476 -3.88 58.61 24.99
C LEU A 476 -4.99 57.75 24.42
N ASN A 477 -6.12 58.36 24.05
CA ASN A 477 -7.28 57.59 23.58
C ASN A 477 -7.69 58.00 22.17
N GLU A 478 -6.72 58.15 21.27
CA GLU A 478 -6.99 58.51 19.88
C GLU A 478 -6.54 57.38 18.97
N GLY A 479 -7.42 56.97 18.06
CA GLY A 479 -7.13 55.90 17.13
C GLY A 479 -6.58 56.41 15.81
N ASP A 480 -6.41 55.47 14.88
CA ASP A 480 -5.96 55.74 13.53
C ASP A 480 -7.06 55.35 12.55
N LEU A 481 -6.70 55.32 11.26
CA LEU A 481 -7.66 54.97 10.22
C LEU A 481 -8.32 53.62 10.43
N HIS A 482 -7.80 52.79 11.34
CA HIS A 482 -8.45 51.55 11.72
C HIS A 482 -9.04 51.60 13.12
N GLY A 483 -8.99 52.76 13.79
CA GLY A 483 -9.61 52.91 15.09
C GLY A 483 -8.83 52.36 16.25
N MET A 484 -7.55 52.05 16.08
CA MET A 484 -6.76 51.43 17.13
C MET A 484 -6.06 52.50 17.97
N THR A 485 -6.40 52.53 19.26
CA THR A 485 -5.72 53.40 20.20
C THR A 485 -4.33 52.83 20.50
N PRO A 486 -3.44 53.61 21.13
CA PRO A 486 -2.15 53.05 21.53
C PRO A 486 -2.26 51.78 22.38
N LEU A 487 -3.28 51.71 23.24
CA LEU A 487 -3.50 50.49 24.01
C LEU A 487 -3.83 49.33 23.09
N HIS A 488 -4.61 49.57 22.05
CA HIS A 488 -4.95 48.51 21.10
C HIS A 488 -3.70 47.95 20.43
N LEU A 489 -2.80 48.83 19.98
CA LEU A 489 -1.60 48.38 19.28
C LEU A 489 -0.63 47.68 20.23
N ALA A 490 -0.46 48.23 21.43
CA ALA A 490 0.42 47.61 22.41
C ALA A 490 -0.08 46.23 22.81
N ALA A 491 -1.40 46.08 22.99
CA ALA A 491 -1.96 44.76 23.27
C ALA A 491 -1.83 43.84 22.07
N LYS A 492 -2.02 44.36 20.87
CA LYS A 492 -1.96 43.54 19.66
C LYS A 492 -0.57 42.94 19.47
N ASN A 493 0.47 43.72 19.75
CA ASN A 493 1.83 43.23 19.55
C ASN A 493 2.43 42.60 20.81
N GLY A 494 1.70 42.58 21.91
CA GLY A 494 2.12 41.81 23.07
C GLY A 494 3.13 42.48 23.97
N HIS A 495 2.98 43.77 24.22
CA HIS A 495 3.89 44.53 25.07
C HIS A 495 3.14 44.84 26.36
N ASP A 496 3.26 43.95 27.34
CA ASP A 496 2.50 44.07 28.57
C ASP A 496 2.97 45.25 29.42
N LYS A 497 4.26 45.60 29.34
CA LYS A 497 4.73 46.75 30.10
C LYS A 497 4.19 48.06 29.53
N VAL A 498 4.15 48.18 28.20
CA VAL A 498 3.57 49.36 27.58
C VAL A 498 2.08 49.46 27.88
N VAL A 499 1.38 48.31 27.83
CA VAL A 499 -0.04 48.29 28.16
C VAL A 499 -0.26 48.71 29.61
N GLN A 500 0.56 48.16 30.53
CA GLN A 500 0.44 48.52 31.94
C GLN A 500 0.68 50.01 32.16
N LEU A 501 1.71 50.58 31.53
CA LEU A 501 1.96 52.00 31.68
C LEU A 501 0.83 52.84 31.09
N LEU A 502 0.30 52.46 29.92
CA LEU A 502 -0.81 53.19 29.34
C LEU A 502 -2.04 53.13 30.22
N LEU A 503 -2.26 52.00 30.92
CA LEU A 503 -3.42 51.87 31.78
C LEU A 503 -3.27 52.70 33.05
N LYS A 504 -2.06 52.77 33.61
CA LYS A 504 -1.85 53.58 34.79
C LYS A 504 -2.00 55.07 34.51
N LYS A 505 -1.84 55.50 33.26
CA LYS A 505 -2.10 56.87 32.88
C LYS A 505 -3.56 57.12 32.53
N GLY A 506 -4.46 56.22 32.93
CA GLY A 506 -5.88 56.41 32.73
C GLY A 506 -6.37 56.25 31.31
N ALA A 507 -5.86 55.26 30.59
CA ALA A 507 -6.40 54.92 29.29
C ALA A 507 -7.62 54.03 29.46
N LEU A 508 -8.64 54.28 28.65
CA LEU A 508 -9.90 53.57 28.75
C LEU A 508 -9.96 52.44 27.71
N PHE A 509 -10.68 51.39 28.08
CA PHE A 509 -10.83 50.23 27.19
C PHE A 509 -11.88 50.57 26.13
N LEU A 510 -11.40 50.94 24.95
CA LEU A 510 -12.25 51.36 23.84
C LEU A 510 -12.37 50.23 22.83
N SER A 511 -13.04 50.53 21.73
CA SER A 511 -13.26 49.57 20.65
C SER A 511 -12.83 50.20 19.34
N ASP A 512 -12.21 49.41 18.48
CA ASP A 512 -11.75 49.89 17.18
C ASP A 512 -12.89 49.75 16.18
N HIS A 513 -12.58 49.93 14.89
CA HIS A 513 -13.61 49.93 13.86
C HIS A 513 -14.35 48.60 13.79
N ASN A 514 -13.68 47.50 14.12
CA ASN A 514 -14.28 46.17 14.11
C ASN A 514 -14.86 45.77 15.46
N GLY A 515 -14.84 46.68 16.44
CA GLY A 515 -15.37 46.37 17.74
C GLY A 515 -14.44 45.64 18.67
N TRP A 516 -13.22 45.34 18.24
CA TRP A 516 -12.28 44.62 19.08
C TRP A 516 -11.76 45.53 20.20
N THR A 517 -11.57 44.94 21.38
CA THR A 517 -10.99 45.60 22.52
C THR A 517 -9.49 45.24 22.58
N ALA A 518 -8.73 45.94 23.42
CA ALA A 518 -7.33 45.57 23.62
C ALA A 518 -7.21 44.12 24.08
N LEU A 519 -8.18 43.64 24.87
CA LEU A 519 -8.20 42.23 25.25
C LEU A 519 -8.50 41.34 24.05
N HIS A 520 -9.28 41.82 23.09
CA HIS A 520 -9.48 41.07 21.86
C HIS A 520 -8.17 40.89 21.10
N HIS A 521 -7.37 41.96 21.03
CA HIS A 521 -6.12 41.92 20.28
C HIS A 521 -5.05 41.11 21.00
N ALA A 522 -5.07 41.11 22.33
CA ALA A 522 -4.11 40.30 23.09
C ALA A 522 -4.45 38.82 23.04
N SER A 523 -5.72 38.46 22.87
CA SER A 523 -6.12 37.07 22.80
C SER A 523 -5.89 36.47 21.42
N MET A 524 -6.03 37.29 20.36
CA MET A 524 -5.76 36.81 19.02
C MET A 524 -4.29 36.42 18.87
N GLY A 525 -3.39 37.16 19.52
CA GLY A 525 -1.98 36.84 19.53
C GLY A 525 -1.54 35.91 20.63
N GLY A 526 -2.43 35.55 21.54
CA GLY A 526 -2.07 34.64 22.62
C GLY A 526 -1.08 35.20 23.60
N TYR A 527 -1.11 36.49 23.86
CA TYR A 527 -0.17 37.14 24.78
C TYR A 527 -0.77 37.08 26.17
N THR A 528 -0.39 36.04 26.92
CA THR A 528 -0.99 35.81 28.23
C THR A 528 -0.60 36.89 29.24
N GLN A 529 0.61 37.44 29.14
CA GLN A 529 1.03 38.48 30.07
C GLN A 529 0.25 39.77 29.84
N THR A 530 0.06 40.15 28.57
CA THR A 530 -0.74 41.33 28.26
C THR A 530 -2.17 41.14 28.73
N MET A 531 -2.72 39.94 28.54
CA MET A 531 -4.07 39.66 29.00
C MET A 531 -4.16 39.71 30.52
N LYS A 532 -3.15 39.20 31.23
CA LYS A 532 -3.15 39.31 32.68
C LYS A 532 -3.15 40.77 33.11
N VAL A 533 -2.32 41.59 32.48
CA VAL A 533 -2.28 43.01 32.83
C VAL A 533 -3.63 43.64 32.58
N ILE A 534 -4.28 43.31 31.45
CA ILE A 534 -5.58 43.87 31.13
C ILE A 534 -6.63 43.43 32.14
N LEU A 535 -6.63 42.15 32.50
CA LEU A 535 -7.67 41.59 33.35
C LEU A 535 -7.52 41.97 34.81
N ASP A 536 -6.32 42.33 35.26
CA ASP A 536 -6.14 42.69 36.66
C ASP A 536 -6.47 44.15 36.95
N THR A 537 -6.90 44.92 35.96
CA THR A 537 -7.28 46.32 36.18
C THR A 537 -8.77 46.54 36.06
N ASN A 538 -9.38 46.13 34.94
CA ASN A 538 -10.81 46.30 34.70
C ASN A 538 -11.41 44.93 34.46
N LEU A 539 -12.26 44.48 35.38
CA LEU A 539 -13.01 43.24 35.20
C LEU A 539 -14.36 43.50 34.54
N LYS A 540 -14.31 44.18 33.39
CA LYS A 540 -15.51 44.44 32.61
C LYS A 540 -15.27 44.37 31.11
N CYS A 541 -14.05 44.10 30.66
CA CYS A 541 -13.75 43.97 29.24
C CYS A 541 -13.68 42.51 28.79
N THR A 542 -13.89 41.57 29.71
CA THR A 542 -13.75 40.16 29.37
C THR A 542 -14.84 39.71 28.41
N ASP A 543 -16.06 40.23 28.58
CA ASP A 543 -17.22 39.76 27.84
C ASP A 543 -17.73 40.78 26.82
N ARG A 544 -16.87 41.66 26.34
CA ARG A 544 -17.29 42.59 25.31
C ARG A 544 -17.40 41.89 23.96
N LEU A 545 -18.27 42.41 23.11
CA LEU A 545 -18.69 41.73 21.88
C LEU A 545 -18.13 42.49 20.69
N ASP A 546 -17.56 41.77 19.72
CA ASP A 546 -17.04 42.42 18.53
C ASP A 546 -18.20 42.64 17.55
N GLU A 547 -17.87 43.03 16.30
CA GLU A 547 -18.91 43.28 15.32
C GLU A 547 -19.65 42.02 14.92
N ASP A 548 -18.97 40.88 14.88
CA ASP A 548 -19.57 39.60 14.53
C ASP A 548 -20.01 38.80 15.74
N GLY A 549 -19.98 39.39 16.93
CA GLY A 549 -20.43 38.71 18.11
C GLY A 549 -19.40 37.83 18.80
N ASN A 550 -18.13 37.93 18.42
CA ASN A 550 -17.09 37.15 19.06
C ASN A 550 -16.53 37.88 20.26
N THR A 551 -16.07 37.12 21.25
CA THR A 551 -15.41 37.66 22.42
C THR A 551 -13.91 37.35 22.36
N ALA A 552 -13.19 37.74 23.42
CA ALA A 552 -11.78 37.41 23.49
C ALA A 552 -11.56 35.90 23.59
N LEU A 553 -12.49 35.20 24.25
CA LEU A 553 -12.40 33.74 24.35
C LEU A 553 -12.54 33.08 22.98
N HIS A 554 -13.43 33.61 22.13
CA HIS A 554 -13.60 33.08 20.79
C HIS A 554 -12.31 33.16 19.99
N PHE A 555 -11.64 34.31 20.03
CA PHE A 555 -10.41 34.50 19.26
C PHE A 555 -9.29 33.61 19.79
N ALA A 556 -9.16 33.52 21.11
CA ALA A 556 -8.13 32.66 21.69
C ALA A 556 -8.34 31.21 21.33
N ALA A 557 -9.61 30.75 21.36
CA ALA A 557 -9.89 29.36 21.01
C ALA A 557 -9.70 29.10 19.53
N ARG A 558 -10.07 30.06 18.68
CA ARG A 558 -9.93 29.90 17.24
C ARG A 558 -8.48 29.92 16.81
N GLU A 559 -7.64 30.70 17.47
CA GLU A 559 -6.24 30.82 17.08
C GLU A 559 -5.33 29.78 17.73
N GLY A 560 -5.87 28.93 18.59
CA GLY A 560 -5.11 27.81 19.10
C GLY A 560 -4.23 28.10 20.29
N HIS A 561 -4.54 29.14 21.07
CA HIS A 561 -3.75 29.51 22.24
C HIS A 561 -4.39 28.89 23.47
N ALA A 562 -3.91 27.69 23.83
CA ALA A 562 -4.49 26.96 24.95
C ALA A 562 -4.29 27.69 26.27
N LYS A 563 -3.11 28.29 26.48
CA LYS A 563 -2.87 29.04 27.70
C LYS A 563 -3.77 30.26 27.79
N ALA A 564 -4.00 30.93 26.65
CA ALA A 564 -4.92 32.05 26.62
C ALA A 564 -6.32 31.61 27.01
N VAL A 565 -6.77 30.48 26.47
CA VAL A 565 -8.11 29.97 26.77
C VAL A 565 -8.21 29.61 28.24
N ALA A 566 -7.19 28.97 28.80
CA ALA A 566 -7.21 28.62 30.21
C ALA A 566 -7.25 29.87 31.08
N LEU A 567 -6.46 30.89 30.73
CA LEU A 567 -6.45 32.12 31.52
C LEU A 567 -7.79 32.84 31.46
N LEU A 568 -8.42 32.87 30.28
CA LEU A 568 -9.72 33.52 30.16
C LEU A 568 -10.80 32.72 30.89
N LEU A 569 -10.69 31.39 30.89
CA LEU A 569 -11.67 30.57 31.62
C LEU A 569 -11.52 30.72 33.12
N SER A 570 -10.28 30.82 33.61
CA SER A 570 -10.05 30.99 35.04
C SER A 570 -10.51 32.35 35.56
N HIS A 571 -10.81 33.29 34.68
CA HIS A 571 -11.33 34.60 35.07
C HIS A 571 -12.84 34.69 34.86
N ASN A 572 -13.51 33.55 34.72
CA ASN A 572 -14.98 33.48 34.64
C ASN A 572 -15.51 34.25 33.44
N ALA A 573 -14.89 34.02 32.29
CA ALA A 573 -15.42 34.56 31.04
C ALA A 573 -16.74 33.89 30.69
N ASP A 574 -17.66 34.65 30.11
CA ASP A 574 -18.97 34.13 29.76
C ASP A 574 -18.89 33.34 28.46
N ILE A 575 -19.33 32.09 28.50
CA ILE A 575 -19.37 31.25 27.30
C ILE A 575 -20.68 31.59 26.56
N VAL A 576 -20.56 32.16 25.37
CA VAL A 576 -21.69 32.63 24.60
C VAL A 576 -21.54 32.14 23.17
N LEU A 577 -22.55 32.43 22.35
CA LEU A 577 -22.52 32.14 20.93
C LEU A 577 -22.45 33.45 20.17
N ASN A 578 -21.69 33.46 19.07
CA ASN A 578 -21.57 34.66 18.25
C ASN A 578 -22.79 34.75 17.33
N LYS A 579 -22.75 35.66 16.37
CA LYS A 579 -23.87 35.82 15.45
C LYS A 579 -24.07 34.63 14.55
N GLN A 580 -23.09 33.73 14.45
CA GLN A 580 -23.24 32.47 13.74
C GLN A 580 -23.59 31.32 14.68
N GLN A 581 -23.96 31.63 15.93
CA GLN A 581 -24.37 30.64 16.91
C GLN A 581 -23.28 29.60 17.16
N ALA A 582 -22.05 30.09 17.30
CA ALA A 582 -20.90 29.24 17.58
C ALA A 582 -20.22 29.72 18.86
N SER A 583 -19.84 28.76 19.70
CA SER A 583 -19.10 29.08 20.90
C SER A 583 -17.60 28.97 20.61
N PHE A 584 -16.78 29.30 21.63
CA PHE A 584 -15.35 29.18 21.47
C PHE A 584 -14.93 27.72 21.28
N LEU A 585 -15.64 26.79 21.93
CA LEU A 585 -15.38 25.36 21.72
C LEU A 585 -15.68 24.97 20.28
N HIS A 586 -16.74 25.52 19.69
CA HIS A 586 -17.04 25.25 18.30
C HIS A 586 -15.94 25.76 17.38
N LEU A 587 -15.45 26.97 17.65
CA LEU A 587 -14.38 27.54 16.83
C LEU A 587 -13.10 26.73 16.96
N ALA A 588 -12.79 26.26 18.18
CA ALA A 588 -11.63 25.39 18.35
C ALA A 588 -11.78 24.07 17.61
N LEU A 589 -12.98 23.47 17.67
CA LEU A 589 -13.18 22.19 17.02
C LEU A 589 -13.12 22.31 15.50
N HIS A 590 -13.73 23.36 14.94
CA HIS A 590 -13.72 23.53 13.49
C HIS A 590 -12.34 23.87 12.96
N ASN A 591 -11.45 24.39 13.79
CA ASN A 591 -10.07 24.65 13.42
C ASN A 591 -9.13 23.53 13.83
N LYS A 592 -9.66 22.44 14.41
CA LYS A 592 -8.88 21.30 14.85
C LYS A 592 -7.78 21.71 15.82
N ARG A 593 -8.13 22.57 16.78
CA ARG A 593 -7.19 23.02 17.80
C ARG A 593 -7.20 22.00 18.94
N LYS A 594 -6.33 20.99 18.82
CA LYS A 594 -6.32 19.90 19.78
C LYS A 594 -5.98 20.37 21.18
N GLU A 595 -4.98 21.25 21.30
CA GLU A 595 -4.50 21.64 22.62
C GLU A 595 -5.53 22.44 23.40
N VAL A 596 -6.18 23.41 22.75
CA VAL A 596 -7.17 24.21 23.47
C VAL A 596 -8.43 23.41 23.72
N VAL A 597 -8.77 22.47 22.84
CA VAL A 597 -9.91 21.60 23.10
C VAL A 597 -9.63 20.71 24.30
N LEU A 598 -8.41 20.18 24.41
CA LEU A 598 -8.03 19.43 25.60
C LEU A 598 -8.07 20.30 26.84
N THR A 599 -7.66 21.57 26.72
CA THR A 599 -7.73 22.49 27.85
C THR A 599 -9.17 22.70 28.29
N ILE A 600 -10.09 22.85 27.34
CA ILE A 600 -11.51 23.01 27.68
C ILE A 600 -12.05 21.76 28.33
N ILE A 601 -11.69 20.58 27.81
CA ILE A 601 -12.18 19.33 28.36
C ILE A 601 -11.70 19.14 29.79
N ARG A 602 -10.42 19.42 30.04
CA ARG A 602 -9.85 19.25 31.37
C ARG A 602 -10.15 20.42 32.30
N SER A 603 -10.79 21.47 31.79
CA SER A 603 -11.16 22.60 32.63
C SER A 603 -12.28 22.22 33.60
N LYS A 604 -12.39 22.99 34.68
CA LYS A 604 -13.46 22.80 35.65
C LYS A 604 -14.82 23.25 35.12
N ARG A 605 -14.86 23.93 33.98
CA ARG A 605 -16.10 24.41 33.40
C ARG A 605 -16.44 23.66 32.11
N TRP A 606 -15.98 22.42 31.99
CA TRP A 606 -16.20 21.66 30.76
C TRP A 606 -17.68 21.42 30.50
N ASP A 607 -18.44 21.11 31.56
CA ASP A 607 -19.88 20.87 31.40
C ASP A 607 -20.60 22.12 30.95
N GLU A 608 -20.20 23.28 31.48
CA GLU A 608 -20.82 24.54 31.08
C GLU A 608 -20.58 24.82 29.60
N CYS A 609 -19.36 24.58 29.12
CA CYS A 609 -19.07 24.76 27.69
C CYS A 609 -19.81 23.73 26.85
N LEU A 610 -20.00 22.53 27.39
CA LEU A 610 -20.75 21.50 26.68
C LEU A 610 -22.22 21.89 26.52
N LYS A 611 -22.79 22.55 27.52
CA LYS A 611 -24.20 22.91 27.48
C LYS A 611 -24.52 24.03 26.52
N ILE A 612 -23.53 24.76 26.02
CA ILE A 612 -23.75 25.95 25.21
C ILE A 612 -23.65 25.58 23.74
N PHE A 613 -24.81 25.44 23.09
CA PHE A 613 -24.90 25.30 21.64
C PHE A 613 -26.37 25.46 21.27
N SER A 614 -26.63 25.54 19.96
CA SER A 614 -27.97 25.71 19.44
C SER A 614 -28.38 24.45 18.69
N HIS A 615 -29.56 23.92 19.03
CA HIS A 615 -30.08 22.74 18.36
C HIS A 615 -30.50 23.02 16.92
N ASN A 616 -30.60 24.29 16.53
CA ASN A 616 -31.07 24.66 15.19
C ASN A 616 -29.95 25.15 14.29
N SER A 617 -28.69 25.01 14.70
CA SER A 617 -27.56 25.45 13.90
C SER A 617 -27.06 24.29 13.06
N PRO A 618 -27.18 24.34 11.71
CA PRO A 618 -26.66 23.24 10.90
C PRO A 618 -25.16 23.02 11.04
N GLY A 619 -24.40 24.10 11.17
CA GLY A 619 -22.95 24.01 11.21
C GLY A 619 -22.40 23.77 12.61
N ASN A 620 -22.93 24.48 13.59
CA ASN A 620 -22.46 24.38 14.98
C ASN A 620 -23.42 23.47 15.73
N LYS A 621 -23.19 22.16 15.59
CA LYS A 621 -24.01 21.15 16.23
C LYS A 621 -23.54 20.92 17.66
N CYS A 622 -24.01 19.84 18.27
CA CYS A 622 -23.58 19.51 19.62
C CYS A 622 -22.07 19.29 19.65
N PRO A 623 -21.37 19.81 20.65
CA PRO A 623 -19.90 19.71 20.65
C PRO A 623 -19.37 18.28 20.68
N ILE A 624 -20.16 17.31 21.15
CA ILE A 624 -19.70 15.92 21.12
C ILE A 624 -19.63 15.40 19.69
N THR A 625 -20.67 15.69 18.89
CA THR A 625 -20.65 15.29 17.49
C THR A 625 -19.52 15.99 16.73
N GLU A 626 -19.32 17.28 17.00
CA GLU A 626 -18.24 18.01 16.37
C GLU A 626 -16.88 17.44 16.78
N MET A 627 -16.73 17.04 18.04
CA MET A 627 -15.50 16.41 18.47
C MET A 627 -15.27 15.08 17.74
N ILE A 628 -16.32 14.28 17.59
CA ILE A 628 -16.19 13.02 16.87
C ILE A 628 -15.79 13.27 15.42
N GLU A 629 -16.36 14.31 14.80
CA GLU A 629 -16.11 14.57 13.39
C GLU A 629 -14.76 15.22 13.13
N TYR A 630 -14.27 16.05 14.04
CA TYR A 630 -13.11 16.91 13.78
C TYR A 630 -11.87 16.50 14.57
N LEU A 631 -12.02 16.23 15.86
CA LEU A 631 -10.89 15.89 16.73
C LEU A 631 -11.20 14.61 17.48
N PRO A 632 -11.21 13.47 16.79
CA PRO A 632 -11.52 12.19 17.46
C PRO A 632 -10.51 11.83 18.55
N GLU A 633 -9.28 12.35 18.48
CA GLU A 633 -8.32 12.08 19.54
C GLU A 633 -8.68 12.83 20.82
N CYS A 634 -9.42 13.93 20.71
CA CYS A 634 -9.91 14.62 21.91
C CYS A 634 -11.09 13.89 22.53
N MET A 635 -11.89 13.19 21.72
CA MET A 635 -12.97 12.38 22.26
C MET A 635 -12.43 11.16 22.99
N LYS A 636 -11.29 10.63 22.55
CA LYS A 636 -10.66 9.52 23.26
C LYS A 636 -10.24 9.94 24.67
N VAL A 637 -9.70 11.15 24.81
CA VAL A 637 -9.41 11.68 26.14
C VAL A 637 -10.69 11.88 26.94
N LEU A 638 -11.72 12.42 26.30
CA LEU A 638 -12.99 12.64 26.97
C LEU A 638 -13.64 11.31 27.38
N LEU A 639 -13.54 10.29 26.53
CA LEU A 639 -14.13 9.00 26.86
C LEU A 639 -13.34 8.29 27.95
N ASP A 640 -12.03 8.57 28.06
CA ASP A 640 -11.23 7.95 29.11
C ASP A 640 -11.61 8.44 30.49
N PHE A 641 -12.20 9.62 30.60
CA PHE A 641 -12.70 10.11 31.88
C PHE A 641 -14.03 9.48 32.27
N CYS A 642 -14.70 8.81 31.35
CA CYS A 642 -15.95 8.13 31.62
C CYS A 642 -15.77 6.71 32.09
N MET A 643 -14.53 6.23 32.18
CA MET A 643 -14.21 4.88 32.64
C MET A 643 -13.31 5.02 33.86
N LEU A 644 -13.88 4.83 35.04
CA LEU A 644 -13.19 5.03 36.31
C LEU A 644 -12.89 3.68 36.95
N HIS A 645 -11.61 3.36 37.07
CA HIS A 645 -11.19 2.12 37.70
C HIS A 645 -11.17 2.25 39.22
N TYR A 656 -13.65 -3.12 40.08
CA TYR A 656 -14.95 -2.48 39.86
C TYR A 656 -14.81 -1.25 38.98
N ILE A 657 -14.83 -1.47 37.67
CA ILE A 657 -14.72 -0.39 36.70
C ILE A 657 -16.12 0.11 36.36
N GLU A 658 -16.32 1.42 36.44
CA GLU A 658 -17.61 2.03 36.13
C GLU A 658 -17.47 2.80 34.82
N TYR A 659 -18.30 2.46 33.85
CA TYR A 659 -18.36 3.15 32.57
C TYR A 659 -19.58 4.06 32.56
N ASN A 660 -19.36 5.33 32.24
CA ASN A 660 -20.42 6.33 32.18
C ASN A 660 -20.72 6.64 30.73
N PHE A 661 -22.00 6.70 30.39
CA PHE A 661 -22.45 6.94 29.02
C PHE A 661 -23.16 8.28 28.90
N LYS A 662 -22.65 9.30 29.62
CA LYS A 662 -23.28 10.61 29.59
C LYS A 662 -23.09 11.29 28.23
N TYR A 663 -21.94 11.11 27.60
CA TYR A 663 -21.64 11.74 26.33
C TYR A 663 -22.00 10.89 25.13
N LEU A 664 -22.56 9.70 25.34
CA LEU A 664 -22.78 8.76 24.26
C LEU A 664 -24.17 8.83 23.63
N GLN A 665 -25.09 9.60 24.22
CA GLN A 665 -26.40 9.79 23.59
C GLN A 665 -26.98 11.12 24.07
N CYS A 666 -27.70 11.78 23.16
CA CYS A 666 -28.30 13.07 23.46
C CYS A 666 -29.82 12.95 23.52
N ILE A 680 -35.75 16.66 16.46
CA ILE A 680 -35.66 15.21 16.60
C ILE A 680 -34.22 14.75 16.40
N TYR A 681 -33.79 13.81 17.24
CA TYR A 681 -32.44 13.26 17.18
C TYR A 681 -32.52 11.74 17.02
N GLU A 682 -31.62 11.19 16.21
CA GLU A 682 -31.55 9.76 16.03
C GLU A 682 -31.12 9.08 17.34
N PRO A 683 -31.51 7.83 17.55
CA PRO A 683 -30.96 7.09 18.69
C PRO A 683 -29.48 6.82 18.50
N LEU A 684 -28.77 6.71 19.64
CA LEU A 684 -27.34 6.45 19.63
C LEU A 684 -26.59 7.48 18.80
N THR A 685 -26.77 8.75 19.17
CA THR A 685 -26.22 9.85 18.38
C THR A 685 -24.70 9.75 18.25
N ALA A 686 -24.00 9.59 19.37
CA ALA A 686 -22.54 9.55 19.35
C ALA A 686 -22.04 8.36 18.54
N LEU A 687 -22.63 7.19 18.73
CA LEU A 687 -22.17 6.01 18.02
C LEU A 687 -22.52 6.07 16.54
N ASN A 688 -23.67 6.63 16.19
CA ASN A 688 -24.01 6.84 14.78
C ASN A 688 -23.05 7.82 14.13
N ALA A 689 -22.65 8.87 14.84
CA ALA A 689 -21.65 9.79 14.32
C ALA A 689 -20.30 9.10 14.18
N MET A 690 -19.96 8.22 15.12
CA MET A 690 -18.71 7.47 15.03
C MET A 690 -18.70 6.56 13.80
N VAL A 691 -19.83 5.92 13.52
CA VAL A 691 -19.90 5.03 12.36
C VAL A 691 -19.79 5.83 11.07
N GLN A 692 -20.52 6.96 10.99
CA GLN A 692 -20.51 7.77 9.79
C GLN A 692 -19.14 8.38 9.50
N ASN A 693 -18.30 8.55 10.51
CA ASN A 693 -16.99 9.15 10.36
C ASN A 693 -15.87 8.12 10.37
N ASN A 694 -16.20 6.83 10.27
CA ASN A 694 -15.21 5.75 10.24
C ASN A 694 -14.28 5.80 11.45
N ARG A 695 -14.86 6.06 12.64
CA ARG A 695 -14.08 6.17 13.86
C ARG A 695 -14.03 4.81 14.56
N ILE A 696 -13.32 3.88 13.91
CA ILE A 696 -13.19 2.53 14.45
C ILE A 696 -12.40 2.55 15.76
N GLU A 697 -11.41 3.43 15.86
CA GLU A 697 -10.68 3.57 17.12
C GLU A 697 -11.58 4.08 18.23
N LEU A 698 -12.54 4.95 17.90
CA LEU A 698 -13.50 5.40 18.91
C LEU A 698 -14.53 4.33 19.21
N LEU A 699 -15.01 3.63 18.18
CA LEU A 699 -16.02 2.59 18.38
C LEU A 699 -15.47 1.39 19.14
N ASN A 700 -14.16 1.18 19.13
CA ASN A 700 -13.55 0.08 19.85
C ASN A 700 -13.17 0.45 21.27
N HIS A 701 -13.48 1.67 21.70
CA HIS A 701 -13.20 2.09 23.06
C HIS A 701 -14.00 1.22 24.05
N PRO A 702 -13.43 0.89 25.21
CA PRO A 702 -14.19 0.10 26.18
C PRO A 702 -15.51 0.72 26.60
N VAL A 703 -15.57 2.06 26.65
CA VAL A 703 -16.83 2.72 27.00
C VAL A 703 -17.88 2.46 25.94
N CYS A 704 -17.51 2.58 24.66
CA CYS A 704 -18.48 2.37 23.58
C CYS A 704 -18.86 0.89 23.46
N LYS A 705 -17.90 -0.01 23.68
CA LYS A 705 -18.20 -1.44 23.68
C LYS A 705 -19.17 -1.78 24.80
N GLU A 706 -18.96 -1.22 25.99
CA GLU A 706 -19.88 -1.46 27.09
C GLU A 706 -21.24 -0.82 26.85
N TYR A 707 -21.26 0.33 26.18
CA TYR A 707 -22.53 0.96 25.82
C TYR A 707 -23.34 0.07 24.89
N LEU A 708 -22.69 -0.46 23.86
CA LEU A 708 -23.38 -1.35 22.92
C LEU A 708 -23.82 -2.64 23.60
N LEU A 709 -22.98 -3.19 24.49
CA LEU A 709 -23.36 -4.39 25.22
C LEU A 709 -24.54 -4.13 26.15
N MET A 710 -24.56 -2.95 26.77
CA MET A 710 -25.70 -2.57 27.61
C MET A 710 -26.98 -2.48 26.80
N LYS A 711 -26.93 -1.85 25.62
CA LYS A 711 -28.12 -1.77 24.79
C LYS A 711 -28.57 -3.16 24.33
N TRP A 712 -27.60 -4.01 23.96
CA TRP A 712 -27.89 -5.39 23.62
C TRP A 712 -28.66 -6.07 24.73
N LEU A 713 -28.03 -6.22 25.91
CA LEU A 713 -28.62 -6.91 27.03
C LEU A 713 -29.87 -6.21 27.56
N ALA A 714 -30.10 -4.95 27.19
CA ALA A 714 -31.29 -4.25 27.64
C ALA A 714 -32.49 -4.60 26.78
N TYR A 715 -32.40 -4.38 25.48
CA TYR A 715 -33.53 -4.67 24.61
C TYR A 715 -33.19 -5.42 23.32
N GLY A 716 -31.95 -5.35 22.84
CA GLY A 716 -31.68 -5.85 21.49
C GLY A 716 -31.65 -7.36 21.43
N PHE A 717 -30.99 -7.99 22.40
CA PHE A 717 -30.98 -9.45 22.44
C PHE A 717 -32.38 -10.00 22.60
N ARG A 718 -33.18 -9.39 23.48
CA ARG A 718 -34.55 -9.85 23.69
C ARG A 718 -35.37 -9.71 22.42
N ALA A 719 -35.27 -8.57 21.74
CA ALA A 719 -36.07 -8.37 20.53
C ALA A 719 -35.68 -9.35 19.43
N HIS A 720 -34.37 -9.51 19.21
CA HIS A 720 -33.94 -10.44 18.18
C HIS A 720 -34.30 -11.88 18.53
N MET A 721 -34.25 -12.23 19.82
CA MET A 721 -34.58 -13.59 20.21
C MET A 721 -36.08 -13.85 20.06
N MET A 722 -36.92 -12.85 20.34
CA MET A 722 -38.35 -13.03 20.07
C MET A 722 -38.61 -13.20 18.59
N ASN A 723 -37.97 -12.40 17.74
CA ASN A 723 -38.14 -12.56 16.31
C ASN A 723 -37.67 -13.94 15.84
N LEU A 724 -36.50 -14.37 16.33
CA LEU A 724 -35.96 -15.66 15.94
C LEU A 724 -36.82 -16.82 16.43
N GLY A 725 -37.34 -16.72 17.65
CA GLY A 725 -38.23 -17.77 18.15
C GLY A 725 -39.53 -17.82 17.38
N SER A 726 -40.05 -16.66 16.98
CA SER A 726 -41.24 -16.64 16.14
C SER A 726 -40.99 -17.35 14.82
N TYR A 727 -39.83 -17.10 14.22
CA TYR A 727 -39.49 -17.82 12.98
C TYR A 727 -39.31 -19.31 13.22
N CYS A 728 -38.63 -19.67 14.31
CA CYS A 728 -38.34 -21.07 14.58
C CYS A 728 -39.60 -21.85 14.92
N LEU A 729 -40.64 -21.17 15.40
CA LEU A 729 -41.91 -21.84 15.68
C LEU A 729 -42.55 -22.43 14.43
N GLY A 730 -42.12 -21.99 13.24
CA GLY A 730 -42.54 -22.62 12.01
C GLY A 730 -41.41 -23.34 11.32
N LEU A 731 -40.18 -22.94 11.62
CA LEU A 731 -39.02 -23.59 11.00
C LEU A 731 -38.79 -24.99 11.54
N ILE A 732 -38.91 -25.17 12.85
CA ILE A 732 -38.62 -26.46 13.49
C ILE A 732 -39.72 -27.47 13.22
N PRO A 733 -41.01 -27.13 13.41
CA PRO A 733 -42.06 -28.11 13.08
C PRO A 733 -42.05 -28.57 11.64
N MET A 734 -41.72 -27.68 10.70
CA MET A 734 -41.64 -28.07 9.30
C MET A 734 -40.52 -29.08 9.06
N THR A 735 -39.36 -28.84 9.68
CA THR A 735 -38.25 -29.80 9.56
C THR A 735 -38.61 -31.13 10.21
N ILE A 736 -39.30 -31.09 11.35
CA ILE A 736 -39.75 -32.33 11.98
C ILE A 736 -40.71 -33.09 11.07
N LEU A 737 -41.62 -32.37 10.42
CA LEU A 737 -42.54 -33.02 9.49
C LEU A 737 -41.80 -33.65 8.32
N VAL A 738 -40.82 -32.93 7.76
CA VAL A 738 -40.13 -33.43 6.57
C VAL A 738 -39.34 -34.70 6.88
N VAL A 739 -38.66 -34.73 8.03
CA VAL A 739 -37.81 -35.88 8.37
C VAL A 739 -38.58 -37.02 9.02
N ASN A 740 -39.87 -36.85 9.30
CA ASN A 740 -40.66 -37.89 9.94
C ASN A 740 -41.71 -38.51 9.02
N ILE A 741 -42.09 -37.85 7.93
CA ILE A 741 -43.02 -38.38 6.96
C ILE A 741 -42.25 -38.67 5.68
N LYS A 742 -42.46 -39.85 5.12
CA LYS A 742 -41.81 -40.21 3.87
C LYS A 742 -42.24 -39.26 2.77
N PRO A 743 -41.31 -38.60 2.07
CA PRO A 743 -41.70 -37.67 1.02
C PRO A 743 -42.49 -38.36 -0.08
N GLY A 744 -43.45 -37.63 -0.64
CA GLY A 744 -44.33 -38.14 -1.66
C GLY A 744 -45.59 -38.79 -1.14
N MET A 745 -45.74 -38.93 0.18
CA MET A 745 -46.89 -39.58 0.78
C MET A 745 -47.83 -38.53 1.36
N ALA A 746 -49.12 -38.66 1.07
CA ALA A 746 -50.11 -37.74 1.62
C ALA A 746 -50.28 -37.97 3.11
N PHE A 747 -50.44 -36.87 3.85
CA PHE A 747 -50.65 -36.95 5.28
C PHE A 747 -51.59 -35.83 5.70
N ASN A 748 -52.26 -36.04 6.83
CA ASN A 748 -53.17 -35.05 7.41
C ASN A 748 -53.03 -35.13 8.92
N SER A 749 -54.00 -34.56 9.63
CA SER A 749 -53.95 -34.57 11.09
C SER A 749 -54.02 -35.99 11.63
N THR A 750 -54.83 -36.85 11.00
CA THR A 750 -54.98 -38.22 11.48
C THR A 750 -53.67 -38.99 11.38
N GLY A 751 -52.93 -38.82 10.30
CA GLY A 751 -51.66 -39.50 10.14
C GLY A 751 -51.25 -39.52 8.68
N ILE A 752 -50.43 -40.51 8.35
CA ILE A 752 -49.90 -40.68 7.00
C ILE A 752 -50.87 -41.58 6.23
N ILE A 753 -51.52 -41.02 5.22
CA ILE A 753 -52.48 -41.76 4.42
C ILE A 753 -51.76 -42.80 3.55
N LEU A 763 -54.21 -43.70 7.83
CA LEU A 763 -53.84 -45.10 7.62
C LEU A 763 -52.76 -45.53 8.60
N ASP A 764 -51.75 -44.69 8.78
CA ASP A 764 -50.64 -44.95 9.69
C ASP A 764 -50.75 -43.92 10.81
N THR A 765 -51.49 -44.27 11.85
CA THR A 765 -51.71 -43.38 12.99
C THR A 765 -50.81 -43.83 14.14
N THR A 766 -49.51 -43.57 13.98
CA THR A 766 -48.53 -43.89 15.01
C THR A 766 -47.90 -42.64 15.61
N ASN A 767 -47.38 -41.74 14.77
CA ASN A 767 -46.89 -40.44 15.21
C ASN A 767 -47.93 -39.34 15.02
N SER A 768 -49.21 -39.69 15.17
CA SER A 768 -50.29 -38.78 14.81
C SER A 768 -50.26 -37.50 15.63
N TYR A 769 -49.97 -37.61 16.93
CA TYR A 769 -49.95 -36.42 17.77
C TYR A 769 -48.85 -35.45 17.33
N LEU A 770 -47.64 -35.98 17.07
CA LEU A 770 -46.55 -35.13 16.63
C LEU A 770 -46.85 -34.50 15.28
N ILE A 771 -47.43 -35.28 14.35
CA ILE A 771 -47.74 -34.75 13.03
C ILE A 771 -48.77 -33.64 13.14
N LYS A 772 -49.83 -33.86 13.92
CA LYS A 772 -50.88 -32.84 14.07
C LYS A 772 -50.34 -31.59 14.74
N THR A 773 -49.53 -31.76 15.79
CA THR A 773 -48.96 -30.60 16.47
C THR A 773 -48.06 -29.80 15.53
N CYS A 774 -47.22 -30.48 14.76
CA CYS A 774 -46.34 -29.76 13.84
C CYS A 774 -47.11 -29.10 12.73
N MET A 775 -48.17 -29.74 12.22
CA MET A 775 -49.00 -29.13 11.20
C MET A 775 -49.68 -27.87 11.72
N ILE A 776 -50.24 -27.93 12.93
CA ILE A 776 -50.88 -26.76 13.53
C ILE A 776 -49.87 -25.65 13.74
N LEU A 777 -48.67 -26.00 14.24
CA LEU A 777 -47.64 -25.01 14.47
C LEU A 777 -47.21 -24.34 13.17
N VAL A 778 -47.05 -25.12 12.10
CA VAL A 778 -46.66 -24.55 10.82
C VAL A 778 -47.75 -23.63 10.29
N PHE A 779 -49.01 -24.04 10.39
CA PHE A 779 -50.11 -23.21 9.91
C PHE A 779 -50.18 -21.90 10.69
N LEU A 780 -50.10 -21.99 12.02
CA LEU A 780 -50.18 -20.79 12.85
C LEU A 780 -48.99 -19.87 12.61
N SER A 781 -47.80 -20.45 12.43
CA SER A 781 -46.62 -19.64 12.14
C SER A 781 -46.74 -18.96 10.79
N SER A 782 -47.31 -19.64 9.80
CA SER A 782 -47.51 -19.02 8.50
C SER A 782 -48.49 -17.85 8.59
N ILE A 783 -49.58 -18.02 9.34
CA ILE A 783 -50.55 -16.94 9.48
C ILE A 783 -49.94 -15.77 10.24
N PHE A 784 -49.19 -16.05 11.32
CA PHE A 784 -48.55 -14.98 12.07
C PHE A 784 -47.46 -14.31 11.25
N GLY A 785 -46.78 -15.05 10.38
CA GLY A 785 -45.82 -14.44 9.48
C GLY A 785 -46.47 -13.53 8.46
N TYR A 786 -47.63 -13.94 7.95
CA TYR A 786 -48.42 -13.05 7.10
C TYR A 786 -48.74 -11.75 7.84
N CYS A 787 -49.20 -11.88 9.09
CA CYS A 787 -49.53 -10.70 9.88
C CYS A 787 -48.30 -9.82 10.12
N LYS A 788 -47.16 -10.44 10.43
CA LYS A 788 -45.96 -9.69 10.76
C LYS A 788 -45.38 -8.99 9.53
N GLU A 789 -45.44 -9.65 8.37
CA GLU A 789 -44.94 -9.05 7.15
C GLU A 789 -45.87 -7.95 6.62
N ALA A 790 -47.19 -8.13 6.78
CA ALA A 790 -48.13 -7.10 6.37
C ALA A 790 -47.92 -5.82 7.17
N GLY A 791 -47.69 -5.94 8.48
CA GLY A 791 -47.46 -4.78 9.32
C GLY A 791 -46.01 -4.60 9.69
N MET A 802 -40.84 -3.64 -1.40
CA MET A 802 -40.49 -4.91 -0.76
C MET A 802 -39.15 -5.43 -1.28
N ASP A 803 -38.23 -5.70 -0.35
CA ASP A 803 -36.92 -6.22 -0.71
C ASP A 803 -37.03 -7.74 -0.91
N ILE A 804 -35.88 -8.40 -1.06
CA ILE A 804 -35.89 -9.84 -1.33
C ILE A 804 -36.30 -10.63 -0.09
N SER A 805 -36.07 -10.07 1.10
CA SER A 805 -36.48 -10.77 2.32
C SER A 805 -38.00 -10.89 2.39
N ASN A 806 -38.73 -9.85 1.97
CA ASN A 806 -40.18 -9.92 1.94
C ASN A 806 -40.65 -11.01 0.99
N VAL A 807 -40.05 -11.09 -0.20
CA VAL A 807 -40.41 -12.12 -1.16
C VAL A 807 -40.12 -13.50 -0.59
N LEU A 808 -38.96 -13.66 0.05
CA LEU A 808 -38.59 -14.95 0.63
C LEU A 808 -39.60 -15.37 1.69
N GLU A 809 -39.96 -14.46 2.59
CA GLU A 809 -40.91 -14.80 3.64
C GLU A 809 -42.29 -15.10 3.08
N TRP A 810 -42.72 -14.34 2.07
CA TRP A 810 -44.01 -14.62 1.45
C TRP A 810 -44.05 -15.98 0.81
N ILE A 811 -42.98 -16.34 0.08
CA ILE A 811 -42.89 -17.68 -0.51
C ILE A 811 -42.91 -18.73 0.58
N ILE A 812 -42.19 -18.50 1.68
CA ILE A 812 -42.11 -19.47 2.76
C ILE A 812 -43.51 -19.73 3.33
N TYR A 813 -44.24 -18.66 3.64
CA TYR A 813 -45.55 -18.84 4.27
C TYR A 813 -46.55 -19.45 3.30
N THR A 814 -46.54 -19.01 2.03
CA THR A 814 -47.46 -19.56 1.06
C THR A 814 -47.22 -21.05 0.83
N THR A 815 -45.95 -21.45 0.69
CA THR A 815 -45.65 -22.85 0.44
C THR A 815 -45.80 -23.70 1.69
N GLY A 816 -45.64 -23.11 2.88
CA GLY A 816 -45.87 -23.87 4.10
C GLY A 816 -47.34 -24.06 4.41
N ILE A 817 -48.19 -23.14 3.98
CA ILE A 817 -49.63 -23.33 4.14
C ILE A 817 -50.09 -24.52 3.32
N ILE A 818 -49.67 -24.60 2.06
CA ILE A 818 -50.09 -25.68 1.19
C ILE A 818 -49.52 -27.02 1.65
N PHE A 819 -48.34 -27.02 2.26
CA PHE A 819 -47.77 -28.26 2.78
C PHE A 819 -48.64 -28.85 3.88
N VAL A 820 -49.15 -28.01 4.77
CA VAL A 820 -50.02 -28.45 5.85
C VAL A 820 -51.49 -28.13 5.55
N LEU A 821 -51.82 -27.90 4.28
CA LEU A 821 -53.21 -27.66 3.90
C LEU A 821 -54.16 -28.79 4.27
N PRO A 822 -53.80 -30.09 4.14
CA PRO A 822 -54.75 -31.15 4.52
C PRO A 822 -55.22 -31.11 5.97
N LEU A 823 -54.74 -30.14 6.75
CA LEU A 823 -55.35 -29.85 8.04
C LEU A 823 -56.83 -29.52 7.89
N PHE A 824 -57.20 -28.84 6.80
CA PHE A 824 -58.58 -28.46 6.55
C PHE A 824 -59.13 -29.06 5.26
N VAL A 825 -58.44 -28.88 4.14
CA VAL A 825 -58.93 -29.31 2.83
C VAL A 825 -57.93 -30.28 2.22
N GLU A 826 -58.42 -31.42 1.74
CA GLU A 826 -57.56 -32.43 1.15
C GLU A 826 -56.95 -31.94 -0.16
N ILE A 827 -55.67 -32.22 -0.35
CA ILE A 827 -54.96 -31.89 -1.58
C ILE A 827 -54.14 -33.11 -2.00
N PRO A 828 -53.80 -33.21 -3.29
CA PRO A 828 -52.98 -34.33 -3.74
C PRO A 828 -51.60 -34.31 -3.10
N ALA A 829 -51.04 -35.50 -2.90
CA ALA A 829 -49.73 -35.62 -2.26
C ALA A 829 -48.64 -34.98 -3.11
N HIS A 830 -48.78 -35.02 -4.43
CA HIS A 830 -47.76 -34.44 -5.31
C HIS A 830 -47.62 -32.94 -5.06
N LEU A 831 -48.74 -32.21 -5.05
CA LEU A 831 -48.68 -30.78 -4.78
C LEU A 831 -48.22 -30.49 -3.36
N GLN A 832 -48.67 -31.31 -2.40
CA GLN A 832 -48.27 -31.14 -1.01
C GLN A 832 -46.76 -31.19 -0.86
N TRP A 833 -46.13 -32.23 -1.42
CA TRP A 833 -44.69 -32.37 -1.27
C TRP A 833 -43.91 -31.47 -2.23
N GLN A 834 -44.51 -31.07 -3.34
CA GLN A 834 -43.90 -30.06 -4.19
C GLN A 834 -43.77 -28.73 -3.45
N CYS A 835 -44.80 -28.36 -2.69
CA CYS A 835 -44.71 -27.16 -1.87
C CYS A 835 -43.84 -27.37 -0.64
N GLY A 836 -43.83 -28.59 -0.09
CA GLY A 836 -42.97 -28.88 1.06
C GLY A 836 -41.50 -28.78 0.74
N ALA A 837 -41.08 -29.24 -0.44
CA ALA A 837 -39.69 -29.09 -0.85
C ALA A 837 -39.30 -27.62 -0.93
N ILE A 838 -40.14 -26.80 -1.56
CA ILE A 838 -39.85 -25.38 -1.69
C ILE A 838 -39.78 -24.71 -0.33
N ALA A 839 -40.74 -25.03 0.55
CA ALA A 839 -40.80 -24.39 1.85
C ALA A 839 -39.63 -24.80 2.74
N VAL A 840 -39.26 -26.08 2.72
CA VAL A 840 -38.13 -26.52 3.55
C VAL A 840 -36.83 -25.97 2.99
N TYR A 841 -36.73 -25.78 1.68
CA TYR A 841 -35.53 -25.17 1.13
C TYR A 841 -35.41 -23.71 1.52
N PHE A 842 -36.49 -22.94 1.34
CA PHE A 842 -36.43 -21.50 1.60
C PHE A 842 -36.48 -21.17 3.09
N TYR A 843 -36.96 -22.09 3.92
CA TYR A 843 -36.98 -21.84 5.36
C TYR A 843 -35.56 -21.72 5.92
N TRP A 844 -34.65 -22.60 5.49
CA TRP A 844 -33.29 -22.58 5.98
C TRP A 844 -32.39 -21.61 5.23
N MET A 845 -32.78 -21.19 4.03
CA MET A 845 -32.04 -20.12 3.35
C MET A 845 -32.35 -18.77 3.97
N ASN A 846 -33.62 -18.53 4.31
CA ASN A 846 -34.00 -17.30 4.99
C ASN A 846 -33.58 -17.29 6.45
N PHE A 847 -33.30 -18.46 7.03
CA PHE A 847 -32.76 -18.53 8.37
C PHE A 847 -31.36 -17.92 8.45
N LEU A 848 -30.63 -17.91 7.32
CA LEU A 848 -29.34 -17.25 7.28
C LEU A 848 -29.47 -15.74 7.44
N LEU A 849 -30.63 -15.19 7.08
CA LEU A 849 -30.87 -13.75 7.28
C LEU A 849 -31.12 -13.41 8.73
N TYR A 850 -31.61 -14.35 9.53
CA TYR A 850 -31.73 -14.14 10.96
C TYR A 850 -30.39 -14.24 11.66
N LEU A 851 -29.46 -15.02 11.11
CA LEU A 851 -28.12 -15.16 11.68
C LEU A 851 -27.24 -13.96 11.40
N GLN A 852 -27.62 -13.10 10.47
CA GLN A 852 -26.83 -11.91 10.18
C GLN A 852 -26.81 -10.93 11.34
N ARG A 853 -27.72 -11.09 12.30
CA ARG A 853 -27.80 -10.23 13.48
C ARG A 853 -27.06 -10.82 14.67
N PHE A 854 -25.97 -11.52 14.42
CA PHE A 854 -25.10 -12.04 15.47
C PHE A 854 -23.66 -11.68 15.14
N GLU A 855 -22.85 -11.52 16.19
CA GLU A 855 -21.49 -11.04 16.01
C GLU A 855 -20.65 -11.99 15.17
N ASN A 856 -20.76 -13.29 15.44
CA ASN A 856 -19.91 -14.27 14.77
C ASN A 856 -20.38 -14.62 13.36
N CYS A 857 -21.61 -14.27 13.00
CA CYS A 857 -22.18 -14.70 11.73
C CYS A 857 -22.42 -13.56 10.74
N GLY A 858 -22.47 -12.31 11.18
CA GLY A 858 -22.88 -11.23 10.31
C GLY A 858 -21.93 -10.99 9.15
N ILE A 859 -20.63 -10.99 9.42
CA ILE A 859 -19.65 -10.69 8.39
C ILE A 859 -19.62 -11.80 7.33
N PHE A 860 -19.78 -13.05 7.76
CA PHE A 860 -19.83 -14.15 6.79
C PHE A 860 -21.04 -14.01 5.86
N ILE A 861 -22.19 -13.62 6.41
CA ILE A 861 -23.36 -13.41 5.56
C ILE A 861 -23.16 -12.23 4.63
N VAL A 862 -22.48 -11.18 5.10
CA VAL A 862 -22.16 -10.05 4.24
C VAL A 862 -21.29 -10.49 3.07
N MET A 863 -20.27 -11.29 3.37
CA MET A 863 -19.38 -11.79 2.31
C MET A 863 -20.15 -12.68 1.33
N LEU A 864 -21.02 -13.55 1.84
CA LEU A 864 -21.80 -14.40 0.97
C LEU A 864 -22.69 -13.58 0.05
N GLU A 865 -23.32 -12.53 0.58
CA GLU A 865 -24.15 -11.66 -0.25
C GLU A 865 -23.32 -10.96 -1.32
N VAL A 866 -22.12 -10.48 -0.95
CA VAL A 866 -21.27 -9.80 -1.92
C VAL A 866 -20.86 -10.74 -3.04
N ILE A 867 -20.44 -11.96 -2.68
CA ILE A 867 -20.01 -12.92 -3.69
C ILE A 867 -21.18 -13.31 -4.59
N LEU A 868 -22.35 -13.54 -4.00
CA LEU A 868 -23.51 -13.93 -4.79
C LEU A 868 -23.94 -12.81 -5.74
N LYS A 869 -23.92 -11.56 -5.27
CA LYS A 869 -24.29 -10.45 -6.12
C LYS A 869 -23.29 -10.28 -7.27
N THR A 870 -21.99 -10.43 -6.98
CA THR A 870 -21.00 -10.36 -8.05
C THR A 870 -21.20 -11.47 -9.07
N LEU A 871 -21.52 -12.67 -8.61
CA LEU A 871 -21.77 -13.77 -9.54
C LEU A 871 -23.02 -13.52 -10.38
N LEU A 872 -24.08 -13.00 -9.77
CA LEU A 872 -25.32 -12.77 -10.50
C LEU A 872 -25.19 -11.63 -11.49
N ARG A 873 -24.39 -10.61 -11.19
CA ARG A 873 -24.15 -9.56 -12.16
C ARG A 873 -23.30 -10.05 -13.32
N SER A 874 -22.50 -11.08 -13.11
CA SER A 874 -21.65 -11.63 -14.15
C SER A 874 -22.30 -12.77 -14.93
N THR A 875 -23.36 -13.36 -14.40
CA THR A 875 -24.01 -14.49 -15.08
C THR A 875 -24.84 -14.04 -16.27
N VAL A 876 -25.27 -12.78 -16.30
CA VAL A 876 -25.97 -12.26 -17.47
C VAL A 876 -25.05 -12.08 -18.66
N VAL A 877 -23.75 -12.21 -18.45
CA VAL A 877 -22.76 -12.09 -19.51
C VAL A 877 -22.27 -13.46 -19.97
N PHE A 878 -21.90 -14.33 -19.02
CA PHE A 878 -21.32 -15.62 -19.37
C PHE A 878 -22.38 -16.69 -19.66
N ILE A 879 -23.66 -16.35 -19.56
CA ILE A 879 -24.70 -17.28 -20.00
C ILE A 879 -24.63 -17.49 -21.50
N PHE A 880 -24.19 -16.48 -22.26
CA PHE A 880 -24.05 -16.61 -23.70
C PHE A 880 -22.84 -17.45 -24.10
N LEU A 881 -21.79 -17.45 -23.27
CA LEU A 881 -20.71 -18.41 -23.44
C LEU A 881 -21.22 -19.83 -23.30
N LEU A 882 -21.95 -20.09 -22.21
CA LEU A 882 -22.55 -21.40 -22.00
C LEU A 882 -23.55 -21.72 -23.09
N LEU A 883 -24.29 -20.71 -23.58
CA LEU A 883 -25.22 -20.93 -24.67
C LEU A 883 -24.50 -21.37 -25.93
N ALA A 884 -23.39 -20.70 -26.27
CA ALA A 884 -22.61 -21.08 -27.44
C ALA A 884 -22.11 -22.50 -27.33
N PHE A 885 -21.46 -22.84 -26.22
CA PHE A 885 -20.90 -24.17 -26.07
C PHE A 885 -21.99 -25.23 -26.01
N GLY A 886 -23.12 -24.93 -25.35
CA GLY A 886 -24.20 -25.89 -25.26
C GLY A 886 -24.85 -26.18 -26.59
N LEU A 887 -25.09 -25.15 -27.40
CA LEU A 887 -25.69 -25.39 -28.72
C LEU A 887 -24.72 -26.11 -29.64
N SER A 888 -23.43 -25.75 -29.59
CA SER A 888 -22.45 -26.46 -30.40
C SER A 888 -22.33 -27.92 -29.99
N PHE A 889 -22.31 -28.21 -28.68
CA PHE A 889 -22.29 -29.59 -28.21
C PHE A 889 -23.57 -30.32 -28.57
N TYR A 890 -24.70 -29.61 -28.59
CA TYR A 890 -25.95 -30.20 -29.04
C TYR A 890 -25.86 -30.67 -30.48
N ILE A 891 -25.27 -29.85 -31.35
CA ILE A 891 -25.09 -30.27 -32.74
C ILE A 891 -24.07 -31.42 -32.83
N LEU A 892 -22.94 -31.28 -32.15
CA LEU A 892 -21.84 -32.23 -32.33
C LEU A 892 -22.12 -33.56 -31.64
N LEU A 893 -22.65 -33.53 -30.42
CA LEU A 893 -22.86 -34.73 -29.62
C LEU A 893 -24.33 -35.09 -29.53
N ASN A 894 -25.07 -34.89 -30.62
CA ASN A 894 -26.52 -35.04 -30.59
C ASN A 894 -26.93 -36.48 -30.28
N LEU A 895 -26.18 -37.46 -30.78
CA LEU A 895 -26.57 -38.86 -30.64
C LEU A 895 -26.47 -39.37 -29.22
N GLN A 896 -25.87 -38.61 -28.31
CA GLN A 896 -25.74 -38.99 -26.91
C GLN A 896 -26.87 -38.38 -26.09
N ASP A 897 -27.30 -39.14 -25.07
CA ASP A 897 -28.39 -38.71 -24.22
C ASP A 897 -28.16 -37.37 -23.52
N PRO A 898 -26.99 -37.06 -22.97
CA PRO A 898 -26.81 -35.76 -22.32
C PRO A 898 -26.97 -34.57 -23.25
N PHE A 899 -26.84 -34.75 -24.55
CA PHE A 899 -26.92 -33.67 -25.52
C PHE A 899 -28.04 -33.89 -26.53
N SER A 900 -29.07 -34.63 -26.14
CA SER A 900 -30.16 -34.97 -27.05
C SER A 900 -31.12 -33.81 -27.29
N SER A 901 -31.16 -32.83 -26.40
CA SER A 901 -32.01 -31.66 -26.54
C SER A 901 -31.19 -30.40 -26.34
N PRO A 902 -31.60 -29.28 -26.93
CA PRO A 902 -30.89 -28.01 -26.65
C PRO A 902 -30.87 -27.66 -25.17
N LEU A 903 -31.99 -27.84 -24.47
CA LEU A 903 -32.04 -27.50 -23.06
C LEU A 903 -31.20 -28.46 -22.22
N LEU A 904 -31.29 -29.75 -22.52
CA LEU A 904 -30.45 -30.73 -21.83
C LEU A 904 -28.98 -30.48 -22.10
N SER A 905 -28.64 -30.12 -23.33
CA SER A 905 -27.25 -29.81 -23.66
C SER A 905 -26.76 -28.57 -22.92
N ILE A 906 -27.61 -27.56 -22.76
CA ILE A 906 -27.21 -26.36 -22.04
C ILE A 906 -27.04 -26.67 -20.55
N ILE A 907 -27.93 -27.49 -19.98
CA ILE A 907 -27.77 -27.88 -18.58
C ILE A 907 -26.52 -28.71 -18.38
N GLN A 908 -26.22 -29.60 -19.33
CA GLN A 908 -24.99 -30.40 -19.25
C GLN A 908 -23.75 -29.54 -19.34
N THR A 909 -23.75 -28.55 -20.24
CA THR A 909 -22.60 -27.66 -20.37
C THR A 909 -22.39 -26.86 -19.09
N PHE A 910 -23.48 -26.50 -18.43
CA PHE A 910 -23.39 -25.82 -17.13
C PHE A 910 -22.78 -26.71 -16.07
N SER A 911 -23.02 -28.03 -16.15
CA SER A 911 -22.48 -28.97 -15.18
C SER A 911 -21.00 -29.26 -15.42
N MET A 912 -20.55 -29.20 -16.68
CA MET A 912 -19.14 -29.39 -16.99
C MET A 912 -18.29 -28.19 -16.57
N MET A 913 -18.91 -27.10 -16.15
CA MET A 913 -18.18 -25.86 -15.89
C MET A 913 -17.28 -25.94 -14.68
N LEU A 914 -17.48 -26.92 -13.80
CA LEU A 914 -16.61 -27.12 -12.64
C LEU A 914 -15.49 -28.10 -12.89
N GLY A 915 -15.47 -28.76 -14.04
CA GLY A 915 -14.45 -29.75 -14.37
C GLY A 915 -14.98 -31.13 -14.67
N ASP A 916 -16.28 -31.39 -14.50
CA ASP A 916 -16.86 -32.70 -14.82
C ASP A 916 -17.22 -32.71 -16.31
N ILE A 917 -16.17 -32.84 -17.13
CA ILE A 917 -16.33 -32.73 -18.57
C ILE A 917 -16.80 -34.05 -19.19
N ASN A 918 -16.55 -35.17 -18.51
CA ASN A 918 -16.94 -36.50 -19.01
C ASN A 918 -16.23 -36.82 -20.32
N TYR A 919 -14.90 -36.67 -20.32
CA TYR A 919 -14.13 -36.83 -21.54
C TYR A 919 -14.21 -38.25 -22.06
N ARG A 920 -14.09 -39.25 -21.19
CA ARG A 920 -14.07 -40.62 -21.65
C ARG A 920 -15.44 -41.08 -22.12
N GLU A 921 -16.48 -40.77 -21.35
CA GLU A 921 -17.82 -41.23 -21.70
C GLU A 921 -18.39 -40.51 -22.91
N SER A 922 -18.00 -39.26 -23.12
CA SER A 922 -18.60 -38.44 -24.17
C SER A 922 -17.72 -38.21 -25.38
N PHE A 923 -16.40 -38.32 -25.25
CA PHE A 923 -15.50 -38.01 -26.35
C PHE A 923 -14.63 -39.19 -26.75
N LEU A 924 -13.96 -39.85 -25.80
CA LEU A 924 -12.99 -40.87 -26.15
C LEU A 924 -13.65 -42.18 -26.54
N GLU A 925 -14.53 -42.69 -25.67
CA GLU A 925 -15.22 -43.95 -25.97
C GLU A 925 -16.13 -43.85 -27.19
N PRO A 926 -16.95 -42.80 -27.37
CA PRO A 926 -17.69 -42.69 -28.64
C PRO A 926 -16.79 -42.62 -29.86
N TYR A 927 -15.65 -41.95 -29.75
CA TYR A 927 -14.75 -41.82 -30.90
C TYR A 927 -14.11 -43.16 -31.26
N LEU A 928 -13.69 -43.92 -30.26
CA LEU A 928 -13.10 -45.22 -30.53
C LEU A 928 -14.14 -46.22 -31.04
N ARG A 929 -15.42 -45.95 -30.82
CA ARG A 929 -16.51 -46.75 -31.39
C ARG A 929 -17.00 -46.21 -32.72
N ASN A 930 -16.35 -45.17 -33.26
CA ASN A 930 -16.75 -44.54 -34.51
C ASN A 930 -18.17 -44.01 -34.46
N GLU A 931 -18.62 -43.57 -33.28
CA GLU A 931 -19.95 -43.03 -33.09
C GLU A 931 -19.94 -41.52 -32.95
N LEU A 932 -18.80 -40.88 -33.19
CA LEU A 932 -18.66 -39.43 -33.07
C LEU A 932 -18.72 -38.83 -34.47
N ALA A 933 -19.87 -38.30 -34.84
CA ALA A 933 -19.94 -37.44 -36.03
C ALA A 933 -19.17 -36.17 -35.76
N HIS A 934 -18.38 -35.74 -36.75
CA HIS A 934 -17.44 -34.64 -36.59
C HIS A 934 -16.51 -34.89 -35.42
N PRO A 935 -15.61 -35.88 -35.51
CA PRO A 935 -14.72 -36.14 -34.36
C PRO A 935 -13.66 -35.08 -34.16
N VAL A 936 -13.05 -34.58 -35.23
CA VAL A 936 -12.06 -33.51 -35.10
C VAL A 936 -12.71 -32.26 -34.53
N LEU A 937 -13.90 -31.93 -35.03
CA LEU A 937 -14.63 -30.77 -34.49
C LEU A 937 -14.99 -30.97 -33.03
N SER A 938 -15.41 -32.18 -32.66
CA SER A 938 -15.76 -32.46 -31.27
C SER A 938 -14.55 -32.31 -30.35
N PHE A 939 -13.40 -32.81 -30.76
CA PHE A 939 -12.21 -32.69 -29.91
C PHE A 939 -11.71 -31.26 -29.84
N ALA A 940 -11.78 -30.52 -30.96
CA ALA A 940 -11.39 -29.12 -30.94
C ALA A 940 -12.29 -28.32 -30.01
N GLN A 941 -13.60 -28.57 -30.06
CA GLN A 941 -14.50 -27.86 -29.17
C GLN A 941 -14.34 -28.31 -27.72
N LEU A 942 -13.98 -29.57 -27.48
CA LEU A 942 -13.68 -30.02 -26.13
C LEU A 942 -12.49 -29.26 -25.56
N VAL A 943 -11.43 -29.11 -26.35
CA VAL A 943 -10.25 -28.38 -25.90
C VAL A 943 -10.59 -26.91 -25.67
N SER A 944 -11.35 -26.30 -26.59
CA SER A 944 -11.70 -24.90 -26.43
C SER A 944 -12.60 -24.69 -25.21
N PHE A 945 -13.53 -25.61 -24.95
CA PHE A 945 -14.36 -25.51 -23.76
C PHE A 945 -13.53 -25.59 -22.50
N THR A 946 -12.62 -26.58 -22.44
CA THR A 946 -11.78 -26.74 -21.27
C THR A 946 -10.95 -25.49 -21.03
N ILE A 947 -10.42 -24.89 -22.09
CA ILE A 947 -9.66 -23.66 -21.95
C ILE A 947 -10.57 -22.53 -21.45
N PHE A 948 -11.78 -22.43 -21.97
CA PHE A 948 -12.62 -21.27 -21.71
C PHE A 948 -13.34 -21.36 -20.36
N VAL A 949 -14.18 -22.36 -20.17
CA VAL A 949 -15.09 -22.35 -19.01
C VAL A 949 -14.44 -22.85 -17.73
N PRO A 950 -13.94 -24.09 -17.65
CA PRO A 950 -13.39 -24.56 -16.36
C PRO A 950 -12.10 -23.88 -15.95
N ILE A 951 -11.44 -23.16 -16.84
CA ILE A 951 -10.19 -22.48 -16.52
C ILE A 951 -10.37 -20.96 -16.52
N VAL A 952 -10.68 -20.37 -17.67
CA VAL A 952 -10.72 -18.91 -17.76
C VAL A 952 -11.89 -18.36 -16.96
N LEU A 953 -13.08 -18.93 -17.14
CA LEU A 953 -14.25 -18.44 -16.44
C LEU A 953 -14.17 -18.70 -14.94
N MET A 954 -13.77 -19.91 -14.55
CA MET A 954 -13.67 -20.23 -13.13
C MET A 954 -12.59 -19.40 -12.45
N ASN A 955 -11.46 -19.18 -13.11
CA ASN A 955 -10.41 -18.35 -12.52
C ASN A 955 -10.84 -16.89 -12.46
N LEU A 956 -11.60 -16.42 -13.44
CA LEU A 956 -12.19 -15.08 -13.37
C LEU A 956 -13.07 -14.94 -12.14
N LEU A 957 -13.94 -15.92 -11.92
CA LEU A 957 -14.82 -15.88 -10.75
C LEU A 957 -14.02 -15.95 -9.46
N ILE A 958 -12.97 -16.78 -9.42
CA ILE A 958 -12.14 -16.91 -8.23
C ILE A 958 -11.43 -15.60 -7.91
N GLY A 959 -10.87 -14.94 -8.93
CA GLY A 959 -10.22 -13.66 -8.70
C GLY A 959 -11.18 -12.59 -8.25
N LEU A 960 -12.38 -12.56 -8.85
CA LEU A 960 -13.41 -11.62 -8.41
C LEU A 960 -13.77 -11.86 -6.94
N ALA A 961 -13.93 -13.13 -6.55
CA ALA A 961 -14.24 -13.46 -5.18
C ALA A 961 -13.12 -13.06 -4.23
N VAL A 962 -11.88 -13.29 -4.63
CA VAL A 962 -10.74 -12.92 -3.79
C VAL A 962 -10.73 -11.41 -3.55
N GLY A 963 -10.95 -10.63 -4.61
CA GLY A 963 -11.03 -9.19 -4.45
C GLY A 963 -12.17 -8.75 -3.56
N ASP A 964 -13.35 -9.36 -3.74
CA ASP A 964 -14.50 -9.01 -2.90
C ASP A 964 -14.24 -9.31 -1.43
N ILE A 965 -13.69 -10.49 -1.14
CA ILE A 965 -13.42 -10.85 0.24
C ILE A 965 -12.38 -9.92 0.84
N ALA A 966 -11.37 -9.56 0.07
CA ALA A 966 -10.36 -8.62 0.57
C ALA A 966 -10.99 -7.26 0.89
N GLU A 967 -11.87 -6.77 0.02
CA GLU A 967 -12.52 -5.49 0.27
C GLU A 967 -13.40 -5.55 1.52
N VAL A 968 -14.05 -6.69 1.75
CA VAL A 968 -14.88 -6.82 2.95
C VAL A 968 -14.00 -6.87 4.21
N GLN A 969 -12.94 -7.67 4.17
CA GLN A 969 -12.05 -7.77 5.33
C GLN A 969 -11.33 -6.48 5.63
N LYS A 970 -11.20 -5.58 4.64
CA LYS A 970 -10.59 -4.29 4.90
C LYS A 970 -11.33 -3.54 6.01
N HIS A 971 -12.65 -3.60 6.01
CA HIS A 971 -13.48 -2.88 6.98
C HIS A 971 -14.42 -3.80 7.74
N ALA A 972 -14.02 -5.07 7.92
CA ALA A 972 -14.83 -6.03 8.66
C ALA A 972 -15.24 -5.52 10.04
N SER A 973 -14.29 -5.00 10.81
CA SER A 973 -14.60 -4.58 12.18
C SER A 973 -15.55 -3.39 12.20
N LEU A 974 -15.31 -2.41 11.35
CA LEU A 974 -16.20 -1.27 11.24
C LEU A 974 -17.59 -1.71 10.80
N LYS A 975 -17.66 -2.65 9.86
CA LYS A 975 -18.95 -3.14 9.39
C LYS A 975 -19.70 -3.89 10.48
N ARG A 976 -18.98 -4.66 11.30
CA ARG A 976 -19.62 -5.37 12.41
C ARG A 976 -20.21 -4.40 13.43
N ILE A 977 -19.39 -3.43 13.86
CA ILE A 977 -19.89 -2.47 14.83
C ILE A 977 -21.01 -1.62 14.23
N ALA A 978 -20.92 -1.29 12.94
CA ALA A 978 -21.99 -0.56 12.28
C ALA A 978 -23.27 -1.36 12.21
N MET A 979 -23.17 -2.68 11.99
CA MET A 979 -24.37 -3.52 12.01
C MET A 979 -25.02 -3.51 13.38
N GLN A 980 -24.22 -3.62 14.45
CA GLN A 980 -24.79 -3.57 15.79
C GLN A 980 -25.45 -2.22 16.06
N VAL A 981 -24.77 -1.14 15.69
CA VAL A 981 -25.30 0.21 15.90
C VAL A 981 -26.59 0.40 15.13
N GLU A 982 -26.63 -0.06 13.88
CA GLU A 982 -27.84 0.08 13.06
C GLU A 982 -28.99 -0.74 13.63
N LEU A 983 -28.70 -1.97 14.09
CA LEU A 983 -29.74 -2.79 14.68
C LEU A 983 -30.37 -2.10 15.87
N HIS A 984 -29.54 -1.60 16.78
CA HIS A 984 -30.09 -0.97 17.98
C HIS A 984 -30.75 0.37 17.68
N THR A 985 -30.21 1.13 16.73
CA THR A 985 -30.84 2.39 16.34
C THR A 985 -32.22 2.16 15.75
N SER A 986 -32.35 1.18 14.86
CA SER A 986 -33.64 0.88 14.27
C SER A 986 -34.60 0.34 15.31
N LEU A 987 -34.10 -0.46 16.27
CA LEU A 987 -34.95 -0.96 17.33
C LEU A 987 -35.49 0.17 18.19
N GLU A 988 -34.64 1.15 18.53
CA GLU A 988 -35.08 2.25 19.39
C GLU A 988 -36.09 3.17 18.70
N LYS A 989 -36.07 3.26 17.38
CA LYS A 989 -37.03 4.09 16.68
C LYS A 989 -38.44 3.51 16.69
N LYS A 990 -38.59 2.24 17.09
CA LYS A 990 -39.89 1.58 17.13
C LYS A 990 -40.39 1.30 18.53
N LEU A 991 -39.52 1.31 19.52
CA LEU A 991 -39.90 1.00 20.88
C LEU A 991 -40.54 2.20 21.56
N PRO A 992 -41.47 1.99 22.49
CA PRO A 992 -42.08 3.11 23.21
C PRO A 992 -41.08 3.82 24.11
N LEU A 993 -41.33 5.11 24.31
CA LEU A 993 -40.41 5.92 25.10
C LEU A 993 -40.39 5.49 26.56
N TRP A 994 -41.54 5.07 27.10
CA TRP A 994 -41.58 4.63 28.49
C TRP A 994 -40.72 3.39 28.69
N PHE A 995 -40.78 2.43 27.76
CA PHE A 995 -39.95 1.24 27.87
C PHE A 995 -38.47 1.58 27.76
N LEU A 996 -38.11 2.44 26.81
CA LEU A 996 -36.72 2.83 26.65
C LEU A 996 -36.19 3.51 27.90
N ARG A 997 -36.99 4.39 28.49
CA ARG A 997 -36.59 5.01 29.76
C ARG A 997 -36.48 3.98 30.87
N LYS A 998 -37.34 2.96 30.85
CA LYS A 998 -37.27 1.91 31.86
C LYS A 998 -35.97 1.12 31.77
N VAL A 999 -35.53 0.80 30.54
CA VAL A 999 -34.41 -0.12 30.36
C VAL A 999 -33.08 0.61 30.12
N ASP A 1000 -33.09 1.93 29.98
CA ASP A 1000 -31.87 2.66 29.67
C ASP A 1000 -31.01 2.82 30.91
N GLN A 1001 -29.79 2.29 30.86
CA GLN A 1001 -28.81 2.48 31.92
C GLN A 1001 -27.91 3.66 31.59
N LYS A 1002 -27.59 4.45 32.61
CA LYS A 1002 -26.69 5.58 32.45
C LYS A 1002 -25.24 5.23 32.76
N SER A 1003 -25.00 4.11 33.42
CA SER A 1003 -23.64 3.66 33.74
C SER A 1003 -23.68 2.16 33.95
N THR A 1004 -22.51 1.54 33.83
CA THR A 1004 -22.38 0.10 33.98
C THR A 1004 -21.15 -0.21 34.84
N ILE A 1005 -21.33 -1.09 35.82
CA ILE A 1005 -20.26 -1.50 36.72
C ILE A 1005 -19.83 -2.92 36.36
N VAL A 1006 -18.53 -3.12 36.18
CA VAL A 1006 -17.96 -4.39 35.77
C VAL A 1006 -16.98 -4.85 36.84
N TYR A 1007 -17.06 -6.14 37.20
CA TYR A 1007 -16.30 -6.77 38.28
C TYR A 1007 -16.61 -6.11 39.62
N PRO A 1008 -17.87 -6.18 40.09
CA PRO A 1008 -18.25 -5.48 41.32
C PRO A 1008 -17.53 -6.02 42.56
N SER A 1040 -0.13 5.81 10.45
CA SER A 1040 -1.05 6.87 10.05
C SER A 1040 -0.31 7.95 9.25
N LEU A 1041 -0.02 7.64 7.99
CA LEU A 1041 0.73 8.58 7.15
C LEU A 1041 -0.08 9.84 6.87
N GLU A 1042 -1.38 9.69 6.59
CA GLU A 1042 -2.20 10.84 6.20
C GLU A 1042 -2.32 11.84 7.35
N MET A 1043 -2.55 11.35 8.57
CA MET A 1043 -2.71 12.24 9.71
C MET A 1043 -1.42 13.02 9.98
N GLU A 1044 -0.28 12.32 9.95
CA GLU A 1044 1.00 12.98 10.15
C GLU A 1044 1.28 13.99 9.06
N ILE A 1045 0.95 13.66 7.82
CA ILE A 1045 1.18 14.58 6.70
C ILE A 1045 0.34 15.84 6.86
N LEU A 1046 -0.93 15.68 7.25
CA LEU A 1046 -1.78 16.86 7.44
C LEU A 1046 -1.30 17.72 8.60
N LYS A 1047 -0.87 17.09 9.70
CA LYS A 1047 -0.32 17.86 10.82
C LYS A 1047 0.95 18.61 10.40
N GLN A 1048 1.80 17.96 9.61
CA GLN A 1048 3.00 18.63 9.11
C GLN A 1048 2.65 19.78 8.18
N LYS A 1049 1.60 19.63 7.38
CA LYS A 1049 1.16 20.73 6.52
C LYS A 1049 0.68 21.92 7.35
N TYR A 1050 -0.06 21.64 8.44
CA TYR A 1050 -0.48 22.72 9.33
C TYR A 1050 0.72 23.41 9.97
N ARG A 1051 1.71 22.63 10.40
CA ARG A 1051 2.92 23.20 10.98
C ARG A 1051 3.65 24.07 9.97
N LEU A 1052 3.74 23.61 8.72
CA LEU A 1052 4.41 24.38 7.68
C LEU A 1052 3.67 25.68 7.39
N LYS A 1053 2.33 25.64 7.39
CA LYS A 1053 1.56 26.87 7.18
C LYS A 1053 1.82 27.87 8.31
N ASP A 1054 1.84 27.39 9.55
CA ASP A 1054 2.12 28.29 10.67
C ASP A 1054 3.53 28.87 10.57
N LEU A 1055 4.50 28.02 10.17
CA LEU A 1055 5.86 28.50 10.00
C LEU A 1055 5.95 29.56 8.91
N THR A 1056 5.23 29.36 7.82
CA THR A 1056 5.22 30.35 6.75
C THR A 1056 4.65 31.68 7.22
N PHE A 1057 3.56 31.62 7.99
CA PHE A 1057 2.97 32.85 8.54
C PHE A 1057 3.96 33.59 9.44
N LEU A 1058 4.62 32.85 10.33
CA LEU A 1058 5.57 33.47 11.25
C LEU A 1058 6.75 34.06 10.48
N LEU A 1059 7.24 33.36 9.47
CA LEU A 1059 8.38 33.86 8.69
C LEU A 1059 8.01 35.11 7.90
N GLU A 1060 6.78 35.18 7.38
CA GLU A 1060 6.35 36.41 6.71
C GLU A 1060 6.28 37.58 7.68
N LYS A 1061 5.78 37.34 8.89
CA LYS A 1061 5.78 38.40 9.89
C LYS A 1061 7.21 38.86 10.22
N GLN A 1062 8.12 37.90 10.37
CA GLN A 1062 9.52 38.21 10.62
C GLN A 1062 10.14 39.02 9.49
N HIS A 1063 9.82 38.65 8.25
CA HIS A 1063 10.35 39.37 7.09
C HIS A 1063 9.87 40.82 7.08
N GLU A 1064 8.58 41.04 7.38
CA GLU A 1064 8.08 42.41 7.46
C GLU A 1064 8.78 43.19 8.57
N LEU A 1065 9.01 42.54 9.71
CA LEU A 1065 9.70 43.21 10.81
C LEU A 1065 11.13 43.60 10.43
N ILE A 1066 11.84 42.72 9.73
CA ILE A 1066 13.21 43.02 9.34
C ILE A 1066 13.24 44.15 8.30
N LYS A 1067 12.27 44.16 7.38
CA LYS A 1067 12.15 45.27 6.46
C LYS A 1067 11.91 46.58 7.19
N LEU A 1068 11.08 46.55 8.24
CA LEU A 1068 10.86 47.75 9.04
C LEU A 1068 12.14 48.19 9.75
N ILE A 1069 12.92 47.23 10.25
CA ILE A 1069 14.20 47.56 10.88
C ILE A 1069 15.09 48.31 9.89
N ILE A 1070 15.20 47.79 8.67
CA ILE A 1070 16.00 48.47 7.65
C ILE A 1070 15.43 49.85 7.36
N GLN A 1071 14.10 49.99 7.37
CA GLN A 1071 13.48 51.28 7.13
C GLN A 1071 13.88 52.31 8.18
N LYS A 1072 13.90 51.90 9.46
CA LYS A 1072 14.08 52.84 10.55
C LYS A 1072 15.51 52.92 11.08
N MET A 1073 16.43 52.12 10.55
CA MET A 1073 17.77 52.05 11.13
C MET A 1073 18.58 53.30 10.81
N GLU A 1074 19.55 53.58 11.68
CA GLU A 1074 20.47 54.70 11.51
C GLU A 1074 21.68 54.23 10.72
N ILE A 1075 21.96 54.90 9.61
CA ILE A 1075 23.10 54.59 8.75
C ILE A 1075 23.94 55.86 8.64
N ILE A 1076 25.08 55.87 9.29
CA ILE A 1076 25.93 57.06 9.33
C ILE A 1076 27.32 56.72 8.82
N SER A 1077 28.02 55.83 9.52
CA SER A 1077 29.39 55.49 9.15
C SER A 1077 29.45 54.63 7.90
N GLU A 1078 28.37 53.92 7.58
CA GLU A 1078 28.35 52.98 6.45
C GLU A 1078 27.44 53.47 5.33
N THR A 1079 27.26 54.78 5.22
CA THR A 1079 26.46 55.36 4.16
C THR A 1079 27.08 55.12 2.79
N LYS B 448 21.81 47.09 37.98
CA LYS B 448 21.13 45.81 38.06
C LYS B 448 20.51 45.43 36.72
N SER B 449 19.47 46.18 36.33
CA SER B 449 18.84 45.94 35.04
C SER B 449 19.78 46.12 33.86
N PRO B 450 20.58 47.20 33.76
CA PRO B 450 21.52 47.29 32.63
C PRO B 450 22.55 46.18 32.62
N LEU B 451 23.10 45.82 33.78
CA LEU B 451 24.09 44.74 33.83
C LEU B 451 23.47 43.41 33.44
N HIS B 452 22.24 43.15 33.91
CA HIS B 452 21.56 41.91 33.54
C HIS B 452 21.29 41.87 32.04
N PHE B 453 20.85 42.99 31.46
CA PHE B 453 20.61 43.03 30.02
C PHE B 453 21.89 42.79 29.23
N ALA B 454 22.97 43.46 29.63
CA ALA B 454 24.24 43.32 28.92
C ALA B 454 24.78 41.90 29.03
N ALA B 455 24.69 41.29 30.21
CA ALA B 455 25.12 39.90 30.36
C ALA B 455 24.24 38.96 29.54
N SER B 456 22.94 39.20 29.54
CA SER B 456 22.02 38.32 28.83
C SER B 456 22.21 38.39 27.33
N TYR B 457 22.63 39.53 26.79
CA TYR B 457 22.75 39.67 25.34
C TYR B 457 24.18 39.82 24.86
N GLY B 458 25.17 39.58 25.73
CA GLY B 458 26.54 39.46 25.29
C GLY B 458 27.25 40.76 24.98
N ARG B 459 26.70 41.89 25.41
CA ARG B 459 27.32 43.19 25.19
C ARG B 459 28.46 43.34 26.20
N ILE B 460 29.64 42.84 25.81
CA ILE B 460 30.76 42.73 26.74
C ILE B 460 31.34 44.09 27.09
N ASN B 461 31.33 45.05 26.16
CA ASN B 461 31.88 46.36 26.44
C ASN B 461 31.06 47.08 27.51
N THR B 462 29.74 46.90 27.49
CA THR B 462 28.90 47.43 28.55
C THR B 462 29.21 46.75 29.88
N CYS B 463 29.46 45.44 29.85
CA CYS B 463 29.79 44.71 31.07
C CYS B 463 31.10 45.20 31.67
N GLN B 464 32.10 45.46 30.82
CA GLN B 464 33.37 45.99 31.31
C GLN B 464 33.20 47.35 31.97
N ARG B 465 32.37 48.21 31.37
CA ARG B 465 32.18 49.55 31.91
C ARG B 465 31.35 49.53 33.18
N LEU B 466 30.42 48.58 33.31
CA LEU B 466 29.58 48.51 34.49
C LEU B 466 30.27 47.84 35.68
N LEU B 467 31.43 47.24 35.47
CA LEU B 467 32.15 46.57 36.54
C LEU B 467 33.54 47.17 36.72
N THR B 473 30.59 42.70 46.26
CA THR B 473 30.09 42.78 44.90
C THR B 473 28.60 42.47 44.84
N ARG B 474 27.79 43.42 45.29
CA ARG B 474 26.34 43.23 45.31
C ARG B 474 25.73 43.25 43.91
N LEU B 475 26.49 43.66 42.89
CA LEU B 475 25.99 43.67 41.52
C LEU B 475 26.39 42.44 40.72
N LEU B 476 27.57 41.89 40.99
CA LEU B 476 28.04 40.72 40.24
C LEU B 476 27.32 39.45 40.63
N ASN B 477 26.71 39.39 41.81
CA ASN B 477 26.07 38.18 42.32
C ASN B 477 24.66 38.49 42.82
N GLU B 478 23.89 39.22 42.01
CA GLU B 478 22.51 39.55 42.32
C GLU B 478 21.61 39.03 41.20
N GLY B 479 20.52 38.35 41.58
CA GLY B 479 19.60 37.77 40.63
C GLY B 479 18.30 38.55 40.53
N ASP B 480 17.57 38.26 39.47
CA ASP B 480 16.27 38.89 39.22
C ASP B 480 15.18 38.08 39.91
N LEU B 481 13.93 38.35 39.54
CA LEU B 481 12.80 37.65 40.15
C LEU B 481 12.90 36.14 39.97
N HIS B 482 13.60 35.68 38.93
CA HIS B 482 13.84 34.27 38.71
C HIS B 482 15.13 33.77 39.35
N GLY B 483 15.84 34.63 40.06
CA GLY B 483 17.05 34.22 40.74
C GLY B 483 18.27 34.06 39.86
N MET B 484 18.24 34.62 38.65
CA MET B 484 19.32 34.44 37.69
C MET B 484 20.32 35.58 37.83
N THR B 485 21.53 35.25 38.24
CA THR B 485 22.61 36.22 38.27
C THR B 485 23.08 36.54 36.85
N PRO B 486 23.84 37.62 36.66
CA PRO B 486 24.37 37.90 35.32
C PRO B 486 25.15 36.75 34.72
N LEU B 487 25.89 35.99 35.55
CA LEU B 487 26.57 34.81 35.06
C LEU B 487 25.58 33.77 34.55
N HIS B 488 24.46 33.62 35.24
CA HIS B 488 23.43 32.68 34.81
C HIS B 488 22.89 33.06 33.43
N LEU B 489 22.60 34.34 33.23
CA LEU B 489 22.05 34.80 31.95
C LEU B 489 23.07 34.69 30.82
N ALA B 490 24.32 35.07 31.10
CA ALA B 490 25.37 34.97 30.10
C ALA B 490 25.60 33.52 29.68
N ALA B 491 25.59 32.60 30.66
CA ALA B 491 25.72 31.19 30.33
C ALA B 491 24.48 30.69 29.57
N LYS B 492 23.30 31.16 29.96
CA LYS B 492 22.06 30.71 29.32
C LYS B 492 22.03 31.08 27.85
N ASN B 493 22.49 32.28 27.52
CA ASN B 493 22.46 32.73 26.13
C ASN B 493 23.73 32.41 25.36
N GLY B 494 24.73 31.81 26.01
CA GLY B 494 25.88 31.31 25.29
C GLY B 494 26.93 32.33 24.95
N HIS B 495 27.28 33.20 25.89
CA HIS B 495 28.29 34.23 25.69
C HIS B 495 29.50 33.88 26.56
N ASP B 496 30.42 33.11 25.98
CA ASP B 496 31.55 32.61 26.75
C ASP B 496 32.51 33.72 27.15
N LYS B 497 32.63 34.78 26.34
CA LYS B 497 33.51 35.88 26.71
C LYS B 497 32.96 36.64 27.91
N VAL B 498 31.65 36.90 27.93
CA VAL B 498 31.04 37.57 29.07
C VAL B 498 31.14 36.70 30.32
N VAL B 499 30.93 35.40 30.17
CA VAL B 499 31.04 34.47 31.29
C VAL B 499 32.47 34.48 31.83
N GLN B 500 33.46 34.43 30.95
CA GLN B 500 34.85 34.44 31.38
C GLN B 500 35.19 35.74 32.09
N LEU B 501 34.73 36.87 31.56
CA LEU B 501 35.01 38.15 32.20
C LEU B 501 34.36 38.24 33.57
N LEU B 502 33.13 37.74 33.70
CA LEU B 502 32.46 37.72 35.01
C LEU B 502 33.21 36.83 35.98
N LEU B 503 33.68 35.67 35.51
CA LEU B 503 34.41 34.75 36.39
C LEU B 503 35.73 35.35 36.86
N LYS B 504 36.44 36.05 35.97
CA LYS B 504 37.69 36.70 36.37
C LYS B 504 37.47 37.80 37.39
N LYS B 505 36.24 38.30 37.53
CA LYS B 505 35.91 39.32 38.51
C LYS B 505 35.30 38.74 39.77
N GLY B 506 35.66 37.50 40.11
CA GLY B 506 35.19 36.89 41.34
C GLY B 506 33.71 36.61 41.41
N ALA B 507 33.11 36.14 40.33
CA ALA B 507 31.72 35.73 40.35
C ALA B 507 31.61 34.29 40.84
N LEU B 508 30.65 34.05 41.74
CA LEU B 508 30.47 32.75 42.34
C LEU B 508 29.40 31.96 41.60
N PHE B 509 29.53 30.63 41.64
CA PHE B 509 28.59 29.73 40.97
C PHE B 509 27.38 29.53 41.86
N LEU B 510 26.47 30.50 41.82
CA LEU B 510 25.26 30.48 42.62
C LEU B 510 24.24 29.56 41.97
N SER B 511 23.01 29.55 42.48
CA SER B 511 21.93 28.76 41.96
C SER B 511 20.69 29.62 41.82
N ASP B 512 19.91 29.37 40.76
CA ASP B 512 18.69 30.13 40.53
C ASP B 512 17.57 29.58 41.41
N HIS B 513 16.34 30.03 41.15
CA HIS B 513 15.21 29.59 41.97
C HIS B 513 14.94 28.10 41.80
N ASN B 514 15.28 27.54 40.64
CA ASN B 514 15.10 26.12 40.36
C ASN B 514 16.35 25.30 40.64
N GLY B 515 17.35 25.88 41.28
CA GLY B 515 18.58 25.18 41.59
C GLY B 515 19.55 25.07 40.44
N TRP B 516 19.26 25.67 39.29
CA TRP B 516 20.14 25.58 38.14
C TRP B 516 21.40 26.42 38.36
N THR B 517 22.52 25.90 37.91
CA THR B 517 23.80 26.61 37.90
C THR B 517 24.03 27.17 36.50
N ALA B 518 25.01 28.07 36.38
CA ALA B 518 25.38 28.58 35.07
C ALA B 518 25.77 27.43 34.13
N LEU B 519 26.35 26.36 34.67
CA LEU B 519 26.64 25.18 33.86
C LEU B 519 25.35 24.49 33.43
N HIS B 520 24.33 24.50 34.29
CA HIS B 520 23.03 23.95 33.90
C HIS B 520 22.46 24.70 32.72
N HIS B 521 22.57 26.03 32.73
CA HIS B 521 22.00 26.84 31.66
C HIS B 521 22.83 26.75 30.39
N ALA B 522 24.14 26.58 30.52
CA ALA B 522 24.98 26.40 29.34
C ALA B 522 24.77 25.02 28.70
N SER B 523 24.53 24.00 29.51
CA SER B 523 24.30 22.66 28.98
C SER B 523 22.93 22.52 28.34
N MET B 524 21.93 23.21 28.87
CA MET B 524 20.59 23.17 28.26
C MET B 524 20.61 23.77 26.86
N GLY B 525 21.39 24.82 26.66
CA GLY B 525 21.53 25.42 25.35
C GLY B 525 22.59 24.81 24.47
N GLY B 526 23.39 23.88 25.00
CA GLY B 526 24.39 23.21 24.20
C GLY B 526 25.60 24.05 23.85
N TYR B 527 25.86 25.11 24.60
CA TYR B 527 26.97 26.01 24.32
C TYR B 527 28.25 25.40 24.89
N THR B 528 28.99 24.71 24.04
CA THR B 528 30.18 24.00 24.50
C THR B 528 31.30 24.96 24.87
N GLN B 529 31.37 26.13 24.24
CA GLN B 529 32.39 27.11 24.59
C GLN B 529 32.15 27.69 25.98
N THR B 530 30.90 28.03 26.30
CA THR B 530 30.58 28.53 27.63
C THR B 530 30.86 27.47 28.69
N MET B 531 30.51 26.21 28.39
CA MET B 531 30.80 25.13 29.32
C MET B 531 32.29 24.91 29.50
N LYS B 532 33.06 25.03 28.41
CA LYS B 532 34.51 24.92 28.53
C LYS B 532 35.07 26.02 29.40
N VAL B 533 34.57 27.25 29.24
CA VAL B 533 35.01 28.34 30.11
C VAL B 533 34.66 28.03 31.56
N ILE B 534 33.44 27.55 31.82
CA ILE B 534 32.98 27.29 33.17
C ILE B 534 33.80 26.18 33.82
N LEU B 535 34.07 25.10 33.07
CA LEU B 535 34.67 23.91 33.66
C LEU B 535 36.16 24.10 33.94
N ASP B 536 36.82 25.00 33.22
CA ASP B 536 38.25 25.21 33.37
C ASP B 536 38.62 26.16 34.50
N THR B 537 37.63 26.69 35.23
CA THR B 537 37.89 27.57 36.36
C THR B 537 37.57 26.92 37.69
N ASN B 538 36.36 26.41 37.86
CA ASN B 538 35.95 25.73 39.09
C ASN B 538 35.53 24.30 38.73
N LEU B 539 36.27 23.33 39.23
CA LEU B 539 35.95 21.92 38.99
C LEU B 539 35.09 21.35 40.12
N LYS B 540 34.05 22.10 40.48
CA LYS B 540 33.13 21.66 41.52
C LYS B 540 31.67 21.96 41.19
N CYS B 541 31.37 22.50 40.01
CA CYS B 541 30.00 22.75 39.59
C CYS B 541 29.48 21.70 38.63
N THR B 542 30.29 20.70 38.27
CA THR B 542 29.88 19.72 37.29
C THR B 542 28.74 18.85 37.81
N ASP B 543 28.79 18.49 39.09
CA ASP B 543 27.86 17.52 39.67
C ASP B 543 26.85 18.16 40.61
N ARG B 544 26.56 19.45 40.45
CA ARG B 544 25.55 20.08 41.27
C ARG B 544 24.16 19.64 40.85
N LEU B 545 23.23 19.68 41.80
CA LEU B 545 21.92 19.07 41.66
C LEU B 545 20.86 20.17 41.61
N ASP B 546 19.91 20.04 40.69
CA ASP B 546 18.84 21.01 40.59
C ASP B 546 17.70 20.60 41.53
N GLU B 547 16.55 21.26 41.43
CA GLU B 547 15.44 20.97 42.33
C GLU B 547 14.88 19.57 42.09
N ASP B 548 14.85 19.12 40.84
CA ASP B 548 14.34 17.80 40.49
C ASP B 548 15.42 16.74 40.45
N GLY B 549 16.64 17.07 40.87
CA GLY B 549 17.71 16.10 40.91
C GLY B 549 18.49 15.92 39.63
N ASN B 550 18.28 16.77 38.63
CA ASN B 550 19.02 16.67 37.38
C ASN B 550 20.31 17.46 37.47
N THR B 551 21.30 17.02 36.69
CA THR B 551 22.58 17.69 36.57
C THR B 551 22.69 18.33 35.19
N ALA B 552 23.85 18.94 34.92
CA ALA B 552 24.10 19.50 33.60
C ALA B 552 24.10 18.41 32.53
N LEU B 553 24.64 17.23 32.88
CA LEU B 553 24.66 16.11 31.95
C LEU B 553 23.24 15.67 31.59
N HIS B 554 22.33 15.66 32.57
CA HIS B 554 20.94 15.31 32.30
C HIS B 554 20.33 16.26 31.26
N PHE B 555 20.52 17.57 31.46
CA PHE B 555 19.95 18.54 30.53
C PHE B 555 20.58 18.43 29.15
N ALA B 556 21.90 18.25 29.09
CA ALA B 556 22.57 18.12 27.80
C ALA B 556 22.08 16.90 27.04
N ALA B 557 21.88 15.78 27.75
CA ALA B 557 21.42 14.57 27.09
C ALA B 557 19.95 14.68 26.69
N ARG B 558 19.14 15.32 27.53
CA ARG B 558 17.72 15.47 27.22
C ARG B 558 17.49 16.41 26.05
N GLU B 559 18.30 17.44 25.91
CA GLU B 559 18.13 18.43 24.85
C GLU B 559 18.81 18.05 23.55
N GLY B 560 19.54 16.95 23.52
CA GLY B 560 20.08 16.43 22.27
C GLY B 560 21.39 17.03 21.83
N HIS B 561 22.19 17.55 22.75
CA HIS B 561 23.48 18.16 22.43
C HIS B 561 24.57 17.12 22.65
N ALA B 562 24.91 16.41 21.57
CA ALA B 562 25.91 15.34 21.66
C ALA B 562 27.29 15.87 22.04
N LYS B 563 27.68 17.01 21.48
CA LYS B 563 28.98 17.59 21.82
C LYS B 563 29.02 18.02 23.28
N ALA B 564 27.91 18.55 23.78
CA ALA B 564 27.81 18.90 25.20
C ALA B 564 27.98 17.66 26.07
N VAL B 565 27.31 16.57 25.70
CA VAL B 565 27.40 15.34 26.47
C VAL B 565 28.82 14.79 26.45
N ALA B 566 29.46 14.81 25.28
CA ALA B 566 30.84 14.35 25.19
C ALA B 566 31.78 15.20 26.04
N LEU B 567 31.60 16.52 26.01
CA LEU B 567 32.45 17.40 26.80
C LEU B 567 32.26 17.17 28.29
N LEU B 568 31.00 17.00 28.73
CA LEU B 568 30.75 16.75 30.14
C LEU B 568 31.28 15.38 30.57
N LEU B 569 31.22 14.39 29.68
CA LEU B 569 31.76 13.07 30.02
C LEU B 569 33.27 13.09 30.08
N SER B 570 33.92 13.88 29.22
CA SER B 570 35.37 13.97 29.23
C SER B 570 35.92 14.67 30.46
N HIS B 571 35.06 15.36 31.21
CA HIS B 571 35.45 16.01 32.45
C HIS B 571 35.04 15.21 33.68
N ASN B 572 34.77 13.91 33.50
CA ASN B 572 34.47 12.99 34.59
C ASN B 572 33.25 13.44 35.40
N ALA B 573 32.18 13.77 34.69
CA ALA B 573 30.92 14.05 35.35
C ALA B 573 30.35 12.78 35.96
N ASP B 574 29.70 12.92 37.11
CA ASP B 574 29.14 11.77 37.82
C ASP B 574 27.82 11.38 37.18
N ILE B 575 27.72 10.13 36.75
CA ILE B 575 26.47 9.61 36.22
C ILE B 575 25.59 9.18 37.38
N VAL B 576 24.47 9.85 37.57
CA VAL B 576 23.59 9.66 38.69
C VAL B 576 22.15 9.53 38.18
N LEU B 577 21.24 9.25 39.10
CA LEU B 577 19.81 9.23 38.82
C LEU B 577 19.16 10.43 39.50
N ASN B 578 18.21 11.04 38.81
CA ASN B 578 17.48 12.17 39.38
C ASN B 578 16.40 11.65 40.34
N LYS B 579 15.54 12.54 40.83
CA LYS B 579 14.52 12.13 41.79
C LYS B 579 13.47 11.21 41.16
N GLN B 580 13.42 11.12 39.83
CA GLN B 580 12.58 10.18 39.13
C GLN B 580 13.33 8.91 38.75
N GLN B 581 14.54 8.72 39.30
CA GLN B 581 15.36 7.53 39.07
C GLN B 581 15.68 7.35 37.59
N ALA B 582 16.10 8.46 36.96
CA ALA B 582 16.48 8.46 35.56
C ALA B 582 17.87 9.04 35.41
N SER B 583 18.68 8.41 34.57
CA SER B 583 20.00 8.91 34.24
C SER B 583 19.92 9.75 32.97
N PHE B 584 21.06 10.34 32.58
CA PHE B 584 21.10 11.11 31.34
C PHE B 584 20.89 10.22 30.12
N LEU B 585 21.36 8.98 30.17
CA LEU B 585 21.10 8.04 29.09
C LEU B 585 19.61 7.74 28.98
N HIS B 586 18.93 7.61 30.12
CA HIS B 586 17.48 7.41 30.10
C HIS B 586 16.76 8.60 29.47
N LEU B 587 17.18 9.82 29.83
CA LEU B 587 16.55 11.01 29.27
C LEU B 587 16.80 11.10 27.77
N ALA B 588 18.01 10.74 27.33
CA ALA B 588 18.29 10.74 25.90
C ALA B 588 17.45 9.70 25.17
N LEU B 589 17.31 8.51 25.75
CA LEU B 589 16.55 7.45 25.10
C LEU B 589 15.06 7.79 25.01
N HIS B 590 14.50 8.37 26.08
CA HIS B 590 13.09 8.71 26.09
C HIS B 590 12.77 9.86 25.13
N ASN B 591 13.75 10.70 24.82
CA ASN B 591 13.57 11.76 23.84
C ASN B 591 14.05 11.36 22.45
N LYS B 592 14.49 10.11 22.27
CA LYS B 592 14.96 9.59 20.99
C LYS B 592 16.10 10.45 20.43
N ARG B 593 17.05 10.81 21.30
CA ARG B 593 18.22 11.58 20.90
C ARG B 593 19.27 10.62 20.37
N LYS B 594 19.20 10.34 19.08
CA LYS B 594 20.08 9.33 18.47
C LYS B 594 21.54 9.73 18.58
N GLU B 595 21.86 11.00 18.33
CA GLU B 595 23.26 11.42 18.27
C GLU B 595 23.93 11.33 19.64
N VAL B 596 23.26 11.80 20.69
CA VAL B 596 23.88 11.76 22.00
C VAL B 596 23.91 10.34 22.54
N VAL B 597 22.94 9.51 22.17
CA VAL B 597 22.99 8.09 22.58
C VAL B 597 24.17 7.39 21.90
N LEU B 598 24.40 7.70 20.62
CA LEU B 598 25.58 7.18 19.94
C LEU B 598 26.85 7.68 20.60
N THR B 599 26.88 8.95 21.02
CA THR B 599 28.04 9.48 21.72
C THR B 599 28.29 8.73 23.02
N ILE B 600 27.24 8.44 23.77
CA ILE B 600 27.39 7.68 25.02
C ILE B 600 27.89 6.27 24.74
N ILE B 601 27.33 5.62 23.70
CA ILE B 601 27.74 4.26 23.37
C ILE B 601 29.20 4.21 22.98
N ARG B 602 29.64 5.16 22.15
CA ARG B 602 31.02 5.19 21.68
C ARG B 602 31.97 5.80 22.70
N SER B 603 31.45 6.33 23.81
CA SER B 603 32.31 6.90 24.84
C SER B 603 33.08 5.80 25.57
N LYS B 604 34.18 6.20 26.20
CA LYS B 604 34.98 5.28 27.00
C LYS B 604 34.30 4.92 28.31
N ARG B 605 33.22 5.61 28.68
CA ARG B 605 32.49 5.32 29.91
C ARG B 605 31.13 4.69 29.64
N TRP B 606 30.97 4.02 28.49
CA TRP B 606 29.68 3.44 28.15
C TRP B 606 29.29 2.35 29.14
N ASP B 607 30.26 1.54 29.57
CA ASP B 607 29.97 0.48 30.54
C ASP B 607 29.52 1.06 31.87
N GLU B 608 30.08 2.20 32.27
CA GLU B 608 29.67 2.84 33.51
C GLU B 608 28.25 3.38 33.41
N CYS B 609 27.89 3.97 32.26
CA CYS B 609 26.53 4.46 32.08
C CYS B 609 25.52 3.32 31.97
N LEU B 610 25.98 2.15 31.51
CA LEU B 610 25.10 0.99 31.39
C LEU B 610 24.65 0.49 32.76
N LYS B 611 25.50 0.63 33.78
CA LYS B 611 25.23 0.06 35.09
C LYS B 611 24.32 0.94 35.95
N ILE B 612 24.04 2.16 35.53
CA ILE B 612 23.32 3.12 36.37
C ILE B 612 21.85 3.08 35.98
N PHE B 613 21.06 2.33 36.73
CA PHE B 613 19.60 2.35 36.63
C PHE B 613 19.05 1.65 37.86
N SER B 614 17.74 1.78 38.04
CA SER B 614 17.04 1.17 39.17
C SER B 614 16.24 -0.03 38.67
N HIS B 615 16.45 -1.19 39.33
CA HIS B 615 15.69 -2.38 38.98
C HIS B 615 14.22 -2.26 39.35
N ASN B 616 13.88 -1.33 40.25
CA ASN B 616 12.52 -1.15 40.71
C ASN B 616 11.83 0.06 40.07
N SER B 617 12.47 0.70 39.10
CA SER B 617 11.88 1.85 38.43
C SER B 617 11.10 1.38 37.21
N PRO B 618 9.79 1.59 37.16
CA PRO B 618 9.00 1.12 36.01
C PRO B 618 9.33 1.85 34.72
N GLY B 619 9.29 3.19 34.76
CA GLY B 619 9.53 3.96 33.57
C GLY B 619 10.95 3.86 33.06
N ASN B 620 11.93 3.91 33.96
CA ASN B 620 13.34 3.90 33.59
C ASN B 620 13.90 2.51 33.86
N LYS B 621 13.71 1.63 32.87
CA LYS B 621 14.17 0.25 32.96
C LYS B 621 15.65 0.18 32.58
N CYS B 622 16.15 -1.03 32.34
CA CYS B 622 17.53 -1.20 31.90
C CYS B 622 17.74 -0.47 30.58
N PRO B 623 18.85 0.23 30.42
CA PRO B 623 19.05 1.01 29.18
C PRO B 623 19.07 0.20 27.90
N ILE B 624 19.38 -1.11 27.97
CA ILE B 624 19.34 -1.93 26.77
C ILE B 624 17.91 -2.12 26.30
N THR B 625 16.98 -2.42 27.22
CA THR B 625 15.58 -2.55 26.87
C THR B 625 15.03 -1.23 26.34
N GLU B 626 15.39 -0.12 26.98
CA GLU B 626 14.93 1.18 26.51
C GLU B 626 15.49 1.50 25.14
N MET B 627 16.74 1.11 24.87
CA MET B 627 17.31 1.29 23.54
C MET B 627 16.55 0.48 22.51
N ILE B 628 16.21 -0.77 22.83
CA ILE B 628 15.44 -1.60 21.91
C ILE B 628 14.08 -0.97 21.64
N GLU B 629 13.46 -0.40 22.68
CA GLU B 629 12.12 0.14 22.55
C GLU B 629 12.08 1.49 21.84
N TYR B 630 13.12 2.31 21.98
CA TYR B 630 13.09 3.69 21.55
C TYR B 630 14.01 4.00 20.38
N LEU B 631 15.26 3.51 20.43
CA LEU B 631 16.25 3.80 19.40
C LEU B 631 16.89 2.49 18.94
N PRO B 632 16.17 1.68 18.16
CA PRO B 632 16.75 0.42 17.69
C PRO B 632 17.96 0.60 16.78
N GLU B 633 18.13 1.75 16.15
CA GLU B 633 19.33 1.99 15.36
C GLU B 633 20.57 2.07 16.25
N CYS B 634 20.45 2.73 17.40
CA CYS B 634 21.55 2.73 18.35
C CYS B 634 21.83 1.34 18.89
N MET B 635 20.78 0.53 19.06
CA MET B 635 20.98 -0.86 19.47
C MET B 635 21.71 -1.65 18.40
N LYS B 636 21.41 -1.38 17.12
CA LYS B 636 22.15 -2.02 16.04
C LYS B 636 23.62 -1.61 16.05
N VAL B 637 23.88 -0.32 16.28
CA VAL B 637 25.27 0.15 16.39
C VAL B 637 25.98 -0.54 17.53
N LEU B 638 25.29 -0.67 18.68
CA LEU B 638 25.86 -1.35 19.84
C LEU B 638 26.14 -2.82 19.54
N LEU B 639 25.23 -3.48 18.82
CA LEU B 639 25.43 -4.89 18.50
C LEU B 639 26.54 -5.09 17.50
N ASP B 640 26.78 -4.12 16.62
CA ASP B 640 27.89 -4.23 15.67
C ASP B 640 29.23 -4.28 16.39
N PHE B 641 29.32 -3.70 17.58
CA PHE B 641 30.53 -3.78 18.38
C PHE B 641 30.69 -5.13 19.08
N CYS B 642 29.63 -5.92 19.16
CA CYS B 642 29.69 -7.23 19.78
C CYS B 642 30.09 -8.34 18.81
N MET B 643 30.32 -8.00 17.55
CA MET B 643 30.76 -8.95 16.52
C MET B 643 32.14 -8.50 16.05
N LEU B 644 33.18 -9.16 16.56
CA LEU B 644 34.56 -8.78 16.29
C LEU B 644 35.12 -9.68 15.19
N HIS B 645 35.35 -9.10 14.02
CA HIS B 645 35.92 -9.84 12.89
C HIS B 645 37.42 -10.06 13.09
N TYR B 655 40.15 -16.75 9.80
CA TYR B 655 39.15 -15.70 9.95
C TYR B 655 38.06 -16.12 10.94
N TYR B 656 38.34 -15.96 12.23
CA TYR B 656 37.41 -16.33 13.30
C TYR B 656 36.63 -15.11 13.74
N ILE B 657 35.31 -15.17 13.64
CA ILE B 657 34.43 -14.09 14.08
C ILE B 657 33.90 -14.44 15.45
N GLU B 658 34.05 -13.53 16.40
CA GLU B 658 33.58 -13.73 17.77
C GLU B 658 32.35 -12.86 18.01
N TYR B 659 31.26 -13.49 18.40
CA TYR B 659 30.03 -12.81 18.77
C TYR B 659 29.90 -12.81 20.29
N ASN B 660 29.70 -11.62 20.85
CA ASN B 660 29.56 -11.45 22.29
C ASN B 660 28.11 -11.18 22.62
N PHE B 661 27.59 -11.88 23.63
CA PHE B 661 26.20 -11.76 24.03
C PHE B 661 26.07 -11.09 25.40
N LYS B 662 26.92 -10.09 25.66
CA LYS B 662 26.89 -9.41 26.95
C LYS B 662 25.63 -8.58 27.13
N TYR B 663 25.16 -7.95 26.06
CA TYR B 663 23.98 -7.09 26.13
C TYR B 663 22.68 -7.82 25.82
N LEU B 664 22.74 -9.13 25.54
CA LEU B 664 21.57 -9.86 25.06
C LEU B 664 20.78 -10.54 26.17
N GLN B 665 21.27 -10.55 27.40
CA GLN B 665 20.50 -11.12 28.50
C GLN B 665 20.97 -10.51 29.82
N CYS B 666 20.02 -10.36 30.73
CA CYS B 666 20.30 -9.82 32.06
C CYS B 666 20.31 -10.92 33.11
N ILE B 680 12.89 -10.20 39.55
CA ILE B 680 12.83 -11.32 38.63
C ILE B 680 12.72 -10.82 37.20
N TYR B 681 13.54 -11.39 36.31
CA TYR B 681 13.55 -11.02 34.90
C TYR B 681 13.29 -12.25 34.04
N GLU B 682 12.54 -12.05 32.96
CA GLU B 682 12.28 -13.14 32.04
C GLU B 682 13.56 -13.54 31.30
N PRO B 683 13.68 -14.82 30.93
CA PRO B 683 14.85 -15.24 30.15
C PRO B 683 14.84 -14.61 28.77
N LEU B 684 16.04 -14.47 28.20
CA LEU B 684 16.22 -13.86 26.90
C LEU B 684 15.57 -12.48 26.85
N THR B 685 15.94 -11.64 27.83
CA THR B 685 15.26 -10.37 28.05
C THR B 685 15.36 -9.46 26.82
N ALA B 686 16.56 -9.34 26.27
CA ALA B 686 16.75 -8.47 25.10
C ALA B 686 15.96 -8.99 23.91
N LEU B 687 16.00 -10.31 23.67
CA LEU B 687 15.30 -10.86 22.53
C LEU B 687 13.79 -10.82 22.72
N ASN B 688 13.32 -11.02 23.95
CA ASN B 688 11.90 -10.87 24.23
C ASN B 688 11.45 -9.43 24.02
N ALA B 689 12.28 -8.46 24.39
CA ALA B 689 11.97 -7.06 24.11
C ALA B 689 11.96 -6.79 22.62
N MET B 690 12.89 -7.40 21.88
CA MET B 690 12.92 -7.24 20.43
C MET B 690 11.66 -7.80 19.78
N VAL B 691 11.19 -8.95 20.27
CA VAL B 691 9.96 -9.54 19.73
C VAL B 691 8.76 -8.67 20.06
N GLN B 692 8.66 -8.21 21.30
CA GLN B 692 7.52 -7.40 21.72
C GLN B 692 7.45 -6.06 20.99
N ASN B 693 8.57 -5.59 20.44
CA ASN B 693 8.62 -4.30 19.76
C ASN B 693 8.73 -4.44 18.25
N ASN B 694 8.50 -5.64 17.71
CA ASN B 694 8.55 -5.90 16.27
C ASN B 694 9.88 -5.46 15.67
N ARG B 695 10.97 -5.76 16.36
CA ARG B 695 12.30 -5.38 15.90
C ARG B 695 12.92 -6.52 15.09
N ILE B 696 12.30 -6.76 13.93
CA ILE B 696 12.77 -7.84 13.06
C ILE B 696 14.15 -7.54 12.51
N GLU B 697 14.46 -6.27 12.24
CA GLU B 697 15.80 -5.91 11.79
C GLU B 697 16.83 -6.13 12.90
N LEU B 698 16.41 -6.01 14.17
CA LEU B 698 17.29 -6.33 15.28
C LEU B 698 17.40 -7.84 15.48
N LEU B 699 16.29 -8.56 15.34
CA LEU B 699 16.31 -10.01 15.54
C LEU B 699 17.05 -10.74 14.42
N ASN B 700 17.20 -10.12 13.26
CA ASN B 700 17.94 -10.70 12.15
C ASN B 700 19.42 -10.36 12.20
N HIS B 701 19.87 -9.65 13.23
CA HIS B 701 21.28 -9.33 13.36
C HIS B 701 22.08 -10.61 13.55
N PRO B 702 23.29 -10.70 12.99
CA PRO B 702 24.10 -11.91 13.18
C PRO B 702 24.37 -12.24 14.63
N VAL B 703 24.49 -11.23 15.49
CA VAL B 703 24.71 -11.49 16.91
C VAL B 703 23.51 -12.18 17.52
N CYS B 704 22.30 -11.70 17.21
CA CYS B 704 21.10 -12.31 17.76
C CYS B 704 20.83 -13.68 17.15
N LYS B 705 21.14 -13.84 15.86
CA LYS B 705 21.02 -15.15 15.24
C LYS B 705 21.96 -16.16 15.91
N GLU B 706 23.19 -15.76 16.17
CA GLU B 706 24.14 -16.65 16.83
C GLU B 706 23.74 -16.91 18.28
N TYR B 707 23.14 -15.92 18.94
CA TYR B 707 22.64 -16.12 20.30
C TYR B 707 21.54 -17.19 20.32
N LEU B 708 20.59 -17.08 19.40
CA LEU B 708 19.51 -18.06 19.33
C LEU B 708 20.05 -19.44 18.96
N LEU B 709 21.00 -19.50 18.02
CA LEU B 709 21.59 -20.78 17.64
C LEU B 709 22.37 -21.39 18.80
N MET B 710 23.05 -20.56 19.59
CA MET B 710 23.75 -21.05 20.77
C MET B 710 22.78 -21.64 21.78
N LYS B 711 21.67 -20.94 22.04
CA LYS B 711 20.69 -21.48 22.98
C LYS B 711 20.08 -22.78 22.46
N TRP B 712 19.80 -22.82 21.15
CA TRP B 712 19.32 -24.05 20.51
C TRP B 712 20.27 -25.19 20.79
N LEU B 713 21.50 -25.08 20.27
CA LEU B 713 22.50 -26.13 20.41
C LEU B 713 22.90 -26.40 21.86
N ALA B 714 22.58 -25.49 22.77
CA ALA B 714 22.91 -25.71 24.18
C ALA B 714 21.87 -26.58 24.86
N TYR B 715 20.60 -26.17 24.84
CA TYR B 715 19.57 -26.96 25.50
C TYR B 715 18.30 -27.17 24.68
N GLY B 716 18.00 -26.32 23.70
CA GLY B 716 16.67 -26.37 23.09
C GLY B 716 16.52 -27.55 22.15
N PHE B 717 17.53 -27.79 21.31
CA PHE B 717 17.48 -28.93 20.42
C PHE B 717 17.42 -30.23 21.20
N ARG B 718 18.21 -30.34 22.28
CA ARG B 718 18.20 -31.55 23.09
C ARG B 718 16.84 -31.76 23.74
N ALA B 719 16.26 -30.70 24.31
CA ALA B 719 14.96 -30.86 24.98
C ALA B 719 13.87 -31.26 24.00
N HIS B 720 13.81 -30.58 22.84
CA HIS B 720 12.80 -30.92 21.87
C HIS B 720 13.01 -32.32 21.30
N MET B 721 14.27 -32.74 21.14
CA MET B 721 14.53 -34.07 20.62
C MET B 721 14.16 -35.14 21.64
N MET B 722 14.37 -34.88 22.93
CA MET B 722 13.90 -35.83 23.94
C MET B 722 12.38 -35.94 23.93
N ASN B 723 11.68 -34.81 23.84
CA ASN B 723 10.23 -34.84 23.77
C ASN B 723 9.74 -35.60 22.53
N LEU B 724 10.35 -35.31 21.38
CA LEU B 724 9.96 -35.95 20.13
C LEU B 724 10.26 -37.44 20.16
N GLY B 725 11.40 -37.84 20.71
CA GLY B 725 11.71 -39.26 20.81
C GLY B 725 10.78 -39.99 21.76
N SER B 726 10.39 -39.32 22.85
CA SER B 726 9.40 -39.91 23.75
C SER B 726 8.08 -40.15 23.03
N TYR B 727 7.64 -39.17 22.23
CA TYR B 727 6.43 -39.38 21.44
C TYR B 727 6.60 -40.49 20.40
N CYS B 728 7.74 -40.51 19.72
CA CYS B 728 7.97 -41.49 18.67
C CYS B 728 8.07 -42.90 19.23
N LEU B 729 8.46 -43.04 20.49
CA LEU B 729 8.52 -44.36 21.12
C LEU B 729 7.16 -45.04 21.17
N GLY B 730 6.08 -44.28 21.03
CA GLY B 730 4.75 -44.87 20.90
C GLY B 730 4.17 -44.68 19.53
N LEU B 731 4.68 -43.69 18.79
CA LEU B 731 4.17 -43.42 17.45
C LEU B 731 4.65 -44.46 16.44
N ILE B 732 5.92 -44.87 16.53
CA ILE B 732 6.50 -45.79 15.56
C ILE B 732 6.04 -47.22 15.80
N PRO B 733 6.06 -47.74 17.04
CA PRO B 733 5.55 -49.11 17.25
C PRO B 733 4.09 -49.26 16.86
N MET B 734 3.27 -48.23 17.07
CA MET B 734 1.86 -48.32 16.67
C MET B 734 1.73 -48.42 15.16
N THR B 735 2.50 -47.62 14.42
CA THR B 735 2.47 -47.70 12.97
C THR B 735 2.97 -49.05 12.49
N ILE B 736 4.00 -49.59 13.14
CA ILE B 736 4.50 -50.92 12.78
C ILE B 736 3.42 -51.97 13.01
N LEU B 737 2.70 -51.86 14.14
CA LEU B 737 1.61 -52.79 14.41
C LEU B 737 0.51 -52.69 13.35
N VAL B 738 0.14 -51.47 12.97
CA VAL B 738 -0.97 -51.29 12.03
C VAL B 738 -0.63 -51.88 10.67
N VAL B 739 0.59 -51.66 10.18
CA VAL B 739 0.97 -52.11 8.84
C VAL B 739 1.44 -53.56 8.82
N ASN B 740 1.56 -54.22 9.97
CA ASN B 740 2.00 -55.61 10.01
C ASN B 740 0.93 -56.59 10.41
N ILE B 741 -0.17 -56.14 11.00
CA ILE B 741 -1.29 -56.99 11.36
C ILE B 741 -2.48 -56.59 10.49
N LYS B 742 -3.14 -57.57 9.90
CA LYS B 742 -4.30 -57.30 9.07
C LYS B 742 -5.40 -56.66 9.91
N PRO B 743 -5.91 -55.50 9.52
CA PRO B 743 -6.95 -54.85 10.32
C PRO B 743 -8.20 -55.72 10.46
N GLY B 744 -8.83 -55.64 11.62
CA GLY B 744 -9.99 -56.44 11.93
C GLY B 744 -9.69 -57.77 12.58
N MET B 745 -8.42 -58.15 12.69
CA MET B 745 -8.02 -59.42 13.26
C MET B 745 -7.50 -59.22 14.68
N ALA B 746 -7.97 -60.05 15.61
CA ALA B 746 -7.51 -59.98 16.98
C ALA B 746 -6.07 -60.46 17.08
N PHE B 747 -5.30 -59.80 17.95
CA PHE B 747 -3.92 -60.17 18.17
C PHE B 747 -3.55 -59.89 19.62
N ASN B 748 -2.55 -60.62 20.11
CA ASN B 748 -2.01 -60.42 21.45
C ASN B 748 -0.49 -60.57 21.37
N SER B 749 0.13 -60.74 22.54
CA SER B 749 1.58 -60.91 22.57
C SER B 749 2.00 -62.18 21.85
N THR B 750 1.17 -63.24 21.93
CA THR B 750 1.51 -64.50 21.27
C THR B 750 1.57 -64.35 19.77
N GLY B 751 0.60 -63.65 19.19
CA GLY B 751 0.58 -63.47 17.74
C GLY B 751 -0.80 -63.01 17.28
N ILE B 752 -1.10 -63.32 16.02
CA ILE B 752 -2.35 -62.92 15.38
C ILE B 752 -3.31 -64.10 15.44
N ILE B 753 -4.48 -63.88 16.02
CA ILE B 753 -5.52 -64.91 16.09
C ILE B 753 -6.47 -64.78 14.92
N LEU B 763 -3.97 -69.18 15.15
CA LEU B 763 -2.86 -68.44 15.74
C LEU B 763 -1.66 -68.41 14.80
N ASP B 764 -1.19 -67.21 14.49
CA ASP B 764 -0.08 -67.00 13.55
C ASP B 764 1.08 -66.41 14.35
N THR B 765 1.95 -67.28 14.86
CA THR B 765 3.12 -66.86 15.63
C THR B 765 4.34 -66.87 14.72
N THR B 766 4.42 -65.87 13.86
CA THR B 766 5.55 -65.70 12.95
C THR B 766 6.33 -64.43 13.25
N ASN B 767 5.64 -63.28 13.33
CA ASN B 767 6.25 -62.02 13.75
C ASN B 767 5.96 -61.74 15.22
N SER B 768 5.92 -62.79 16.04
CA SER B 768 5.45 -62.66 17.42
C SER B 768 6.34 -61.73 18.23
N TYR B 769 7.66 -61.81 18.04
CA TYR B 769 8.58 -60.96 18.80
C TYR B 769 8.35 -59.49 18.48
N LEU B 770 8.23 -59.16 17.19
CA LEU B 770 7.99 -57.78 16.80
C LEU B 770 6.65 -57.28 17.33
N ILE B 771 5.62 -58.11 17.25
CA ILE B 771 4.30 -57.71 17.73
C ILE B 771 4.33 -57.45 19.22
N LYS B 772 4.95 -58.35 19.99
CA LYS B 772 5.02 -58.19 21.44
C LYS B 772 5.83 -56.96 21.81
N THR B 773 6.96 -56.75 21.15
CA THR B 773 7.80 -55.58 21.44
C THR B 773 7.04 -54.29 21.15
N CYS B 774 6.35 -54.22 20.02
CA CYS B 774 5.61 -53.01 19.68
C CYS B 774 4.44 -52.79 20.63
N MET B 775 3.76 -53.87 21.03
CA MET B 775 2.67 -53.75 21.99
C MET B 775 3.17 -53.22 23.32
N ILE B 776 4.30 -53.75 23.81
CA ILE B 776 4.87 -53.30 25.07
C ILE B 776 5.28 -51.83 24.97
N LEU B 777 5.91 -51.46 23.85
CA LEU B 777 6.34 -50.07 23.67
C LEU B 777 5.16 -49.12 23.64
N VAL B 778 4.09 -49.50 22.93
CA VAL B 778 2.91 -48.64 22.88
C VAL B 778 2.28 -48.51 24.27
N PHE B 779 2.17 -49.62 25.00
CA PHE B 779 1.60 -49.56 26.34
C PHE B 779 2.43 -48.68 27.26
N LEU B 780 3.75 -48.84 27.23
CA LEU B 780 4.63 -48.06 28.09
C LEU B 780 4.59 -46.59 27.74
N SER B 781 4.57 -46.25 26.45
CA SER B 781 4.48 -44.86 26.05
C SER B 781 3.13 -44.26 26.43
N SER B 782 2.07 -45.05 26.38
CA SER B 782 0.75 -44.54 26.72
C SER B 782 0.63 -44.28 28.22
N ILE B 783 1.15 -45.19 29.05
CA ILE B 783 1.11 -44.95 30.50
C ILE B 783 2.11 -43.87 30.89
N PHE B 784 3.26 -43.79 30.19
CA PHE B 784 4.20 -42.71 30.46
C PHE B 784 3.63 -41.37 30.01
N GLY B 785 2.88 -41.37 28.91
CA GLY B 785 2.22 -40.15 28.46
C GLY B 785 1.14 -39.66 29.41
N TYR B 786 0.58 -40.56 30.22
CA TYR B 786 -0.33 -40.15 31.27
C TYR B 786 0.40 -39.41 32.40
N CYS B 787 1.73 -39.52 32.45
CA CYS B 787 2.55 -38.87 33.46
C CYS B 787 3.48 -37.84 32.82
N LYS B 788 2.96 -37.07 31.88
CA LYS B 788 3.76 -36.08 31.18
C LYS B 788 2.89 -34.94 30.65
N ASP B 803 -6.86 -27.07 26.84
CA ASP B 803 -6.01 -27.04 25.66
C ASP B 803 -6.35 -28.19 24.70
N ILE B 804 -6.24 -27.92 23.41
CA ILE B 804 -6.55 -28.92 22.40
C ILE B 804 -5.50 -30.02 22.40
N SER B 805 -4.23 -29.67 22.59
CA SER B 805 -3.16 -30.65 22.56
C SER B 805 -3.31 -31.67 23.68
N ASN B 806 -3.73 -31.23 24.87
CA ASN B 806 -3.96 -32.17 25.96
C ASN B 806 -5.09 -33.15 25.64
N VAL B 807 -6.17 -32.66 25.03
CA VAL B 807 -7.26 -33.54 24.62
C VAL B 807 -6.77 -34.55 23.60
N LEU B 808 -5.99 -34.09 22.62
CA LEU B 808 -5.46 -34.98 21.60
C LEU B 808 -4.59 -36.06 22.21
N GLU B 809 -3.69 -35.67 23.11
CA GLU B 809 -2.80 -36.64 23.74
C GLU B 809 -3.57 -37.63 24.62
N TRP B 810 -4.58 -37.16 25.35
CA TRP B 810 -5.38 -38.05 26.16
C TRP B 810 -6.11 -39.08 25.30
N ILE B 811 -6.71 -38.62 24.19
CA ILE B 811 -7.36 -39.56 23.28
C ILE B 811 -6.34 -40.56 22.74
N ILE B 812 -5.16 -40.07 22.36
CA ILE B 812 -4.12 -40.94 21.81
C ILE B 812 -3.76 -42.04 22.80
N TYR B 813 -3.51 -41.65 24.05
CA TYR B 813 -3.06 -42.63 25.04
C TYR B 813 -4.16 -43.62 25.39
N THR B 814 -5.40 -43.14 25.54
CA THR B 814 -6.49 -44.06 25.85
C THR B 814 -6.72 -45.06 24.73
N THR B 815 -6.80 -44.57 23.48
CA THR B 815 -7.05 -45.46 22.36
C THR B 815 -5.87 -46.39 22.10
N GLY B 816 -4.65 -45.92 22.34
CA GLY B 816 -3.50 -46.80 22.23
C GLY B 816 -3.49 -47.89 23.28
N ILE B 817 -3.91 -47.57 24.50
CA ILE B 817 -4.02 -48.58 25.54
C ILE B 817 -5.05 -49.63 25.13
N ILE B 818 -6.21 -49.19 24.66
CA ILE B 818 -7.24 -50.15 24.29
C ILE B 818 -6.81 -50.97 23.07
N PHE B 819 -6.00 -50.39 22.18
CA PHE B 819 -5.54 -51.13 21.01
C PHE B 819 -4.62 -52.29 21.41
N VAL B 820 -3.73 -52.07 22.37
CA VAL B 820 -2.80 -53.10 22.82
C VAL B 820 -3.24 -53.68 24.16
N LEU B 821 -4.51 -53.52 24.52
CA LEU B 821 -5.02 -54.10 25.75
C LEU B 821 -4.87 -55.62 25.84
N PRO B 822 -5.09 -56.42 24.75
CA PRO B 822 -4.92 -57.87 24.88
C PRO B 822 -3.54 -58.33 25.35
N LEU B 823 -2.63 -57.39 25.58
CA LEU B 823 -1.40 -57.72 26.28
C LEU B 823 -1.68 -58.25 27.68
N PHE B 824 -2.76 -57.79 28.31
CA PHE B 824 -3.16 -58.25 29.63
C PHE B 824 -4.54 -58.90 29.63
N VAL B 825 -5.56 -58.21 29.12
CA VAL B 825 -6.95 -58.67 29.18
C VAL B 825 -7.49 -58.77 27.76
N GLU B 826 -8.12 -59.90 27.45
CA GLU B 826 -8.65 -60.13 26.12
C GLU B 826 -9.83 -59.21 25.83
N ILE B 827 -9.85 -58.64 24.62
CA ILE B 827 -10.94 -57.78 24.17
C ILE B 827 -11.32 -58.20 22.76
N PRO B 828 -12.55 -57.90 22.33
CA PRO B 828 -12.96 -58.25 20.97
C PRO B 828 -12.15 -57.50 19.93
N ALA B 829 -11.96 -58.14 18.77
CA ALA B 829 -11.17 -57.54 17.70
C ALA B 829 -11.80 -56.28 17.16
N HIS B 830 -13.14 -56.21 17.15
CA HIS B 830 -13.82 -55.03 16.62
C HIS B 830 -13.47 -53.79 17.43
N LEU B 831 -13.57 -53.88 18.77
CA LEU B 831 -13.22 -52.75 19.61
C LEU B 831 -11.73 -52.42 19.50
N GLN B 832 -10.90 -53.47 19.45
CA GLN B 832 -9.45 -53.27 19.35
C GLN B 832 -9.09 -52.46 18.12
N TRP B 833 -9.62 -52.83 16.95
CA TRP B 833 -9.26 -52.14 15.73
C TRP B 833 -10.02 -50.82 15.57
N GLN B 834 -11.20 -50.71 16.17
CA GLN B 834 -11.88 -49.43 16.22
C GLN B 834 -11.08 -48.40 17.00
N CYS B 835 -10.45 -48.82 18.10
CA CYS B 835 -9.58 -47.92 18.84
C CYS B 835 -8.24 -47.73 18.12
N GLY B 836 -7.77 -48.76 17.40
CA GLY B 836 -6.52 -48.62 16.67
C GLY B 836 -6.59 -47.61 15.54
N ALA B 837 -7.73 -47.57 14.83
CA ALA B 837 -7.89 -46.56 13.78
C ALA B 837 -7.82 -45.16 14.36
N ILE B 838 -8.57 -44.91 15.43
CA ILE B 838 -8.58 -43.61 16.09
C ILE B 838 -7.17 -43.27 16.58
N ALA B 839 -6.50 -44.23 17.21
CA ALA B 839 -5.19 -43.97 17.79
C ALA B 839 -4.16 -43.65 16.72
N VAL B 840 -4.14 -44.40 15.62
CA VAL B 840 -3.14 -44.14 14.59
C VAL B 840 -3.43 -42.81 13.89
N TYR B 841 -4.72 -42.50 13.66
CA TYR B 841 -5.07 -41.23 13.02
C TYR B 841 -4.64 -40.05 13.89
N PHE B 842 -4.98 -40.08 15.18
CA PHE B 842 -4.63 -38.97 16.05
C PHE B 842 -3.14 -38.96 16.40
N TYR B 843 -2.47 -40.11 16.35
CA TYR B 843 -1.03 -40.15 16.54
C TYR B 843 -0.32 -39.39 15.44
N TRP B 844 -0.69 -39.65 14.19
CA TRP B 844 -0.05 -38.95 13.10
C TRP B 844 -0.57 -37.53 12.93
N MET B 845 -1.76 -37.23 13.45
CA MET B 845 -2.27 -35.86 13.41
C MET B 845 -1.59 -34.99 14.47
N ASN B 846 -1.38 -35.53 15.66
CA ASN B 846 -0.74 -34.78 16.73
C ASN B 846 0.76 -34.64 16.51
N PHE B 847 1.35 -35.48 15.66
CA PHE B 847 2.76 -35.35 15.31
C PHE B 847 3.05 -34.03 14.60
N LEU B 848 2.04 -33.44 13.95
CA LEU B 848 2.21 -32.14 13.33
C LEU B 848 2.45 -31.04 14.36
N LEU B 849 2.00 -31.24 15.60
CA LEU B 849 2.26 -30.27 16.65
C LEU B 849 3.70 -30.33 17.15
N TYR B 850 4.34 -31.50 17.04
CA TYR B 850 5.76 -31.59 17.37
C TYR B 850 6.62 -30.96 16.27
N LEU B 851 6.14 -30.95 15.04
CA LEU B 851 6.87 -30.34 13.93
C LEU B 851 6.79 -28.83 13.93
N GLN B 852 5.87 -28.23 14.70
CA GLN B 852 5.77 -26.79 14.79
C GLN B 852 6.99 -26.16 15.45
N ARG B 853 7.81 -26.95 16.14
CA ARG B 853 9.02 -26.47 16.80
C ARG B 853 10.27 -26.65 15.94
N PHE B 854 10.12 -26.53 14.63
CA PHE B 854 11.23 -26.55 13.69
C PHE B 854 11.12 -25.36 12.76
N GLU B 855 12.28 -24.90 12.27
CA GLU B 855 12.32 -23.69 11.48
C GLU B 855 11.55 -23.83 10.18
N ASN B 856 11.69 -24.97 9.51
CA ASN B 856 11.09 -25.17 8.19
C ASN B 856 9.62 -25.56 8.25
N CYS B 857 9.11 -25.94 9.42
CA CYS B 857 7.75 -26.44 9.53
C CYS B 857 6.81 -25.56 10.34
N GLY B 858 7.33 -24.67 11.17
CA GLY B 858 6.48 -23.94 12.10
C GLY B 858 5.49 -23.02 11.40
N ILE B 859 5.94 -22.30 10.38
CA ILE B 859 5.07 -21.33 9.71
C ILE B 859 3.97 -22.04 8.94
N PHE B 860 4.27 -23.18 8.33
CA PHE B 860 3.25 -23.94 7.63
C PHE B 860 2.18 -24.45 8.59
N ILE B 861 2.58 -24.89 9.79
CA ILE B 861 1.60 -25.32 10.78
C ILE B 861 0.78 -24.14 11.27
N VAL B 862 1.41 -22.97 11.41
CA VAL B 862 0.67 -21.78 11.79
C VAL B 862 -0.39 -21.44 10.74
N MET B 863 -0.01 -21.51 9.47
CA MET B 863 -0.96 -21.24 8.39
C MET B 863 -2.09 -22.26 8.39
N LEU B 864 -1.77 -23.54 8.58
CA LEU B 864 -2.79 -24.57 8.62
C LEU B 864 -3.77 -24.32 9.76
N GLU B 865 -3.26 -23.93 10.93
CA GLU B 865 -4.13 -23.60 12.06
C GLU B 865 -5.03 -22.43 11.74
N VAL B 866 -4.48 -21.38 11.12
CA VAL B 866 -5.28 -20.20 10.80
C VAL B 866 -6.39 -20.55 9.82
N ILE B 867 -6.06 -21.32 8.77
CA ILE B 867 -7.05 -21.70 7.77
C ILE B 867 -8.13 -22.58 8.40
N LEU B 868 -7.72 -23.55 9.22
CA LEU B 868 -8.69 -24.45 9.84
C LEU B 868 -9.61 -23.70 10.79
N LYS B 869 -9.07 -22.77 11.58
CA LYS B 869 -9.92 -22.01 12.50
C LYS B 869 -10.88 -21.11 11.74
N THR B 870 -10.41 -20.47 10.67
CA THR B 870 -11.31 -19.66 9.85
C THR B 870 -12.43 -20.49 9.25
N LEU B 871 -12.10 -21.70 8.78
CA LEU B 871 -13.12 -22.58 8.24
C LEU B 871 -14.12 -23.01 9.30
N LEU B 872 -13.62 -23.39 10.48
CA LEU B 872 -14.50 -23.87 11.55
C LEU B 872 -15.42 -22.76 12.05
N ARG B 873 -14.94 -21.53 12.14
CA ARG B 873 -15.81 -20.42 12.50
C ARG B 873 -16.87 -20.15 11.45
N SER B 874 -16.67 -20.63 10.23
CA SER B 874 -17.62 -20.41 9.14
C SER B 874 -18.55 -21.59 8.90
N THR B 875 -18.21 -22.79 9.38
CA THR B 875 -19.09 -23.93 9.20
C THR B 875 -20.38 -23.79 9.98
N VAL B 876 -20.34 -23.11 11.13
CA VAL B 876 -21.54 -22.89 11.92
C VAL B 876 -22.55 -22.03 11.19
N VAL B 877 -22.16 -21.40 10.09
CA VAL B 877 -23.06 -20.60 9.28
C VAL B 877 -23.54 -21.35 8.05
N PHE B 878 -22.62 -21.95 7.29
CA PHE B 878 -22.99 -22.62 6.05
C PHE B 878 -23.49 -24.05 6.26
N ILE B 879 -23.45 -24.54 7.51
CA ILE B 879 -24.10 -25.80 7.81
C ILE B 879 -25.60 -25.70 7.53
N PHE B 880 -26.19 -24.52 7.69
CA PHE B 880 -27.61 -24.34 7.42
C PHE B 880 -27.90 -24.26 5.93
N LEU B 881 -26.98 -23.70 5.14
CA LEU B 881 -27.09 -23.79 3.69
C LEU B 881 -27.05 -25.25 3.24
N LEU B 882 -26.10 -26.02 3.78
CA LEU B 882 -26.04 -27.44 3.47
C LEU B 882 -27.29 -28.17 3.92
N LEU B 883 -27.83 -27.80 5.08
CA LEU B 883 -29.07 -28.41 5.56
C LEU B 883 -30.25 -28.13 4.64
N ALA B 884 -30.38 -26.88 4.19
CA ALA B 884 -31.43 -26.53 3.25
C ALA B 884 -31.35 -27.37 1.98
N PHE B 885 -30.16 -27.40 1.36
CA PHE B 885 -30.01 -28.13 0.12
C PHE B 885 -30.18 -29.63 0.33
N GLY B 886 -29.68 -30.16 1.45
CA GLY B 886 -29.79 -31.59 1.71
C GLY B 886 -31.22 -32.03 1.95
N LEU B 887 -32.00 -31.24 2.70
CA LEU B 887 -33.40 -31.60 2.92
C LEU B 887 -34.22 -31.47 1.64
N SER B 888 -33.94 -30.43 0.85
CA SER B 888 -34.63 -30.29 -0.43
C SER B 888 -34.30 -31.46 -1.36
N PHE B 889 -33.04 -31.86 -1.43
CA PHE B 889 -32.66 -33.01 -2.24
C PHE B 889 -33.25 -34.30 -1.70
N TYR B 890 -33.38 -34.40 -0.38
CA TYR B 890 -34.03 -35.56 0.24
C TYR B 890 -35.48 -35.68 -0.22
N ILE B 891 -36.20 -34.56 -0.26
CA ILE B 891 -37.57 -34.61 -0.74
C ILE B 891 -37.61 -34.90 -2.24
N LEU B 892 -36.78 -34.21 -3.02
CA LEU B 892 -36.87 -34.28 -4.47
C LEU B 892 -36.31 -35.59 -5.01
N LEU B 893 -35.18 -36.05 -4.49
CA LEU B 893 -34.48 -37.23 -5.00
C LEU B 893 -34.62 -38.40 -4.03
N ASN B 894 -35.79 -38.53 -3.40
CA ASN B 894 -35.97 -39.53 -2.35
C ASN B 894 -35.80 -40.95 -2.87
N LEU B 895 -36.28 -41.22 -4.09
CA LEU B 895 -36.29 -42.57 -4.63
C LEU B 895 -34.90 -43.09 -4.98
N GLN B 896 -33.85 -42.31 -4.75
CA GLN B 896 -32.48 -42.71 -5.03
C GLN B 896 -31.75 -43.02 -3.73
N ASP B 897 -30.86 -44.01 -3.78
CA ASP B 897 -30.13 -44.42 -2.59
C ASP B 897 -29.32 -43.30 -1.93
N PRO B 898 -28.62 -42.44 -2.65
CA PRO B 898 -27.86 -41.37 -1.96
C PRO B 898 -28.73 -40.40 -1.19
N PHE B 899 -30.02 -40.30 -1.49
CA PHE B 899 -30.92 -39.36 -0.84
C PHE B 899 -32.08 -40.07 -0.15
N SER B 900 -31.88 -41.32 0.25
CA SER B 900 -32.95 -42.12 0.84
C SER B 900 -33.25 -41.75 2.29
N SER B 901 -32.31 -41.10 2.97
CA SER B 901 -32.48 -40.66 4.35
C SER B 901 -32.09 -39.20 4.46
N PRO B 902 -32.66 -38.48 5.43
CA PRO B 902 -32.21 -37.09 5.65
C PRO B 902 -30.73 -36.98 5.95
N LEU B 903 -30.19 -37.88 6.79
CA LEU B 903 -28.78 -37.83 7.13
C LEU B 903 -27.90 -38.20 5.94
N LEU B 904 -28.29 -39.25 5.21
CA LEU B 904 -27.55 -39.62 4.00
C LEU B 904 -27.61 -38.50 2.97
N SER B 905 -28.77 -37.85 2.85
CA SER B 905 -28.90 -36.74 1.90
C SER B 905 -28.00 -35.57 2.30
N ILE B 906 -27.90 -35.28 3.60
CA ILE B 906 -27.03 -34.20 4.05
C ILE B 906 -25.57 -34.54 3.79
N ILE B 907 -25.17 -35.79 4.06
CA ILE B 907 -23.79 -36.20 3.80
C ILE B 907 -23.49 -36.13 2.30
N GLN B 908 -24.45 -36.55 1.47
CA GLN B 908 -24.25 -36.47 0.02
C GLN B 908 -24.13 -35.02 -0.44
N THR B 909 -24.97 -34.13 0.09
CA THR B 909 -24.87 -32.71 -0.26
C THR B 909 -23.53 -32.12 0.16
N PHE B 910 -23.04 -32.53 1.33
CA PHE B 910 -21.71 -32.12 1.76
C PHE B 910 -20.63 -32.67 0.82
N SER B 911 -20.84 -33.87 0.27
CA SER B 911 -19.85 -34.49 -0.59
C SER B 911 -19.80 -33.86 -1.99
N MET B 912 -20.91 -33.32 -2.48
CA MET B 912 -20.94 -32.68 -3.79
C MET B 912 -20.59 -31.21 -3.72
N MET B 913 -20.17 -30.73 -2.56
CA MET B 913 -19.82 -29.33 -2.38
C MET B 913 -18.51 -28.96 -3.08
N LEU B 914 -17.71 -29.95 -3.47
CA LEU B 914 -16.47 -29.70 -4.19
C LEU B 914 -16.61 -29.78 -5.70
N GLY B 915 -17.75 -30.26 -6.20
CA GLY B 915 -17.95 -30.36 -7.63
C GLY B 915 -18.42 -31.72 -8.09
N ASP B 916 -18.43 -32.70 -7.20
CA ASP B 916 -18.89 -34.05 -7.53
C ASP B 916 -20.41 -34.13 -7.38
N ILE B 917 -21.09 -33.42 -8.28
CA ILE B 917 -22.53 -33.24 -8.19
C ILE B 917 -23.28 -34.50 -8.63
N ASN B 918 -22.67 -35.33 -9.47
CA ASN B 918 -23.29 -36.54 -10.00
C ASN B 918 -24.51 -36.21 -10.85
N TYR B 919 -24.32 -35.30 -11.81
CA TYR B 919 -25.42 -34.80 -12.61
C TYR B 919 -26.06 -35.91 -13.44
N ARG B 920 -25.23 -36.74 -14.08
CA ARG B 920 -25.78 -37.76 -14.97
C ARG B 920 -26.46 -38.88 -14.19
N GLU B 921 -25.83 -39.35 -13.11
CA GLU B 921 -26.37 -40.47 -12.36
C GLU B 921 -27.60 -40.07 -11.56
N SER B 922 -27.69 -38.82 -11.12
CA SER B 922 -28.75 -38.39 -10.22
C SER B 922 -29.81 -37.52 -10.87
N PHE B 923 -29.51 -36.83 -11.98
CA PHE B 923 -30.46 -35.91 -12.57
C PHE B 923 -30.80 -36.26 -14.01
N LEU B 924 -29.82 -36.52 -14.87
CA LEU B 924 -30.10 -36.71 -16.28
C LEU B 924 -30.65 -38.10 -16.58
N GLU B 925 -29.96 -39.14 -16.13
CA GLU B 925 -30.43 -40.50 -16.36
C GLU B 925 -31.74 -40.80 -15.67
N PRO B 926 -31.97 -40.44 -14.40
CA PRO B 926 -33.32 -40.62 -13.83
C PRO B 926 -34.40 -39.87 -14.58
N TYR B 927 -34.10 -38.67 -15.08
CA TYR B 927 -35.10 -37.88 -15.79
C TYR B 927 -35.44 -38.51 -17.14
N LEU B 928 -34.44 -39.01 -17.87
CA LEU B 928 -34.72 -39.66 -19.14
C LEU B 928 -35.42 -40.99 -18.96
N ARG B 929 -35.37 -41.57 -17.77
CA ARG B 929 -36.13 -42.77 -17.43
C ARG B 929 -37.48 -42.45 -16.80
N ASN B 930 -37.85 -41.18 -16.73
CA ASN B 930 -39.11 -40.74 -16.11
C ASN B 930 -39.22 -41.18 -14.65
N GLU B 931 -38.09 -41.25 -13.96
CA GLU B 931 -38.04 -41.63 -12.56
C GLU B 931 -37.80 -40.44 -11.64
N LEU B 932 -37.85 -39.23 -12.18
CA LEU B 932 -37.62 -38.02 -11.41
C LEU B 932 -38.98 -37.39 -11.10
N ALA B 933 -39.47 -37.59 -9.88
CA ALA B 933 -40.59 -36.81 -9.40
C ALA B 933 -40.13 -35.37 -9.22
N HIS B 934 -40.98 -34.44 -9.65
CA HIS B 934 -40.64 -33.02 -9.73
C HIS B 934 -39.36 -32.83 -10.54
N PRO B 935 -39.39 -33.06 -11.85
CA PRO B 935 -38.15 -32.89 -12.64
C PRO B 935 -37.74 -31.44 -12.81
N VAL B 936 -38.68 -30.54 -13.08
CA VAL B 936 -38.34 -29.12 -13.20
C VAL B 936 -37.79 -28.60 -11.88
N LEU B 937 -38.43 -28.97 -10.77
CA LEU B 937 -37.94 -28.57 -9.45
C LEU B 937 -36.55 -29.13 -9.18
N SER B 938 -36.32 -30.39 -9.56
CA SER B 938 -35.01 -31.00 -9.36
C SER B 938 -33.93 -30.28 -10.14
N PHE B 939 -34.21 -29.93 -11.40
CA PHE B 939 -33.20 -29.25 -12.20
C PHE B 939 -32.96 -27.82 -11.73
N ALA B 940 -34.03 -27.13 -11.30
CA ALA B 940 -33.86 -25.80 -10.74
C ALA B 940 -33.03 -25.85 -9.46
N GLN B 941 -33.29 -26.83 -8.60
CA GLN B 941 -32.50 -26.98 -7.38
C GLN B 941 -31.06 -27.36 -7.68
N LEU B 942 -30.84 -28.16 -8.72
CA LEU B 942 -29.49 -28.51 -9.13
C LEU B 942 -28.71 -27.27 -9.58
N VAL B 943 -29.35 -26.43 -10.40
CA VAL B 943 -28.68 -25.21 -10.86
C VAL B 943 -28.41 -24.27 -9.68
N SER B 944 -29.39 -24.13 -8.78
CA SER B 944 -29.19 -23.25 -7.64
C SER B 944 -28.10 -23.77 -6.71
N PHE B 945 -28.03 -25.09 -6.53
CA PHE B 945 -26.96 -25.67 -5.72
C PHE B 945 -25.61 -25.40 -6.36
N THR B 946 -25.48 -25.66 -7.66
CA THR B 946 -24.20 -25.44 -8.33
C THR B 946 -23.76 -23.98 -8.22
N ILE B 947 -24.72 -23.05 -8.36
CA ILE B 947 -24.40 -21.64 -8.20
C ILE B 947 -23.95 -21.35 -6.77
N PHE B 948 -24.65 -21.92 -5.78
CA PHE B 948 -24.43 -21.54 -4.39
C PHE B 948 -23.19 -22.20 -3.78
N VAL B 949 -23.17 -23.53 -3.71
CA VAL B 949 -22.16 -24.21 -2.90
C VAL B 949 -20.83 -24.39 -3.64
N PRO B 950 -20.76 -25.10 -4.77
CA PRO B 950 -19.44 -25.33 -5.40
C PRO B 950 -18.82 -24.07 -5.99
N ILE B 951 -19.57 -22.99 -6.14
CA ILE B 951 -19.04 -21.74 -6.70
C ILE B 951 -18.96 -20.65 -5.64
N VAL B 952 -20.10 -20.21 -5.12
CA VAL B 952 -20.10 -19.06 -4.22
C VAL B 952 -19.43 -19.42 -2.89
N LEU B 953 -19.81 -20.56 -2.31
CA LEU B 953 -19.25 -20.95 -1.02
C LEU B 953 -17.77 -21.32 -1.13
N MET B 954 -17.42 -22.09 -2.15
CA MET B 954 -16.02 -22.49 -2.32
C MET B 954 -15.14 -21.28 -2.63
N ASN B 955 -15.62 -20.36 -3.46
CA ASN B 955 -14.84 -19.16 -3.75
C ASN B 955 -14.73 -18.25 -2.53
N LEU B 956 -15.78 -18.20 -1.71
CA LEU B 956 -15.70 -17.46 -0.45
C LEU B 956 -14.61 -18.04 0.44
N LEU B 957 -14.58 -19.36 0.57
CA LEU B 957 -13.56 -20.01 1.37
C LEU B 957 -12.16 -19.78 0.79
N ILE B 958 -12.03 -19.81 -0.54
CA ILE B 958 -10.75 -19.60 -1.19
C ILE B 958 -10.26 -18.17 -0.94
N GLY B 959 -11.14 -17.18 -1.06
CA GLY B 959 -10.75 -15.81 -0.79
C GLY B 959 -10.37 -15.59 0.66
N LEU B 960 -11.13 -16.19 1.58
CA LEU B 960 -10.76 -16.12 2.99
C LEU B 960 -9.39 -16.72 3.25
N ALA B 961 -9.11 -17.86 2.62
CA ALA B 961 -7.81 -18.51 2.78
C ALA B 961 -6.69 -17.65 2.20
N VAL B 962 -6.94 -17.04 1.04
CA VAL B 962 -5.92 -16.19 0.43
C VAL B 962 -5.58 -15.02 1.35
N GLY B 963 -6.62 -14.39 1.92
CA GLY B 963 -6.38 -13.31 2.86
C GLY B 963 -5.64 -13.76 4.10
N ASP B 964 -6.02 -14.92 4.65
CA ASP B 964 -5.34 -15.43 5.84
C ASP B 964 -3.88 -15.72 5.57
N ILE B 965 -3.58 -16.36 4.43
CA ILE B 965 -2.19 -16.68 4.10
C ILE B 965 -1.39 -15.41 3.90
N ALA B 966 -1.98 -14.40 3.24
CA ALA B 966 -1.28 -13.13 3.05
C ALA B 966 -0.97 -12.47 4.40
N GLU B 967 -1.94 -12.48 5.31
CA GLU B 967 -1.71 -11.87 6.62
C GLU B 967 -0.61 -12.61 7.38
N VAL B 968 -0.58 -13.95 7.28
CA VAL B 968 0.47 -14.71 7.94
C VAL B 968 1.83 -14.40 7.32
N GLN B 969 1.90 -14.37 5.98
CA GLN B 969 3.16 -14.11 5.30
C GLN B 969 3.67 -12.69 5.54
N LYS B 970 2.79 -11.76 5.91
CA LYS B 970 3.24 -10.41 6.18
C LYS B 970 4.29 -10.37 7.29
N HIS B 971 4.12 -11.20 8.32
CA HIS B 971 5.02 -11.24 9.46
C HIS B 971 5.59 -12.64 9.67
N ALA B 972 6.03 -13.29 8.59
CA ALA B 972 6.46 -14.68 8.68
C ALA B 972 7.80 -14.79 9.43
N SER B 973 8.77 -13.96 9.08
CA SER B 973 10.07 -14.01 9.74
C SER B 973 9.97 -13.61 11.21
N LEU B 974 9.18 -12.58 11.50
CA LEU B 974 8.96 -12.19 12.89
C LEU B 974 8.28 -13.30 13.67
N LYS B 975 7.28 -13.95 13.08
CA LYS B 975 6.60 -15.04 13.76
C LYS B 975 7.54 -16.22 14.00
N ARG B 976 8.40 -16.52 13.04
CA ARG B 976 9.35 -17.62 13.19
C ARG B 976 10.34 -17.35 14.33
N ILE B 977 10.95 -16.16 14.32
CA ILE B 977 11.92 -15.82 15.35
C ILE B 977 11.23 -15.72 16.71
N ALA B 978 9.99 -15.23 16.73
CA ALA B 978 9.23 -15.19 17.98
C ALA B 978 8.92 -16.58 18.49
N MET B 979 8.65 -17.53 17.60
CA MET B 979 8.44 -18.91 18.03
C MET B 979 9.71 -19.49 18.66
N GLN B 980 10.86 -19.24 18.03
CA GLN B 980 12.11 -19.73 18.62
C GLN B 980 12.39 -19.08 19.98
N VAL B 981 12.18 -17.76 20.07
CA VAL B 981 12.41 -17.05 21.32
C VAL B 981 11.47 -17.56 22.40
N GLU B 982 10.21 -17.78 22.07
CA GLU B 982 9.25 -18.28 23.05
C GLU B 982 9.60 -19.68 23.50
N LEU B 983 10.01 -20.55 22.57
CA LEU B 983 10.40 -21.90 22.93
C LEU B 983 11.55 -21.89 23.94
N HIS B 984 12.59 -21.11 23.64
CA HIS B 984 13.74 -21.10 24.54
C HIS B 984 13.44 -20.39 25.85
N THR B 985 12.62 -19.33 25.82
CA THR B 985 12.24 -18.66 27.06
C THR B 985 11.44 -19.59 27.97
N SER B 986 10.48 -20.33 27.42
CA SER B 986 9.72 -21.26 28.22
C SER B 986 10.59 -22.40 28.73
N LEU B 987 11.55 -22.84 27.92
CA LEU B 987 12.46 -23.89 28.37
C LEU B 987 13.32 -23.41 29.53
N GLU B 988 13.81 -22.17 29.47
CA GLU B 988 14.68 -21.67 30.53
C GLU B 988 13.93 -21.49 31.85
N LYS B 989 12.64 -21.18 31.80
CA LYS B 989 11.85 -21.02 33.02
C LYS B 989 11.63 -22.33 33.77
N LYS B 990 11.87 -23.47 33.13
CA LYS B 990 11.68 -24.77 33.75
C LYS B 990 12.97 -25.49 34.08
N LEU B 991 14.08 -25.08 33.51
CA LEU B 991 15.35 -25.75 33.72
C LEU B 991 16.02 -25.24 35.00
N PRO B 992 16.80 -26.10 35.67
CA PRO B 992 17.49 -25.66 36.88
C PRO B 992 18.57 -24.64 36.58
N LEU B 993 18.82 -23.78 37.57
CA LEU B 993 19.80 -22.71 37.39
C LEU B 993 21.21 -23.25 37.23
N TRP B 994 21.54 -24.34 37.93
CA TRP B 994 22.88 -24.91 37.80
C TRP B 994 23.13 -25.40 36.37
N PHE B 995 22.14 -26.07 35.77
CA PHE B 995 22.30 -26.54 34.40
C PHE B 995 22.41 -25.38 33.42
N LEU B 996 21.58 -24.35 33.59
CA LEU B 996 21.63 -23.20 32.70
C LEU B 996 22.98 -22.51 32.79
N ARG B 997 23.51 -22.35 34.01
CA ARG B 997 24.85 -21.79 34.16
C ARG B 997 25.91 -22.70 33.55
N LYS B 998 25.70 -24.01 33.59
CA LYS B 998 26.65 -24.94 32.98
C LYS B 998 26.69 -24.78 31.46
N VAL B 999 25.53 -24.61 30.82
CA VAL B 999 25.45 -24.64 29.36
C VAL B 999 25.45 -23.25 28.74
N ASP B 1000 25.37 -22.19 29.54
CA ASP B 1000 25.27 -20.83 29.00
C ASP B 1000 26.63 -20.38 28.48
N GLN B 1001 26.68 -19.99 27.21
CA GLN B 1001 27.88 -19.41 26.62
C GLN B 1001 27.75 -17.89 26.56
N LYS B 1002 28.83 -17.21 26.93
CA LYS B 1002 28.87 -15.75 26.87
C LYS B 1002 29.37 -15.23 25.54
N SER B 1003 29.97 -16.08 24.71
CA SER B 1003 30.45 -15.69 23.40
C SER B 1003 30.57 -16.93 22.53
N THR B 1004 30.55 -16.71 21.22
CA THR B 1004 30.65 -17.80 20.26
C THR B 1004 31.65 -17.44 19.18
N ILE B 1005 32.56 -18.35 18.88
CA ILE B 1005 33.59 -18.16 17.86
C ILE B 1005 33.24 -19.02 16.66
N VAL B 1006 33.21 -18.40 15.48
CA VAL B 1006 32.86 -19.05 14.23
C VAL B 1006 34.09 -19.04 13.34
N TYR B 1007 34.40 -20.20 12.74
CA TYR B 1007 35.61 -20.41 11.94
C TYR B 1007 36.86 -20.22 12.78
N SER B 1040 8.62 1.85 6.15
CA SER B 1040 9.72 2.66 6.65
C SER B 1040 9.44 4.15 6.45
N LEU B 1041 8.31 4.45 5.80
CA LEU B 1041 7.94 5.84 5.59
C LEU B 1041 7.59 6.53 6.89
N GLU B 1042 7.05 5.77 7.86
CA GLU B 1042 6.64 6.37 9.12
C GLU B 1042 7.82 6.95 9.88
N MET B 1043 8.96 6.25 9.89
CA MET B 1043 10.14 6.75 10.59
C MET B 1043 10.62 8.06 9.98
N GLU B 1044 10.67 8.12 8.64
CA GLU B 1044 11.09 9.35 7.98
C GLU B 1044 10.12 10.49 8.26
N ILE B 1045 8.82 10.20 8.26
CA ILE B 1045 7.82 11.23 8.52
C ILE B 1045 7.95 11.75 9.94
N LEU B 1046 8.15 10.85 10.91
CA LEU B 1046 8.31 11.30 12.30
C LEU B 1046 9.59 12.10 12.48
N LYS B 1047 10.68 11.70 11.82
CA LYS B 1047 11.90 12.48 11.89
C LYS B 1047 11.71 13.87 11.30
N GLN B 1048 11.00 13.96 10.17
CA GLN B 1048 10.70 15.26 9.57
C GLN B 1048 9.83 16.11 10.50
N LYS B 1049 8.88 15.47 11.20
CA LYS B 1049 8.05 16.21 12.15
C LYS B 1049 8.89 16.77 13.29
N TYR B 1050 9.85 15.97 13.79
CA TYR B 1050 10.73 16.47 14.84
C TYR B 1050 11.58 17.63 14.33
N ARG B 1051 12.10 17.52 13.11
CA ARG B 1051 12.87 18.62 12.53
C ARG B 1051 12.02 19.88 12.39
N LEU B 1052 10.77 19.73 11.95
CA LEU B 1052 9.89 20.88 11.81
C LEU B 1052 9.58 21.51 13.16
N LYS B 1053 9.39 20.70 14.20
CA LYS B 1053 9.16 21.25 15.53
C LYS B 1053 10.37 22.04 16.02
N ASP B 1054 11.58 21.51 15.82
CA ASP B 1054 12.78 22.24 16.20
C ASP B 1054 12.90 23.55 15.42
N LEU B 1055 12.59 23.51 14.13
CA LEU B 1055 12.64 24.72 13.31
C LEU B 1055 11.64 25.76 13.81
N THR B 1056 10.44 25.30 14.20
CA THR B 1056 9.44 26.22 14.73
C THR B 1056 9.92 26.88 16.02
N PHE B 1057 10.53 26.09 16.91
CA PHE B 1057 11.06 26.64 18.15
C PHE B 1057 12.14 27.70 17.87
N LEU B 1058 13.07 27.37 16.97
CA LEU B 1058 14.14 28.32 16.65
C LEU B 1058 13.58 29.59 16.02
N LEU B 1059 12.59 29.46 15.14
CA LEU B 1059 12.02 30.64 14.49
C LEU B 1059 11.26 31.50 15.47
N GLU B 1060 10.59 30.90 16.46
CA GLU B 1060 9.94 31.70 17.50
C GLU B 1060 10.97 32.47 18.33
N LYS B 1061 12.09 31.82 18.67
CA LYS B 1061 13.15 32.53 19.38
C LYS B 1061 13.68 33.69 18.54
N GLN B 1062 13.89 33.45 17.25
CA GLN B 1062 14.36 34.50 16.35
C GLN B 1062 13.37 35.66 16.28
N HIS B 1063 12.07 35.35 16.22
CA HIS B 1063 11.05 36.38 16.16
C HIS B 1063 11.07 37.25 17.41
N GLU B 1064 11.20 36.62 18.58
CA GLU B 1064 11.30 37.39 19.82
C GLU B 1064 12.55 38.28 19.82
N LEU B 1065 13.67 37.75 19.31
CA LEU B 1065 14.89 38.54 19.25
C LEU B 1065 14.74 39.75 18.34
N ILE B 1066 14.08 39.58 17.19
CA ILE B 1066 13.90 40.68 16.26
C ILE B 1066 12.96 41.73 16.85
N LYS B 1067 11.92 41.27 17.56
CA LYS B 1067 11.05 42.22 18.26
C LYS B 1067 11.83 43.01 19.30
N LEU B 1068 12.74 42.36 20.02
CA LEU B 1068 13.58 43.07 20.99
C LEU B 1068 14.50 44.08 20.29
N ILE B 1069 15.03 43.71 19.12
CA ILE B 1069 15.85 44.65 18.36
C ILE B 1069 15.04 45.91 18.04
N ILE B 1070 13.81 45.73 17.56
CA ILE B 1070 12.96 46.89 17.27
C ILE B 1070 12.70 47.68 18.54
N GLN B 1071 12.53 46.98 19.66
CA GLN B 1071 12.27 47.67 20.94
C GLN B 1071 13.44 48.57 21.33
N LYS B 1072 14.67 48.10 21.20
CA LYS B 1072 15.83 48.80 21.73
C LYS B 1072 16.55 49.66 20.69
N MET B 1073 16.08 49.68 19.45
CA MET B 1073 16.80 50.29 18.35
C MET B 1073 16.67 51.81 18.36
N GLU B 1074 17.70 52.47 17.83
CA GLU B 1074 17.74 53.93 17.75
C GLU B 1074 17.11 54.38 16.45
N ILE B 1075 16.09 55.23 16.54
CA ILE B 1075 15.39 55.78 15.38
C ILE B 1075 15.47 57.28 15.48
N ILE B 1076 16.29 57.90 14.62
CA ILE B 1076 16.52 59.33 14.68
C ILE B 1076 16.18 59.98 13.34
N SER B 1077 16.90 59.57 12.29
CA SER B 1077 16.70 60.15 10.97
C SER B 1077 15.43 59.67 10.30
N GLU B 1078 14.90 58.53 10.72
CA GLU B 1078 13.72 57.93 10.10
C GLU B 1078 12.51 57.94 11.02
N THR B 1079 12.47 58.90 11.95
CA THR B 1079 11.34 59.04 12.85
C THR B 1079 10.08 59.45 12.10
N LYS C 448 43.65 45.19 13.93
CA LYS C 448 43.54 43.76 13.66
C LYS C 448 42.11 43.28 13.85
N SER C 449 41.64 43.31 15.09
CA SER C 449 40.26 42.91 15.37
C SER C 449 39.23 43.77 14.64
N PRO C 450 39.31 45.12 14.66
CA PRO C 450 38.33 45.89 13.89
C PRO C 450 38.39 45.64 12.39
N LEU C 451 39.59 45.52 11.83
CA LEU C 451 39.71 45.25 10.40
C LEU C 451 39.15 43.87 10.06
N HIS C 452 39.43 42.87 10.91
CA HIS C 452 38.89 41.54 10.68
C HIS C 452 37.37 41.54 10.76
N PHE C 453 36.80 42.24 11.74
CA PHE C 453 35.34 42.33 11.86
C PHE C 453 34.74 43.00 10.63
N ALA C 454 35.31 44.13 10.21
CA ALA C 454 34.78 44.86 9.06
C ALA C 454 34.88 44.04 7.78
N ALA C 455 35.99 43.35 7.58
CA ALA C 455 36.11 42.48 6.41
C ALA C 455 35.12 41.32 6.47
N SER C 456 34.96 40.73 7.65
CA SER C 456 34.07 39.58 7.80
C SER C 456 32.62 39.95 7.58
N TYR C 457 32.21 41.18 7.90
CA TYR C 457 30.81 41.56 7.79
C TYR C 457 30.54 42.60 6.71
N GLY C 458 31.52 42.87 5.85
CA GLY C 458 31.27 43.66 4.66
C GLY C 458 31.14 45.15 4.86
N ARG C 459 31.56 45.66 6.01
CA ARG C 459 31.52 47.09 6.29
C ARG C 459 32.67 47.75 5.55
N ILE C 460 32.42 48.10 4.28
CA ILE C 460 33.49 48.55 3.41
C ILE C 460 34.01 49.93 3.78
N ASN C 461 33.13 50.80 4.29
CA ASN C 461 33.56 52.14 4.68
C ASN C 461 34.55 52.09 5.84
N THR C 462 34.34 51.17 6.77
CA THR C 462 35.31 50.94 7.84
C THR C 462 36.62 50.41 7.27
N CYS C 463 36.54 49.52 6.28
CA CYS C 463 37.74 48.97 5.66
C CYS C 463 38.55 50.06 4.95
N GLN C 464 37.87 50.98 4.26
CA GLN C 464 38.58 52.08 3.61
C GLN C 464 39.29 52.97 4.62
N ARG C 465 38.63 53.25 5.75
CA ARG C 465 39.22 54.13 6.75
C ARG C 465 40.36 53.44 7.49
N LEU C 466 40.29 52.12 7.66
CA LEU C 466 41.33 51.41 8.37
C LEU C 466 42.56 51.12 7.51
N LEU C 467 42.48 51.37 6.21
CA LEU C 467 43.61 51.12 5.32
C LEU C 467 44.01 52.41 4.59
N THR C 473 52.73 45.81 4.98
CA THR C 473 51.32 45.75 5.30
C THR C 473 51.02 44.60 6.25
N ARG C 474 51.43 44.76 7.51
CA ARG C 474 51.20 43.71 8.51
C ARG C 474 49.74 43.57 8.91
N LEU C 475 48.88 44.53 8.54
CA LEU C 475 47.47 44.44 8.86
C LEU C 475 46.65 43.80 7.75
N LEU C 476 47.04 44.01 6.49
CA LEU C 476 46.29 43.46 5.36
C LEU C 476 46.50 41.97 5.17
N ASN C 477 47.58 41.41 5.73
CA ASN C 477 47.93 40.01 5.51
C ASN C 477 48.23 39.31 6.83
N GLU C 478 47.35 39.47 7.81
CA GLU C 478 47.52 38.85 9.11
C GLU C 478 46.30 37.99 9.45
N GLY C 479 46.55 36.77 9.94
CA GLY C 479 45.49 35.90 10.39
C GLY C 479 45.29 35.99 11.89
N ASP C 480 44.10 35.63 12.35
CA ASP C 480 43.73 35.85 13.76
C ASP C 480 44.02 34.60 14.60
N LEU C 481 43.30 33.52 14.34
CA LEU C 481 43.53 32.27 15.05
C LEU C 481 43.39 31.05 14.14
N HIS C 482 43.12 31.24 12.85
CA HIS C 482 43.00 30.13 11.92
C HIS C 482 43.72 30.44 10.60
N GLY C 483 44.58 31.45 10.58
CA GLY C 483 45.21 31.86 9.34
C GLY C 483 44.32 32.64 8.42
N MET C 484 43.14 33.04 8.88
CA MET C 484 42.17 33.73 8.03
C MET C 484 42.48 35.22 8.03
N THR C 485 43.04 35.70 6.93
CA THR C 485 43.30 37.12 6.74
C THR C 485 42.00 37.86 6.46
N PRO C 486 42.02 39.20 6.40
CA PRO C 486 40.81 39.91 6.00
C PRO C 486 40.24 39.47 4.66
N LEU C 487 41.12 39.15 3.69
CA LEU C 487 40.64 38.64 2.41
C LEU C 487 39.93 37.31 2.58
N HIS C 488 40.46 36.44 3.44
CA HIS C 488 39.83 35.15 3.68
C HIS C 488 38.42 35.32 4.24
N LEU C 489 38.24 36.20 5.22
CA LEU C 489 36.94 36.38 5.85
C LEU C 489 35.96 37.07 4.90
N ALA C 490 36.43 38.08 4.16
CA ALA C 490 35.58 38.75 3.20
C ALA C 490 35.10 37.80 2.12
N ALA C 491 35.99 36.94 1.62
CA ALA C 491 35.59 35.92 0.65
C ALA C 491 34.65 34.90 1.28
N LYS C 492 34.91 34.52 2.53
CA LYS C 492 34.09 33.52 3.20
C LYS C 492 32.65 33.99 3.35
N ASN C 493 32.45 35.26 3.68
CA ASN C 493 31.10 35.78 3.88
C ASN C 493 30.49 36.38 2.62
N GLY C 494 31.23 36.41 1.52
CA GLY C 494 30.66 36.79 0.24
C GLY C 494 30.52 38.27 0.00
N HIS C 495 31.55 39.03 0.33
CA HIS C 495 31.56 40.48 0.14
C HIS C 495 32.56 40.79 -0.97
N ASP C 496 32.07 40.81 -2.20
CA ASP C 496 32.96 40.99 -3.36
C ASP C 496 33.56 42.39 -3.42
N LYS C 497 32.82 43.40 -2.94
CA LYS C 497 33.38 44.76 -2.94
C LYS C 497 34.55 44.88 -1.96
N VAL C 498 34.41 44.30 -0.77
CA VAL C 498 35.50 44.33 0.19
C VAL C 498 36.69 43.52 -0.32
N VAL C 499 36.42 42.39 -0.95
CA VAL C 499 37.50 41.58 -1.53
C VAL C 499 38.22 42.36 -2.62
N GLN C 500 37.47 43.03 -3.50
CA GLN C 500 38.10 43.82 -4.55
C GLN C 500 38.93 44.95 -3.98
N LEU C 501 38.40 45.64 -2.96
CA LEU C 501 39.16 46.73 -2.35
C LEU C 501 40.44 46.23 -1.70
N LEU C 502 40.37 45.08 -1.02
CA LEU C 502 41.56 44.50 -0.42
C LEU C 502 42.57 44.11 -1.49
N LEU C 503 42.10 43.55 -2.61
CA LEU C 503 43.00 43.13 -3.67
C LEU C 503 43.69 44.33 -4.33
N LYS C 504 42.96 45.43 -4.52
CA LYS C 504 43.57 46.62 -5.07
C LYS C 504 44.63 47.21 -4.16
N LYS C 505 44.60 46.89 -2.87
CA LYS C 505 45.59 47.37 -1.91
C LYS C 505 46.73 46.38 -1.71
N GLY C 506 47.03 45.56 -2.70
CA GLY C 506 48.15 44.64 -2.63
C GLY C 506 48.00 43.53 -1.61
N ALA C 507 46.82 42.93 -1.50
CA ALA C 507 46.63 41.78 -0.64
C ALA C 507 47.01 40.52 -1.40
N LEU C 508 47.71 39.62 -0.71
CA LEU C 508 48.23 38.40 -1.31
C LEU C 508 47.30 37.23 -1.02
N PHE C 509 47.28 36.27 -1.94
CA PHE C 509 46.42 35.09 -1.81
C PHE C 509 47.11 34.08 -0.91
N LEU C 510 47.05 34.36 0.39
CA LEU C 510 47.67 33.51 1.41
C LEU C 510 46.82 32.26 1.61
N SER C 511 47.17 31.45 2.60
CA SER C 511 46.44 30.23 2.93
C SER C 511 46.20 30.20 4.43
N ASP C 512 45.04 29.68 4.83
CA ASP C 512 44.68 29.59 6.23
C ASP C 512 45.36 28.37 6.85
N HIS C 513 44.96 28.02 8.07
CA HIS C 513 45.57 26.88 8.76
C HIS C 513 45.30 25.58 8.02
N ASN C 514 44.11 25.43 7.47
CA ASN C 514 43.73 24.23 6.73
C ASN C 514 44.12 24.30 5.26
N GLY C 515 44.93 25.28 4.87
CA GLY C 515 45.36 25.41 3.49
C GLY C 515 44.37 26.06 2.57
N TRP C 516 43.23 26.52 3.08
CA TRP C 516 42.22 27.12 2.23
C TRP C 516 42.65 28.50 1.77
N THR C 517 42.31 28.82 0.53
CA THR C 517 42.53 30.14 -0.05
C THR C 517 41.21 30.92 0.00
N ALA C 518 41.29 32.24 -0.23
CA ALA C 518 40.08 33.04 -0.33
C ALA C 518 39.14 32.48 -1.39
N LEU C 519 39.69 31.91 -2.47
CA LEU C 519 38.85 31.25 -3.46
C LEU C 519 38.20 29.99 -2.89
N HIS C 520 38.92 29.27 -2.02
CA HIS C 520 38.32 28.12 -1.35
C HIS C 520 37.13 28.52 -0.52
N HIS C 521 37.24 29.64 0.20
CA HIS C 521 36.14 30.09 1.06
C HIS C 521 34.99 30.68 0.26
N ALA C 522 35.29 31.29 -0.88
CA ALA C 522 34.22 31.81 -1.73
C ALA C 522 33.48 30.69 -2.43
N SER C 523 34.19 29.62 -2.80
CA SER C 523 33.53 28.50 -3.49
C SER C 523 32.70 27.66 -2.53
N MET C 524 33.14 27.54 -1.27
CA MET C 524 32.37 26.79 -0.29
C MET C 524 31.02 27.47 -0.04
N GLY C 525 30.99 28.79 -0.02
CA GLY C 525 29.75 29.53 0.13
C GLY C 525 28.98 29.79 -1.14
N GLY C 526 29.54 29.46 -2.30
CA GLY C 526 28.85 29.63 -3.55
C GLY C 526 28.74 31.05 -4.03
N TYR C 527 29.55 31.95 -3.52
CA TYR C 527 29.49 33.37 -3.87
C TYR C 527 30.18 33.56 -5.21
N THR C 528 29.39 33.55 -6.29
CA THR C 528 29.96 33.62 -7.63
C THR C 528 30.56 34.98 -7.93
N GLN C 529 30.04 36.06 -7.31
CA GLN C 529 30.60 37.38 -7.55
C GLN C 529 31.96 37.54 -6.88
N THR C 530 32.10 37.02 -5.66
CA THR C 530 33.41 37.05 -5.00
C THR C 530 34.43 36.24 -5.79
N MET C 531 34.02 35.09 -6.32
CA MET C 531 34.92 34.29 -7.14
C MET C 531 35.25 34.98 -8.46
N LYS C 532 34.28 35.69 -9.04
CA LYS C 532 34.56 36.47 -10.24
C LYS C 532 35.60 37.54 -9.97
N VAL C 533 35.49 38.23 -8.83
CA VAL C 533 36.48 39.23 -8.45
C VAL C 533 37.84 38.58 -8.26
N ILE C 534 37.87 37.43 -7.57
CA ILE C 534 39.15 36.77 -7.28
C ILE C 534 39.83 36.29 -8.55
N LEU C 535 39.06 35.67 -9.45
CA LEU C 535 39.65 35.03 -10.63
C LEU C 535 40.11 36.02 -11.68
N ASP C 536 39.59 37.24 -11.69
CA ASP C 536 39.94 38.24 -12.69
C ASP C 536 41.17 39.04 -12.33
N THR C 537 41.79 38.78 -11.17
CA THR C 537 43.00 39.48 -10.76
C THR C 537 44.24 38.60 -10.82
N ASN C 538 44.21 37.45 -10.15
CA ASN C 538 45.32 36.51 -10.16
C ASN C 538 44.82 35.18 -10.70
N LEU C 539 45.34 34.78 -11.86
CA LEU C 539 44.98 33.50 -12.47
C LEU C 539 45.94 32.40 -12.05
N LYS C 540 46.20 32.32 -10.74
CA LYS C 540 47.08 31.29 -10.20
C LYS C 540 46.56 30.69 -8.89
N CYS C 541 45.39 31.10 -8.41
CA CYS C 541 44.81 30.55 -7.20
C CYS C 541 43.71 29.53 -7.49
N THR C 542 43.40 29.29 -8.76
CA THR C 542 42.31 28.38 -9.10
C THR C 542 42.63 26.95 -8.69
N ASP C 543 43.87 26.52 -8.87
CA ASP C 543 44.26 25.12 -8.68
C ASP C 543 45.09 24.91 -7.42
N ARG C 544 44.97 25.77 -6.43
CA ARG C 544 45.69 25.56 -5.18
C ARG C 544 45.06 24.44 -4.38
N LEU C 545 45.88 23.80 -3.55
CA LEU C 545 45.52 22.55 -2.89
C LEU C 545 45.39 22.81 -1.40
N ASP C 546 44.34 22.25 -0.78
CA ASP C 546 44.15 22.40 0.65
C ASP C 546 44.92 21.29 1.37
N GLU C 547 44.69 21.15 2.68
CA GLU C 547 45.42 20.15 3.45
C GLU C 547 45.04 18.74 3.01
N ASP C 548 43.76 18.52 2.69
CA ASP C 548 43.27 17.21 2.27
C ASP C 548 43.30 17.01 0.77
N GLY C 549 43.89 17.94 0.02
CA GLY C 549 44.01 17.78 -1.41
C GLY C 549 42.85 18.28 -2.22
N ASN C 550 41.88 18.96 -1.61
CA ASN C 550 40.74 19.49 -2.32
C ASN C 550 41.05 20.87 -2.88
N THR C 551 40.41 21.21 -3.99
CA THR C 551 40.50 22.52 -4.60
C THR C 551 39.19 23.29 -4.39
N ALA C 552 39.12 24.49 -4.96
CA ALA C 552 37.88 25.25 -4.91
C ALA C 552 36.76 24.53 -5.65
N LEU C 553 37.09 23.88 -6.76
CA LEU C 553 36.11 23.12 -7.52
C LEU C 553 35.53 21.98 -6.70
N HIS C 554 36.37 21.30 -5.91
CA HIS C 554 35.89 20.24 -5.04
C HIS C 554 34.85 20.76 -4.06
N PHE C 555 35.14 21.89 -3.40
CA PHE C 555 34.21 22.44 -2.42
C PHE C 555 32.93 22.91 -3.08
N ALA C 556 33.04 23.56 -4.24
CA ALA C 556 31.85 24.04 -4.94
C ALA C 556 30.96 22.87 -5.36
N ALA C 557 31.55 21.77 -5.83
CA ALA C 557 30.75 20.62 -6.24
C ALA C 557 30.17 19.89 -5.03
N ARG C 558 30.92 19.80 -3.94
CA ARG C 558 30.44 19.12 -2.75
C ARG C 558 29.31 19.88 -2.08
N GLU C 559 29.35 21.21 -2.11
CA GLU C 559 28.34 22.02 -1.45
C GLU C 559 27.13 22.30 -2.31
N GLY C 560 27.12 21.86 -3.56
CA GLY C 560 25.93 21.94 -4.38
C GLY C 560 25.72 23.26 -5.11
N HIS C 561 26.77 24.03 -5.34
CA HIS C 561 26.66 25.32 -6.02
C HIS C 561 26.96 25.11 -7.50
N ALA C 562 25.90 24.90 -8.28
CA ALA C 562 26.05 24.62 -9.70
C ALA C 562 26.65 25.81 -10.45
N LYS C 563 26.22 27.03 -10.11
CA LYS C 563 26.77 28.22 -10.77
C LYS C 563 28.24 28.38 -10.44
N ALA C 564 28.64 28.10 -9.20
CA ALA C 564 30.04 28.13 -8.82
C ALA C 564 30.86 27.13 -9.63
N VAL C 565 30.33 25.91 -9.79
CA VAL C 565 31.02 24.87 -10.55
C VAL C 565 31.16 25.29 -12.01
N ALA C 566 30.09 25.84 -12.59
CA ALA C 566 30.15 26.29 -13.97
C ALA C 566 31.17 27.42 -14.14
N LEU C 567 31.20 28.37 -13.21
CA LEU C 567 32.16 29.47 -13.29
C LEU C 567 33.60 28.97 -13.17
N LEU C 568 33.85 28.03 -12.25
CA LEU C 568 35.19 27.49 -12.10
C LEU C 568 35.60 26.68 -13.31
N LEU C 569 34.66 25.97 -13.94
CA LEU C 569 34.97 25.19 -15.13
C LEU C 569 35.24 26.10 -16.33
N SER C 570 34.53 27.23 -16.42
CA SER C 570 34.74 28.15 -17.52
C SER C 570 36.08 28.87 -17.43
N HIS C 571 36.75 28.80 -16.27
CA HIS C 571 38.07 29.38 -16.10
C HIS C 571 39.18 28.34 -16.18
N ASN C 572 38.88 27.18 -16.76
CA ASN C 572 39.87 26.12 -17.01
C ASN C 572 40.52 25.65 -15.72
N ALA C 573 39.69 25.39 -14.70
CA ALA C 573 40.19 24.76 -13.48
C ALA C 573 40.63 23.34 -13.77
N ASP C 574 41.71 22.91 -13.11
CA ASP C 574 42.24 21.58 -13.32
C ASP C 574 41.41 20.56 -12.55
N ILE C 575 40.89 19.56 -13.26
CA ILE C 575 40.16 18.47 -12.61
C ILE C 575 41.16 17.47 -12.09
N VAL C 576 41.22 17.32 -10.77
CA VAL C 576 42.21 16.47 -10.10
C VAL C 576 41.49 15.60 -9.08
N LEU C 577 42.26 14.71 -8.47
CA LEU C 577 41.78 13.89 -7.37
C LEU C 577 42.45 14.36 -6.08
N ASN C 578 41.70 14.34 -4.99
CA ASN C 578 42.24 14.73 -3.70
C ASN C 578 43.02 13.56 -3.10
N LYS C 579 43.42 13.68 -1.84
CA LYS C 579 44.22 12.62 -1.21
C LYS C 579 43.41 11.33 -1.01
N GLN C 580 42.09 11.40 -1.14
CA GLN C 580 41.24 10.23 -1.13
C GLN C 580 40.87 9.77 -2.53
N GLN C 581 41.56 10.29 -3.55
CA GLN C 581 41.36 9.88 -4.94
C GLN C 581 39.92 10.14 -5.40
N ALA C 582 39.41 11.32 -5.07
CA ALA C 582 38.07 11.73 -5.45
C ALA C 582 38.13 13.04 -6.22
N SER C 583 37.38 13.12 -7.31
CA SER C 583 37.27 14.34 -8.07
C SER C 583 36.05 15.13 -7.58
N PHE C 584 35.87 16.33 -8.15
CA PHE C 584 34.70 17.13 -7.79
C PHE C 584 33.41 16.47 -8.24
N LEU C 585 33.44 15.76 -9.37
CA LEU C 585 32.28 15.00 -9.80
C LEU C 585 31.95 13.89 -8.81
N HIS C 586 32.97 13.23 -8.27
CA HIS C 586 32.75 12.21 -7.25
C HIS C 586 32.10 12.81 -6.01
N LEU C 587 32.59 13.97 -5.57
CA LEU C 587 32.02 14.62 -4.39
C LEU C 587 30.59 15.04 -4.63
N ALA C 588 30.29 15.54 -5.83
CA ALA C 588 28.92 15.89 -6.17
C ALA C 588 28.01 14.67 -6.18
N LEU C 589 28.49 13.56 -6.75
CA LEU C 589 27.66 12.36 -6.84
C LEU C 589 27.40 11.76 -5.47
N HIS C 590 28.42 11.71 -4.61
CA HIS C 590 28.24 11.12 -3.29
C HIS C 590 27.37 11.97 -2.39
N ASN C 591 27.24 13.26 -2.69
CA ASN C 591 26.34 14.15 -1.97
C ASN C 591 24.99 14.31 -2.67
N LYS C 592 24.79 13.61 -3.79
CA LYS C 592 23.54 13.67 -4.55
C LYS C 592 23.20 15.10 -4.97
N ARG C 593 24.22 15.82 -5.46
CA ARG C 593 24.04 17.19 -5.94
C ARG C 593 23.59 17.12 -7.40
N LYS C 594 22.28 17.02 -7.60
CA LYS C 594 21.73 16.82 -8.94
C LYS C 594 22.06 17.99 -9.86
N GLU C 595 21.94 19.22 -9.36
CA GLU C 595 22.09 20.39 -10.22
C GLU C 595 23.52 20.54 -10.71
N VAL C 596 24.51 20.38 -9.82
CA VAL C 596 25.89 20.54 -10.25
C VAL C 596 26.33 19.36 -11.10
N VAL C 597 25.79 18.16 -10.86
CA VAL C 597 26.10 17.03 -11.72
C VAL C 597 25.54 17.25 -13.12
N LEU C 598 24.33 17.81 -13.21
CA LEU C 598 23.79 18.18 -14.51
C LEU C 598 24.64 19.25 -15.17
N THR C 599 25.14 20.21 -14.39
CA THR C 599 26.03 21.23 -14.94
C THR C 599 27.29 20.62 -15.51
N ILE C 600 27.88 19.66 -14.79
CA ILE C 600 29.09 18.98 -15.29
C ILE C 600 28.78 18.20 -16.56
N ILE C 601 27.64 17.49 -16.58
CA ILE C 601 27.29 16.69 -17.75
C ILE C 601 27.09 17.58 -18.97
N ARG C 602 26.39 18.71 -18.81
CA ARG C 602 26.13 19.61 -19.91
C ARG C 602 27.29 20.53 -20.22
N SER C 603 28.36 20.49 -19.42
CA SER C 603 29.53 21.31 -19.67
C SER C 603 30.29 20.80 -20.90
N LYS C 604 31.09 21.69 -21.48
CA LYS C 604 31.92 21.32 -22.62
C LYS C 604 33.11 20.46 -22.20
N ARG C 605 33.37 20.31 -20.91
CA ARG C 605 34.47 19.50 -20.41
C ARG C 605 33.97 18.22 -19.73
N TRP C 606 32.78 17.75 -20.09
CA TRP C 606 32.23 16.56 -19.45
C TRP C 606 33.09 15.33 -19.74
N ASP C 607 33.59 15.21 -20.96
CA ASP C 607 34.44 14.06 -21.31
C ASP C 607 35.72 14.07 -20.50
N GLU C 608 36.28 15.26 -20.25
CA GLU C 608 37.50 15.35 -19.43
C GLU C 608 37.24 14.95 -17.98
N CYS C 609 36.09 15.36 -17.43
CA CYS C 609 35.75 14.97 -16.07
C CYS C 609 35.43 13.49 -15.97
N LEU C 610 34.96 12.90 -17.07
CA LEU C 610 34.65 11.48 -17.07
C LEU C 610 35.91 10.62 -16.93
N LYS C 611 37.04 11.10 -17.44
CA LYS C 611 38.27 10.32 -17.47
C LYS C 611 39.05 10.36 -16.17
N ILE C 612 38.68 11.22 -15.23
CA ILE C 612 39.47 11.44 -14.02
C ILE C 612 38.88 10.58 -12.92
N PHE C 613 39.49 9.42 -12.69
CA PHE C 613 39.20 8.57 -11.55
C PHE C 613 40.30 7.52 -11.47
N SER C 614 40.34 6.83 -10.33
CA SER C 614 41.31 5.78 -10.09
C SER C 614 40.62 4.42 -10.15
N HIS C 615 41.19 3.50 -10.94
CA HIS C 615 40.64 2.16 -11.05
C HIS C 615 40.79 1.34 -9.77
N ASN C 616 41.66 1.78 -8.85
CA ASN C 616 41.91 1.04 -7.61
C ASN C 616 41.25 1.69 -6.40
N SER C 617 40.38 2.68 -6.60
CA SER C 617 39.67 3.31 -5.50
C SER C 617 38.38 2.56 -5.22
N PRO C 618 38.19 1.99 -4.03
CA PRO C 618 36.92 1.28 -3.77
C PRO C 618 35.72 2.21 -3.69
N GLY C 619 35.86 3.34 -3.02
CA GLY C 619 34.73 4.25 -2.84
C GLY C 619 34.47 5.13 -4.05
N ASN C 620 35.53 5.64 -4.67
CA ASN C 620 35.41 6.54 -5.82
C ASN C 620 35.66 5.73 -7.08
N LYS C 621 34.61 5.05 -7.54
CA LYS C 621 34.67 4.21 -8.72
C LYS C 621 34.48 5.07 -9.97
N CYS C 622 34.23 4.43 -11.11
CA CYS C 622 33.99 5.15 -12.34
C CYS C 622 32.74 6.03 -12.17
N PRO C 623 32.77 7.28 -12.64
CA PRO C 623 31.63 8.18 -12.41
C PRO C 623 30.32 7.71 -13.02
N ILE C 624 30.35 6.86 -14.05
CA ILE C 624 29.10 6.34 -14.60
C ILE C 624 28.43 5.40 -13.61
N THR C 625 29.20 4.50 -12.98
CA THR C 625 28.65 3.62 -11.97
C THR C 625 28.14 4.42 -10.77
N GLU C 626 28.90 5.43 -10.36
CA GLU C 626 28.45 6.28 -9.26
C GLU C 626 27.17 7.02 -9.60
N MET C 627 27.05 7.48 -10.85
CA MET C 627 25.82 8.13 -11.29
C MET C 627 24.65 7.16 -11.25
N ILE C 628 24.86 5.93 -11.70
CA ILE C 628 23.79 4.94 -11.65
C ILE C 628 23.38 4.65 -10.21
N GLU C 629 24.36 4.61 -9.30
CA GLU C 629 24.08 4.25 -7.92
C GLU C 629 23.45 5.40 -7.12
N TYR C 630 23.79 6.64 -7.44
CA TYR C 630 23.44 7.78 -6.60
C TYR C 630 22.43 8.73 -7.24
N LEU C 631 22.61 9.08 -8.51
CA LEU C 631 21.75 10.04 -9.20
C LEU C 631 21.30 9.44 -10.53
N PRO C 632 20.40 8.47 -10.51
CA PRO C 632 19.92 7.87 -11.77
C PRO C 632 19.22 8.85 -12.68
N GLU C 633 18.68 9.95 -12.16
CA GLU C 633 18.08 10.96 -13.02
C GLU C 633 19.13 11.64 -13.89
N CYS C 634 20.30 11.93 -13.32
CA CYS C 634 21.40 12.47 -14.11
C CYS C 634 21.87 11.46 -15.14
N MET C 635 21.84 10.18 -14.80
CA MET C 635 22.19 9.15 -15.76
C MET C 635 21.18 9.10 -16.90
N LYS C 636 19.88 9.30 -16.59
CA LYS C 636 18.88 9.38 -17.64
C LYS C 636 19.11 10.58 -18.55
N VAL C 637 19.46 11.72 -17.96
CA VAL C 637 19.78 12.90 -18.77
C VAL C 637 20.97 12.62 -19.67
N LEU C 638 21.99 11.96 -19.13
CA LEU C 638 23.17 11.60 -19.91
C LEU C 638 22.83 10.65 -21.04
N LEU C 639 21.95 9.67 -20.78
CA LEU C 639 21.56 8.71 -21.80
C LEU C 639 20.69 9.35 -22.88
N ASP C 640 19.93 10.38 -22.53
CA ASP C 640 19.13 11.07 -23.54
C ASP C 640 20.00 11.73 -24.59
N PHE C 641 21.24 12.08 -24.25
CA PHE C 641 22.18 12.63 -25.21
C PHE C 641 22.78 11.55 -26.10
N CYS C 642 22.64 10.28 -25.76
CA CYS C 642 23.20 9.19 -26.54
C CYS C 642 22.27 8.68 -27.63
N MET C 643 21.05 9.19 -27.70
CA MET C 643 20.11 8.88 -28.77
C MET C 643 19.82 10.15 -29.55
N LEU C 644 20.34 10.24 -30.77
CA LEU C 644 20.22 11.43 -31.61
C LEU C 644 19.22 11.14 -32.72
N HIS C 645 18.08 11.83 -32.68
CA HIS C 645 17.07 11.68 -33.71
C HIS C 645 17.42 12.47 -34.96
N TYR C 656 15.86 8.20 -38.65
CA TYR C 656 17.15 7.54 -38.49
C TYR C 656 17.76 7.86 -37.14
N ILE C 657 17.22 7.26 -36.09
CA ILE C 657 17.72 7.45 -34.73
C ILE C 657 18.99 6.64 -34.56
N GLU C 658 20.02 7.25 -33.98
CA GLU C 658 21.27 6.59 -33.68
C GLU C 658 21.47 6.54 -32.17
N TYR C 659 21.70 5.34 -31.64
CA TYR C 659 21.94 5.12 -30.22
C TYR C 659 23.43 4.85 -30.03
N ASN C 660 24.04 5.60 -29.11
CA ASN C 660 25.45 5.47 -28.79
C ASN C 660 25.60 4.77 -27.44
N PHE C 661 26.48 3.78 -27.39
CA PHE C 661 26.70 2.99 -26.19
C PHE C 661 28.08 3.26 -25.58
N LYS C 662 28.52 4.52 -25.64
CA LYS C 662 29.83 4.88 -25.13
C LYS C 662 29.89 4.76 -23.61
N TYR C 663 28.80 5.11 -22.92
CA TYR C 663 28.77 5.09 -21.46
C TYR C 663 28.24 3.79 -20.90
N LEU C 664 27.90 2.81 -21.74
CA LEU C 664 27.23 1.61 -21.29
C LEU C 664 28.17 0.44 -21.00
N GLN C 665 29.46 0.56 -21.31
CA GLN C 665 30.39 -0.49 -20.96
C GLN C 665 31.81 0.09 -20.88
N CYS C 666 32.60 -0.48 -19.99
CA CYS C 666 33.98 -0.06 -19.78
C CYS C 666 34.95 -1.07 -20.37
N ILE C 680 40.34 -5.75 -13.60
CA ILE C 680 39.34 -6.56 -14.29
C ILE C 680 37.94 -6.03 -14.00
N TYR C 681 37.14 -5.88 -15.06
CA TYR C 681 35.78 -5.39 -14.94
C TYR C 681 34.81 -6.41 -15.54
N GLU C 682 33.66 -6.55 -14.92
CA GLU C 682 32.64 -7.45 -15.43
C GLU C 682 32.05 -6.91 -16.73
N PRO C 683 31.63 -7.80 -17.63
CA PRO C 683 31.00 -7.34 -18.87
C PRO C 683 29.67 -6.66 -18.58
N LEU C 684 29.28 -5.75 -19.48
CA LEU C 684 28.04 -4.99 -19.34
C LEU C 684 28.01 -4.27 -18.00
N THR C 685 29.07 -3.52 -17.72
CA THR C 685 29.28 -2.95 -16.39
C THR C 685 28.14 -2.01 -16.01
N ALA C 686 27.76 -1.12 -16.92
CA ALA C 686 26.69 -0.17 -16.63
C ALA C 686 25.37 -0.89 -16.41
N LEU C 687 25.05 -1.87 -17.25
CA LEU C 687 23.79 -2.58 -17.11
C LEU C 687 23.79 -3.47 -15.88
N ASN C 688 24.93 -4.07 -15.54
CA ASN C 688 25.01 -4.83 -14.30
C ASN C 688 24.84 -3.93 -13.08
N ALA C 689 25.38 -2.72 -13.13
CA ALA C 689 25.15 -1.75 -12.06
C ALA C 689 23.69 -1.35 -11.99
N MET C 690 23.05 -1.19 -13.14
CA MET C 690 21.62 -0.84 -13.18
C MET C 690 20.79 -1.95 -12.56
N VAL C 691 21.12 -3.20 -12.85
CA VAL C 691 20.38 -4.33 -12.27
C VAL C 691 20.60 -4.40 -10.77
N GLN C 692 21.84 -4.25 -10.32
CA GLN C 692 22.15 -4.34 -8.90
C GLN C 692 21.50 -3.23 -8.09
N ASN C 693 21.15 -2.12 -8.72
CA ASN C 693 20.56 -0.98 -8.04
C ASN C 693 19.07 -0.82 -8.32
N ASN C 694 18.44 -1.84 -8.91
CA ASN C 694 17.00 -1.83 -9.20
C ASN C 694 16.61 -0.61 -10.03
N ARG C 695 17.44 -0.28 -11.02
CA ARG C 695 17.20 0.87 -11.88
C ARG C 695 16.41 0.44 -13.11
N ILE C 696 15.15 0.05 -12.85
CA ILE C 696 14.29 -0.42 -13.92
C ILE C 696 13.96 0.71 -14.88
N GLU C 697 13.81 1.94 -14.38
CA GLU C 697 13.57 3.07 -15.26
C GLU C 697 14.79 3.37 -16.13
N LEU C 698 15.99 3.04 -15.64
CA LEU C 698 17.20 3.16 -16.46
C LEU C 698 17.31 2.01 -17.44
N LEU C 699 16.97 0.79 -17.01
CA LEU C 699 17.07 -0.37 -17.88
C LEU C 699 16.04 -0.35 -18.99
N ASN C 700 14.94 0.36 -18.81
CA ASN C 700 13.91 0.49 -19.83
C ASN C 700 14.17 1.63 -20.80
N HIS C 701 15.29 2.32 -20.65
CA HIS C 701 15.63 3.41 -21.56
C HIS C 701 15.86 2.84 -22.96
N PRO C 702 15.46 3.57 -24.01
CA PRO C 702 15.68 3.06 -25.37
C PRO C 702 17.13 2.77 -25.69
N VAL C 703 18.07 3.52 -25.11
CA VAL C 703 19.48 3.27 -25.35
C VAL C 703 19.88 1.92 -24.76
N CYS C 704 19.43 1.62 -23.54
CA CYS C 704 19.77 0.35 -22.90
C CYS C 704 19.05 -0.81 -23.57
N LYS C 705 17.81 -0.58 -24.01
CA LYS C 705 17.10 -1.61 -24.76
C LYS C 705 17.82 -1.94 -26.06
N GLU C 706 18.28 -0.92 -26.78
CA GLU C 706 19.00 -1.16 -28.02
C GLU C 706 20.37 -1.78 -27.76
N TYR C 707 20.99 -1.45 -26.64
CA TYR C 707 22.25 -2.09 -26.27
C TYR C 707 22.06 -3.58 -26.04
N LEU C 708 21.02 -3.95 -25.28
CA LEU C 708 20.74 -5.36 -25.03
C LEU C 708 20.36 -6.09 -26.31
N LEU C 709 19.57 -5.44 -27.18
CA LEU C 709 19.20 -6.06 -28.44
C LEU C 709 20.41 -6.23 -29.35
N MET C 710 21.33 -5.28 -29.33
CA MET C 710 22.57 -5.40 -30.09
C MET C 710 23.40 -6.58 -29.60
N LYS C 711 23.55 -6.72 -28.28
CA LYS C 711 24.30 -7.86 -27.76
C LYS C 711 23.62 -9.18 -28.12
N TRP C 712 22.29 -9.21 -28.01
CA TRP C 712 21.52 -10.37 -28.42
C TRP C 712 21.85 -10.76 -29.85
N LEU C 713 21.51 -9.87 -30.80
CA LEU C 713 21.72 -10.14 -32.22
C LEU C 713 23.18 -10.31 -32.59
N ALA C 714 24.11 -9.89 -31.72
CA ALA C 714 25.52 -10.04 -32.01
C ALA C 714 26.01 -11.45 -31.67
N TYR C 715 25.83 -11.87 -30.41
CA TYR C 715 26.29 -13.20 -30.03
C TYR C 715 25.30 -14.02 -29.21
N GLY C 716 24.33 -13.40 -28.52
CA GLY C 716 23.55 -14.13 -27.56
C GLY C 716 22.53 -15.04 -28.21
N PHE C 717 21.83 -14.52 -29.21
CA PHE C 717 20.86 -15.33 -29.94
C PHE C 717 21.54 -16.51 -30.62
N ARG C 718 22.71 -16.27 -31.24
CA ARG C 718 23.43 -17.34 -31.90
C ARG C 718 23.88 -18.40 -30.91
N ALA C 719 24.42 -17.99 -29.76
CA ALA C 719 24.89 -18.96 -28.78
C ALA C 719 23.75 -19.80 -28.23
N HIS C 720 22.64 -19.14 -27.85
CA HIS C 720 21.51 -19.88 -27.32
C HIS C 720 20.90 -20.80 -28.38
N MET C 721 20.87 -20.35 -29.64
CA MET C 721 20.31 -21.19 -30.68
C MET C 721 21.20 -22.39 -30.97
N MET C 722 22.52 -22.23 -30.88
CA MET C 722 23.40 -23.39 -31.03
C MET C 722 23.18 -24.38 -29.89
N ASN C 723 23.07 -23.89 -28.66
CA ASN C 723 22.81 -24.78 -27.53
C ASN C 723 21.47 -25.50 -27.69
N LEU C 724 20.43 -24.76 -28.08
CA LEU C 724 19.10 -25.34 -28.24
C LEU C 724 19.07 -26.34 -29.37
N GLY C 725 19.74 -26.05 -30.49
CA GLY C 725 19.80 -27.01 -31.58
C GLY C 725 20.57 -28.26 -31.22
N SER C 726 21.63 -28.11 -30.43
CA SER C 726 22.35 -29.28 -29.94
C SER C 726 21.45 -30.16 -29.08
N TYR C 727 20.64 -29.54 -28.21
CA TYR C 727 19.69 -30.32 -27.42
C TYR C 727 18.63 -30.97 -28.31
N CYS C 728 18.09 -30.21 -29.27
CA CYS C 728 17.02 -30.72 -30.12
C CYS C 728 17.50 -31.85 -31.01
N LEU C 729 18.80 -31.89 -31.32
CA LEU C 729 19.34 -32.99 -32.12
C LEU C 729 19.17 -34.34 -31.45
N GLY C 730 18.92 -34.36 -30.14
CA GLY C 730 18.59 -35.60 -29.46
C GLY C 730 17.15 -35.61 -28.98
N LEU C 731 16.56 -34.42 -28.83
CA LEU C 731 15.18 -34.34 -28.36
C LEU C 731 14.18 -34.75 -29.45
N ILE C 732 14.42 -34.33 -30.69
CA ILE C 732 13.48 -34.58 -31.77
C ILE C 732 13.56 -36.02 -32.25
N PRO C 733 14.76 -36.59 -32.51
CA PRO C 733 14.81 -38.01 -32.91
C PRO C 733 14.22 -38.95 -31.87
N MET C 734 14.38 -38.64 -30.59
CA MET C 734 13.79 -39.49 -29.55
C MET C 734 12.27 -39.45 -29.61
N THR C 735 11.69 -38.26 -29.79
CA THR C 735 10.25 -38.15 -29.92
C THR C 735 9.75 -38.86 -31.17
N ILE C 736 10.50 -38.76 -32.26
CA ILE C 736 10.13 -39.47 -33.49
C ILE C 736 10.15 -40.98 -33.25
N LEU C 737 11.17 -41.47 -32.54
CA LEU C 737 11.23 -42.89 -32.21
C LEU C 737 10.04 -43.33 -31.37
N VAL C 738 9.69 -42.53 -30.35
CA VAL C 738 8.62 -42.91 -29.43
C VAL C 738 7.28 -43.00 -30.15
N VAL C 739 6.99 -42.03 -31.02
CA VAL C 739 5.69 -41.99 -31.68
C VAL C 739 5.63 -42.86 -32.94
N ASN C 740 6.74 -43.47 -33.35
CA ASN C 740 6.75 -44.29 -34.55
C ASN C 740 6.93 -45.78 -34.27
N ILE C 741 7.41 -46.15 -33.08
CA ILE C 741 7.55 -47.54 -32.67
C ILE C 741 6.55 -47.80 -31.55
N LYS C 742 5.81 -48.90 -31.66
CA LYS C 742 4.86 -49.28 -30.64
C LYS C 742 5.57 -49.53 -29.32
N PRO C 743 5.19 -48.86 -28.24
CA PRO C 743 5.89 -49.07 -26.96
C PRO C 743 5.79 -50.52 -26.49
N GLY C 744 6.86 -50.98 -25.86
CA GLY C 744 6.96 -52.35 -25.41
C GLY C 744 7.56 -53.31 -26.40
N MET C 745 7.83 -52.86 -27.63
CA MET C 745 8.37 -53.72 -28.69
C MET C 745 9.85 -53.44 -28.88
N ALA C 746 10.64 -54.51 -28.94
CA ALA C 746 12.07 -54.36 -29.17
C ALA C 746 12.34 -53.90 -30.60
N PHE C 747 13.34 -53.03 -30.75
CA PHE C 747 13.74 -52.55 -32.06
C PHE C 747 15.23 -52.30 -32.08
N ASN C 748 15.81 -52.33 -33.27
CA ASN C 748 17.22 -52.04 -33.46
C ASN C 748 17.35 -51.25 -34.76
N SER C 749 18.58 -51.16 -35.28
CA SER C 749 18.80 -50.45 -36.54
C SER C 749 18.05 -51.10 -37.69
N THR C 750 17.97 -52.44 -37.68
CA THR C 750 17.27 -53.14 -38.76
C THR C 750 15.79 -52.78 -38.80
N GLY C 751 15.15 -52.73 -37.65
CA GLY C 751 13.74 -52.39 -37.59
C GLY C 751 13.13 -52.83 -36.28
N ILE C 752 11.81 -53.01 -36.30
CA ILE C 752 11.05 -53.42 -35.12
C ILE C 752 11.03 -54.94 -35.08
N ILE C 753 11.68 -55.51 -34.07
CA ILE C 753 11.74 -56.96 -33.93
C ILE C 753 10.38 -57.51 -33.54
N LEU C 763 10.24 -59.36 -37.76
CA LEU C 763 10.96 -58.13 -38.05
C LEU C 763 10.19 -57.28 -39.06
N ASP C 764 10.02 -56.00 -38.73
CA ASP C 764 9.25 -55.07 -39.56
C ASP C 764 10.23 -54.00 -40.05
N THR C 765 10.80 -54.23 -41.24
CA THR C 765 11.76 -53.30 -41.84
C THR C 765 11.03 -52.46 -42.89
N THR C 766 10.23 -51.51 -42.41
CA THR C 766 9.51 -50.58 -43.26
C THR C 766 9.98 -49.14 -43.08
N ASN C 767 10.07 -48.68 -41.83
CA ASN C 767 10.64 -47.37 -41.49
C ASN C 767 12.07 -47.52 -41.00
N SER C 768 12.81 -48.48 -41.56
CA SER C 768 14.12 -48.84 -41.04
C SER C 768 15.10 -47.67 -41.13
N TYR C 769 15.08 -46.93 -42.23
CA TYR C 769 16.01 -45.81 -42.38
C TYR C 769 15.75 -44.74 -41.33
N LEU C 770 14.49 -44.39 -41.13
CA LEU C 770 14.15 -43.38 -40.13
C LEU C 770 14.52 -43.85 -38.73
N ILE C 771 14.25 -45.11 -38.41
CA ILE C 771 14.57 -45.64 -37.09
C ILE C 771 16.08 -45.61 -36.86
N LYS C 772 16.85 -46.06 -37.85
CA LYS C 772 18.30 -46.08 -37.69
C LYS C 772 18.87 -44.67 -37.57
N THR C 773 18.38 -43.74 -38.39
CA THR C 773 18.85 -42.36 -38.32
C THR C 773 18.55 -41.75 -36.96
N CYS C 774 17.33 -41.95 -36.45
CA CYS C 774 16.97 -41.39 -35.15
C CYS C 774 17.77 -42.04 -34.03
N MET C 775 18.00 -43.35 -34.11
CA MET C 775 18.80 -44.03 -33.10
C MET C 775 20.23 -43.49 -33.09
N ILE C 776 20.83 -43.31 -34.27
CA ILE C 776 22.18 -42.77 -34.35
C ILE C 776 22.23 -41.36 -33.81
N LEU C 777 21.24 -40.54 -34.16
CA LEU C 777 21.21 -39.15 -33.67
C LEU C 777 21.08 -39.10 -32.16
N VAL C 778 20.20 -39.94 -31.59
CA VAL C 778 20.05 -39.96 -30.14
C VAL C 778 21.34 -40.40 -29.46
N PHE C 779 21.97 -41.45 -29.99
CA PHE C 779 23.23 -41.93 -29.40
C PHE C 779 24.31 -40.85 -29.47
N LEU C 780 24.45 -40.19 -30.62
CA LEU C 780 25.47 -39.17 -30.79
C LEU C 780 25.21 -37.97 -29.87
N SER C 781 23.95 -37.55 -29.76
CA SER C 781 23.63 -36.44 -28.87
C SER C 781 23.86 -36.82 -27.41
N SER C 782 23.62 -38.07 -27.05
CA SER C 782 23.82 -38.50 -25.67
C SER C 782 25.30 -38.56 -25.32
N ILE C 783 26.13 -39.08 -26.22
CA ILE C 783 27.56 -39.11 -25.94
C ILE C 783 28.16 -37.70 -26.05
N PHE C 784 27.63 -36.88 -26.96
CA PHE C 784 28.08 -35.49 -27.04
C PHE C 784 27.65 -34.70 -25.81
N GLY C 785 26.46 -35.00 -25.28
CA GLY C 785 26.01 -34.37 -24.06
C GLY C 785 26.83 -34.75 -22.84
N TYR C 786 27.49 -35.90 -22.88
CA TYR C 786 28.44 -36.26 -21.84
C TYR C 786 29.69 -35.39 -21.89
N CYS C 787 29.93 -34.70 -23.00
CA CYS C 787 31.09 -33.83 -23.19
C CYS C 787 30.65 -32.38 -23.35
N LYS C 788 29.69 -31.95 -22.54
CA LYS C 788 29.17 -30.59 -22.62
C LYS C 788 28.60 -30.13 -21.28
N ASP C 803 23.88 -29.13 -8.84
CA ASP C 803 22.85 -28.45 -9.62
C ASP C 803 21.83 -29.43 -10.20
N ILE C 804 20.58 -28.99 -10.25
CA ILE C 804 19.50 -29.86 -10.73
C ILE C 804 19.62 -30.12 -12.22
N SER C 805 20.01 -29.09 -12.98
CA SER C 805 20.06 -29.23 -14.44
C SER C 805 21.07 -30.29 -14.88
N ASN C 806 22.23 -30.36 -14.22
CA ASN C 806 23.20 -31.39 -14.56
C ASN C 806 22.67 -32.79 -14.26
N VAL C 807 21.97 -32.94 -13.13
CA VAL C 807 21.37 -34.23 -12.81
C VAL C 807 20.35 -34.62 -13.87
N LEU C 808 19.51 -33.66 -14.28
CA LEU C 808 18.51 -33.93 -15.31
C LEU C 808 19.16 -34.35 -16.61
N GLU C 809 20.21 -33.62 -17.03
CA GLU C 809 20.87 -33.94 -18.28
C GLU C 809 21.58 -35.30 -18.21
N TRP C 810 22.19 -35.62 -17.08
CA TRP C 810 22.83 -36.92 -16.93
C TRP C 810 21.82 -38.05 -17.03
N ILE C 811 20.67 -37.90 -16.36
CA ILE C 811 19.61 -38.90 -16.46
C ILE C 811 19.15 -39.02 -17.91
N ILE C 812 18.98 -37.87 -18.58
CA ILE C 812 18.53 -37.88 -19.97
C ILE C 812 19.48 -38.66 -20.85
N TYR C 813 20.77 -38.38 -20.73
CA TYR C 813 21.75 -39.02 -21.61
C TYR C 813 21.88 -40.50 -21.31
N THR C 814 21.89 -40.88 -20.04
CA THR C 814 22.00 -42.30 -19.69
C THR C 814 20.79 -43.08 -20.19
N THR C 815 19.58 -42.57 -19.93
CA THR C 815 18.37 -43.29 -20.34
C THR C 815 18.21 -43.28 -21.86
N GLY C 816 18.65 -42.22 -22.54
CA GLY C 816 18.64 -42.22 -23.99
C GLY C 816 19.62 -43.21 -24.58
N ILE C 817 20.79 -43.37 -23.96
CA ILE C 817 21.74 -44.38 -24.41
C ILE C 817 21.13 -45.76 -24.27
N ILE C 818 20.54 -46.04 -23.10
CA ILE C 818 19.95 -47.37 -22.89
C ILE C 818 18.77 -47.60 -23.83
N PHE C 819 18.02 -46.55 -24.17
CA PHE C 819 16.89 -46.70 -25.08
C PHE C 819 17.35 -47.13 -26.47
N VAL C 820 18.42 -46.54 -26.97
CA VAL C 820 18.95 -46.87 -28.29
C VAL C 820 20.18 -47.78 -28.19
N LEU C 821 20.34 -48.48 -27.07
CA LEU C 821 21.44 -49.43 -26.93
C LEU C 821 21.43 -50.54 -27.99
N PRO C 822 20.28 -51.12 -28.39
CA PRO C 822 20.32 -52.20 -29.40
C PRO C 822 20.97 -51.80 -30.72
N LEU C 823 21.39 -50.54 -30.86
CA LEU C 823 22.23 -50.16 -31.98
C LEU C 823 23.54 -50.93 -31.98
N PHE C 824 24.05 -51.29 -30.80
CA PHE C 824 25.27 -52.07 -30.68
C PHE C 824 25.06 -53.40 -29.96
N VAL C 825 24.42 -53.39 -28.80
CA VAL C 825 24.27 -54.58 -27.97
C VAL C 825 22.79 -54.81 -27.69
N GLU C 826 22.32 -56.03 -27.90
CA GLU C 826 20.91 -56.35 -27.69
C GLU C 826 20.54 -56.28 -26.22
N ILE C 827 19.38 -55.69 -25.94
CA ILE C 827 18.83 -55.60 -24.59
C ILE C 827 17.35 -56.00 -24.65
N PRO C 828 16.78 -56.43 -23.52
CA PRO C 828 15.36 -56.77 -23.52
C PRO C 828 14.49 -55.55 -23.79
N ALA C 829 13.32 -55.79 -24.40
CA ALA C 829 12.42 -54.70 -24.74
C ALA C 829 11.89 -54.00 -23.50
N HIS C 830 11.70 -54.74 -22.41
CA HIS C 830 11.17 -54.14 -21.19
C HIS C 830 12.10 -53.05 -20.67
N LEU C 831 13.39 -53.36 -20.53
CA LEU C 831 14.35 -52.36 -20.07
C LEU C 831 14.47 -51.22 -21.06
N GLN C 832 14.46 -51.54 -22.36
CA GLN C 832 14.56 -50.51 -23.40
C GLN C 832 13.45 -49.49 -23.27
N TRP C 833 12.20 -49.94 -23.17
CA TRP C 833 11.10 -49.01 -23.12
C TRP C 833 10.92 -48.39 -21.73
N GLN C 834 11.36 -49.09 -20.68
CA GLN C 834 11.38 -48.48 -19.35
C GLN C 834 12.32 -47.29 -19.32
N CYS C 835 13.48 -47.41 -19.97
CA CYS C 835 14.38 -46.27 -20.08
C CYS C 835 13.88 -45.23 -21.08
N GLY C 836 13.17 -45.67 -22.13
CA GLY C 836 12.64 -44.73 -23.09
C GLY C 836 11.57 -43.81 -22.50
N ALA C 837 10.70 -44.35 -21.64
CA ALA C 837 9.70 -43.52 -20.98
C ALA C 837 10.38 -42.44 -20.14
N ILE C 838 11.36 -42.84 -19.32
CA ILE C 838 12.08 -41.89 -18.48
C ILE C 838 12.79 -40.85 -19.34
N ALA C 839 13.44 -41.30 -20.41
CA ALA C 839 14.20 -40.39 -21.25
C ALA C 839 13.31 -39.38 -21.95
N VAL C 840 12.18 -39.81 -22.50
CA VAL C 840 11.31 -38.87 -23.20
C VAL C 840 10.66 -37.90 -22.21
N TYR C 841 10.27 -38.38 -21.03
CA TYR C 841 9.69 -37.51 -20.03
C TYR C 841 10.67 -36.43 -19.59
N PHE C 842 11.90 -36.83 -19.25
CA PHE C 842 12.88 -35.85 -18.79
C PHE C 842 13.43 -35.01 -19.93
N TYR C 843 13.40 -35.52 -21.17
CA TYR C 843 13.78 -34.71 -22.32
C TYR C 843 12.83 -33.54 -22.48
N TRP C 844 11.52 -33.81 -22.43
CA TRP C 844 10.57 -32.72 -22.59
C TRP C 844 10.42 -31.89 -21.33
N MET C 845 10.80 -32.41 -20.17
CA MET C 845 10.79 -31.60 -18.95
C MET C 845 11.98 -30.66 -18.90
N ASN C 846 13.16 -31.14 -19.30
CA ASN C 846 14.36 -30.30 -19.29
C ASN C 846 14.35 -29.28 -20.42
N PHE C 847 13.54 -29.48 -21.45
CA PHE C 847 13.39 -28.49 -22.51
C PHE C 847 12.81 -27.18 -22.00
N LEU C 848 12.06 -27.23 -20.90
CA LEU C 848 11.56 -26.00 -20.28
C LEU C 848 12.67 -25.14 -19.73
N LEU C 849 13.82 -25.72 -19.40
CA LEU C 849 14.96 -24.95 -18.93
C LEU C 849 15.65 -24.22 -20.07
N TYR C 850 15.54 -24.74 -21.30
CA TYR C 850 16.06 -24.01 -22.45
C TYR C 850 15.15 -22.86 -22.83
N LEU C 851 13.86 -22.97 -22.53
CA LEU C 851 12.90 -21.91 -22.82
C LEU C 851 13.00 -20.74 -21.85
N GLN C 852 13.67 -20.92 -20.71
CA GLN C 852 13.83 -19.84 -19.74
C GLN C 852 14.69 -18.71 -20.28
N ARG C 853 15.43 -18.94 -21.37
CA ARG C 853 16.28 -17.93 -21.99
C ARG C 853 15.58 -17.22 -23.15
N PHE C 854 14.28 -17.03 -23.04
CA PHE C 854 13.50 -16.27 -24.01
C PHE C 854 12.65 -15.26 -23.27
N GLU C 855 12.35 -14.15 -23.95
CA GLU C 855 11.65 -13.05 -23.30
C GLU C 855 10.25 -13.45 -22.86
N ASN C 856 9.53 -14.18 -23.71
CA ASN C 856 8.14 -14.52 -23.45
C ASN C 856 7.97 -15.71 -22.51
N CYS C 857 9.03 -16.48 -22.25
CA CYS C 857 8.92 -17.69 -21.47
C CYS C 857 9.65 -17.66 -20.13
N GLY C 858 10.60 -16.75 -19.95
CA GLY C 858 11.44 -16.81 -18.77
C GLY C 858 10.68 -16.57 -17.47
N ILE C 859 9.78 -15.59 -17.47
CA ILE C 859 9.06 -15.26 -16.24
C ILE C 859 8.10 -16.37 -15.85
N PHE C 860 7.47 -17.01 -16.83
CA PHE C 860 6.59 -18.15 -16.52
C PHE C 860 7.37 -19.30 -15.91
N ILE C 861 8.57 -19.57 -16.42
CA ILE C 861 9.39 -20.62 -15.84
C ILE C 861 9.85 -20.24 -14.43
N VAL C 862 10.14 -18.96 -14.20
CA VAL C 862 10.49 -18.50 -12.87
C VAL C 862 9.33 -18.72 -11.91
N MET C 863 8.12 -18.39 -12.34
CA MET C 863 6.93 -18.61 -11.50
C MET C 863 6.71 -20.08 -11.22
N LEU C 864 6.88 -20.92 -12.24
CA LEU C 864 6.71 -22.36 -12.05
C LEU C 864 7.71 -22.88 -11.04
N GLU C 865 8.96 -22.43 -11.12
CA GLU C 865 9.98 -22.84 -10.17
C GLU C 865 9.62 -22.40 -8.75
N VAL C 866 9.15 -21.16 -8.60
CA VAL C 866 8.80 -20.66 -7.27
C VAL C 866 7.65 -21.47 -6.68
N ILE C 867 6.62 -21.74 -7.48
CA ILE C 867 5.46 -22.49 -6.99
C ILE C 867 5.88 -23.91 -6.63
N LEU C 868 6.69 -24.55 -7.48
CA LEU C 868 7.11 -25.92 -7.21
C LEU C 868 7.97 -26.01 -5.96
N LYS C 869 8.89 -25.05 -5.77
CA LYS C 869 9.73 -25.07 -4.58
C LYS C 869 8.91 -24.83 -3.31
N THR C 870 7.95 -23.90 -3.38
CA THR C 870 7.07 -23.68 -2.23
C THR C 870 6.27 -24.93 -1.90
N LEU C 871 5.77 -25.63 -2.93
CA LEU C 871 5.04 -26.87 -2.68
C LEU C 871 5.95 -27.93 -2.07
N LEU C 872 7.15 -28.09 -2.61
CA LEU C 872 8.05 -29.13 -2.13
C LEU C 872 8.50 -28.88 -0.70
N ARG C 873 8.70 -27.62 -0.33
CA ARG C 873 9.02 -27.31 1.06
C ARG C 873 7.85 -27.59 2.00
N SER C 874 6.63 -27.71 1.46
CA SER C 874 5.45 -27.95 2.27
C SER C 874 5.00 -29.40 2.27
N THR C 875 5.45 -30.21 1.30
CA THR C 875 5.08 -31.63 1.28
C THR C 875 5.70 -32.38 2.45
N VAL C 876 6.88 -31.97 2.90
CA VAL C 876 7.51 -32.61 4.05
C VAL C 876 6.72 -32.42 5.33
N VAL C 877 5.71 -31.56 5.31
CA VAL C 877 4.84 -31.33 6.46
C VAL C 877 3.51 -32.05 6.29
N PHE C 878 2.85 -31.89 5.15
CA PHE C 878 1.53 -32.47 4.95
C PHE C 878 1.58 -33.93 4.50
N ILE C 879 2.78 -34.47 4.27
CA ILE C 879 2.92 -35.90 4.05
C ILE C 879 2.44 -36.67 5.27
N PHE C 880 2.60 -36.09 6.47
CA PHE C 880 2.14 -36.76 7.68
C PHE C 880 0.63 -36.67 7.84
N LEU C 881 0.02 -35.58 7.40
CA LEU C 881 -1.45 -35.52 7.31
C LEU C 881 -1.97 -36.60 6.38
N LEU C 882 -1.35 -36.73 5.20
CA LEU C 882 -1.75 -37.77 4.27
C LEU C 882 -1.51 -39.15 4.85
N LEU C 883 -0.42 -39.32 5.61
CA LEU C 883 -0.14 -40.61 6.25
C LEU C 883 -1.20 -40.96 7.28
N ALA C 884 -1.59 -39.98 8.10
CA ALA C 884 -2.66 -40.20 9.08
C ALA C 884 -3.94 -40.66 8.41
N PHE C 885 -4.39 -39.91 7.41
CA PHE C 885 -5.64 -40.24 6.76
C PHE C 885 -5.54 -41.56 5.99
N GLY C 886 -4.40 -41.82 5.35
CA GLY C 886 -4.24 -43.04 4.61
C GLY C 886 -4.23 -44.28 5.48
N LEU C 887 -3.54 -44.23 6.62
CA LEU C 887 -3.52 -45.37 7.51
C LEU C 887 -4.89 -45.59 8.17
N SER C 888 -5.57 -44.50 8.54
CA SER C 888 -6.91 -44.65 9.10
C SER C 888 -7.87 -45.24 8.07
N PHE C 889 -7.80 -44.79 6.82
CA PHE C 889 -8.64 -45.36 5.77
C PHE C 889 -8.27 -46.80 5.48
N TYR C 890 -6.98 -47.14 5.62
CA TYR C 890 -6.55 -48.52 5.47
C TYR C 890 -7.19 -49.41 6.51
N ILE C 891 -7.26 -48.96 7.76
CA ILE C 891 -7.93 -49.74 8.78
C ILE C 891 -9.44 -49.79 8.53
N LEU C 892 -10.05 -48.65 8.24
CA LEU C 892 -11.50 -48.57 8.16
C LEU C 892 -12.04 -49.20 6.89
N LEU C 893 -11.40 -48.96 5.75
CA LEU C 893 -11.89 -49.41 4.45
C LEU C 893 -11.04 -50.55 3.91
N ASN C 894 -10.57 -51.43 4.80
CA ASN C 894 -9.62 -52.48 4.42
C ASN C 894 -10.21 -53.43 3.39
N LEU C 895 -11.49 -53.77 3.52
CA LEU C 895 -12.12 -54.77 2.67
C LEU C 895 -12.30 -54.31 1.22
N GLN C 896 -11.88 -53.09 0.89
CA GLN C 896 -12.00 -52.56 -0.46
C GLN C 896 -10.63 -52.55 -1.13
N ASP C 897 -10.62 -52.80 -2.44
CA ASP C 897 -9.37 -52.85 -3.19
C ASP C 897 -8.53 -51.57 -3.11
N PRO C 898 -9.11 -50.37 -3.20
CA PRO C 898 -8.25 -49.17 -3.09
C PRO C 898 -7.54 -49.02 -1.76
N PHE C 899 -8.01 -49.67 -0.70
CA PHE C 899 -7.43 -49.54 0.63
C PHE C 899 -6.95 -50.89 1.16
N SER C 900 -6.61 -51.81 0.28
CA SER C 900 -6.22 -53.16 0.69
C SER C 900 -4.81 -53.24 1.24
N SER C 901 -3.96 -52.25 0.95
CA SER C 901 -2.60 -52.19 1.44
C SER C 901 -2.33 -50.81 2.02
N PRO C 902 -1.41 -50.71 2.98
CA PRO C 902 -1.04 -49.37 3.48
C PRO C 902 -0.53 -48.44 2.38
N LEU C 903 0.31 -48.95 1.48
CA LEU C 903 0.84 -48.11 0.41
C LEU C 903 -0.24 -47.74 -0.59
N LEU C 904 -1.09 -48.69 -0.97
CA LEU C 904 -2.20 -48.39 -1.86
C LEU C 904 -3.16 -47.41 -1.21
N SER C 905 -3.40 -47.55 0.09
CA SER C 905 -4.28 -46.62 0.80
C SER C 905 -3.69 -45.22 0.83
N ILE C 906 -2.37 -45.10 1.01
CA ILE C 906 -1.74 -43.79 1.01
C ILE C 906 -1.81 -43.15 -0.37
N ILE C 907 -1.57 -43.94 -1.42
CA ILE C 907 -1.67 -43.41 -2.78
C ILE C 907 -3.10 -42.98 -3.08
N GLN C 908 -4.08 -43.77 -2.64
CA GLN C 908 -5.49 -43.40 -2.84
C GLN C 908 -5.84 -42.11 -2.10
N THR C 909 -5.35 -41.97 -0.87
CA THR C 909 -5.61 -40.75 -0.10
C THR C 909 -4.96 -39.55 -0.77
N PHE C 910 -3.77 -39.73 -1.33
CA PHE C 910 -3.14 -38.67 -2.11
C PHE C 910 -3.95 -38.34 -3.36
N SER C 911 -4.59 -39.34 -3.95
CA SER C 911 -5.36 -39.13 -5.18
C SER C 911 -6.68 -38.41 -4.94
N MET C 912 -7.29 -38.58 -3.77
CA MET C 912 -8.55 -37.93 -3.46
C MET C 912 -8.35 -36.57 -2.82
N MET C 913 -7.13 -36.05 -2.81
CA MET C 913 -6.83 -34.76 -2.23
C MET C 913 -7.30 -33.59 -3.10
N LEU C 914 -7.63 -33.85 -4.36
CA LEU C 914 -8.16 -32.83 -5.25
C LEU C 914 -9.67 -32.79 -5.29
N GLY C 915 -10.35 -33.74 -4.66
CA GLY C 915 -11.81 -33.80 -4.66
C GLY C 915 -12.39 -35.10 -5.17
N ASP C 916 -11.57 -36.01 -5.70
CA ASP C 916 -12.07 -37.30 -6.18
C ASP C 916 -12.12 -38.28 -5.00
N ILE C 917 -13.07 -38.00 -4.11
CA ILE C 917 -13.14 -38.73 -2.84
C ILE C 917 -13.78 -40.09 -3.02
N ASN C 918 -14.57 -40.28 -4.08
CA ASN C 918 -15.26 -41.55 -4.37
C ASN C 918 -16.25 -41.89 -3.25
N TYR C 919 -17.10 -40.92 -2.92
CA TYR C 919 -18.02 -41.09 -1.80
C TYR C 919 -19.00 -42.23 -2.03
N ARG C 920 -19.58 -42.32 -3.23
CA ARG C 920 -20.59 -43.34 -3.47
C ARG C 920 -19.98 -44.73 -3.57
N GLU C 921 -18.86 -44.87 -4.27
CA GLU C 921 -18.27 -46.18 -4.47
C GLU C 921 -17.61 -46.70 -3.20
N SER C 922 -17.13 -45.82 -2.32
CA SER C 922 -16.35 -46.24 -1.16
C SER C 922 -17.08 -46.08 0.16
N PHE C 923 -18.08 -45.21 0.25
CA PHE C 923 -18.75 -44.97 1.52
C PHE C 923 -20.24 -45.27 1.48
N LEU C 924 -20.97 -44.77 0.49
CA LEU C 924 -22.41 -44.89 0.49
C LEU C 924 -22.87 -46.28 0.06
N GLU C 925 -22.39 -46.76 -1.08
CA GLU C 925 -22.78 -48.08 -1.55
C GLU C 925 -22.29 -49.20 -0.64
N PRO C 926 -21.04 -49.21 -0.15
CA PRO C 926 -20.68 -50.23 0.85
C PRO C 926 -21.52 -50.18 2.11
N TYR C 927 -21.90 -48.98 2.56
CA TYR C 927 -22.69 -48.86 3.78
C TYR C 927 -24.10 -49.39 3.58
N LEU C 928 -24.71 -49.08 2.44
CA LEU C 928 -26.05 -49.59 2.17
C LEU C 928 -26.06 -51.09 1.93
N ARG C 929 -24.90 -51.68 1.64
CA ARG C 929 -24.75 -53.13 1.53
C ARG C 929 -24.30 -53.77 2.83
N ASN C 930 -24.18 -52.99 3.90
CA ASN C 930 -23.72 -53.47 5.21
C ASN C 930 -22.33 -54.08 5.13
N GLU C 931 -21.50 -53.55 4.24
CA GLU C 931 -20.12 -54.02 4.09
C GLU C 931 -19.11 -53.05 4.67
N LEU C 932 -19.57 -52.05 5.41
CA LEU C 932 -18.70 -51.05 6.02
C LEU C 932 -18.55 -51.39 7.50
N ALA C 933 -17.42 -52.01 7.84
CA ALA C 933 -17.06 -52.12 9.25
C ALA C 933 -16.74 -50.73 9.79
N HIS C 934 -17.24 -50.44 10.98
CA HIS C 934 -17.17 -49.11 11.57
C HIS C 934 -17.78 -48.08 10.61
N PRO C 935 -19.10 -48.11 10.38
CA PRO C 935 -19.68 -47.13 9.45
C PRO C 935 -19.69 -45.71 9.98
N VAL C 936 -20.02 -45.53 11.26
CA VAL C 936 -20.01 -44.18 11.84
C VAL C 936 -18.59 -43.62 11.82
N LEU C 937 -17.61 -44.44 12.17
CA LEU C 937 -16.22 -44.01 12.12
C LEU C 937 -15.80 -43.67 10.69
N SER C 938 -16.21 -44.47 9.72
CA SER C 938 -15.87 -44.21 8.33
C SER C 938 -16.46 -42.90 7.85
N PHE C 939 -17.72 -42.62 8.19
CA PHE C 939 -18.33 -41.37 7.74
C PHE C 939 -17.74 -40.16 8.46
N ALA C 940 -17.43 -40.31 9.75
CA ALA C 940 -16.78 -39.22 10.48
C ALA C 940 -15.42 -38.90 9.88
N GLN C 941 -14.64 -39.93 9.55
CA GLN C 941 -13.34 -39.70 8.93
C GLN C 941 -13.47 -39.16 7.52
N LEU C 942 -14.51 -39.56 6.79
CA LEU C 942 -14.77 -38.98 5.47
C LEU C 942 -15.01 -37.48 5.57
N VAL C 943 -15.86 -37.07 6.52
CA VAL C 943 -16.13 -35.65 6.71
C VAL C 943 -14.88 -34.91 7.14
N SER C 944 -14.11 -35.48 8.07
CA SER C 944 -12.90 -34.82 8.54
C SER C 944 -11.87 -34.71 7.41
N PHE C 945 -11.75 -35.73 6.58
CA PHE C 945 -10.84 -35.67 5.43
C PHE C 945 -11.26 -34.57 4.48
N THR C 946 -12.55 -34.53 4.13
CA THR C 946 -13.04 -33.50 3.21
C THR C 946 -12.78 -32.11 3.75
N ILE C 947 -12.97 -31.92 5.06
CA ILE C 947 -12.68 -30.63 5.67
C ILE C 947 -11.20 -30.31 5.60
N PHE C 948 -10.35 -31.30 5.86
CA PHE C 948 -8.91 -31.05 6.01
C PHE C 948 -8.20 -30.93 4.66
N VAL C 949 -8.21 -31.99 3.87
CA VAL C 949 -7.30 -32.04 2.72
C VAL C 949 -7.84 -31.30 1.49
N PRO C 950 -9.02 -31.65 0.94
CA PRO C 950 -9.46 -30.97 -0.28
C PRO C 950 -9.89 -29.53 -0.06
N ILE C 951 -10.07 -29.08 1.17
CA ILE C 951 -10.47 -27.71 1.47
C ILE C 951 -9.34 -26.94 2.14
N VAL C 952 -8.96 -27.34 3.36
CA VAL C 952 -7.99 -26.55 4.11
C VAL C 952 -6.61 -26.63 3.45
N LEU C 953 -6.17 -27.83 3.10
CA LEU C 953 -4.84 -27.98 2.52
C LEU C 953 -4.76 -27.38 1.12
N MET C 954 -5.78 -27.64 0.30
CA MET C 954 -5.76 -27.10 -1.06
C MET C 954 -5.88 -25.58 -1.06
N ASN C 955 -6.71 -25.02 -0.17
CA ASN C 955 -6.81 -23.57 -0.09
C ASN C 955 -5.53 -22.95 0.47
N LEU C 956 -4.86 -23.64 1.40
CA LEU C 956 -3.55 -23.20 1.86
C LEU C 956 -2.57 -23.12 0.70
N LEU C 957 -2.52 -24.17 -0.12
CA LEU C 957 -1.64 -24.18 -1.28
C LEU C 957 -2.00 -23.08 -2.28
N ILE C 958 -3.31 -22.86 -2.48
CA ILE C 958 -3.76 -21.83 -3.42
C ILE C 958 -3.36 -20.44 -2.94
N GLY C 959 -3.53 -20.17 -1.63
CA GLY C 959 -3.12 -18.88 -1.10
C GLY C 959 -1.62 -18.67 -1.16
N LEU C 960 -0.86 -19.73 -0.87
CA LEU C 960 0.59 -19.65 -1.01
C LEU C 960 0.99 -19.34 -2.44
N ALA C 961 0.34 -20.00 -3.41
CA ALA C 961 0.64 -19.75 -4.81
C ALA C 961 0.26 -18.34 -5.22
N VAL C 962 -0.87 -17.83 -4.74
CA VAL C 962 -1.29 -16.47 -5.07
C VAL C 962 -0.26 -15.48 -4.57
N GLY C 963 0.21 -15.66 -3.32
CA GLY C 963 1.24 -14.78 -2.79
C GLY C 963 2.54 -14.87 -3.56
N ASP C 964 2.95 -16.09 -3.93
CA ASP C 964 4.19 -16.26 -4.70
C ASP C 964 4.10 -15.57 -6.06
N ILE C 965 2.98 -15.75 -6.76
CA ILE C 965 2.82 -15.14 -8.07
C ILE C 965 2.81 -13.62 -7.94
N ALA C 966 2.14 -13.09 -6.91
CA ALA C 966 2.13 -11.64 -6.71
C ALA C 966 3.55 -11.12 -6.47
N GLU C 967 4.32 -11.81 -5.63
CA GLU C 967 5.69 -11.37 -5.36
C GLU C 967 6.53 -11.42 -6.62
N VAL C 968 6.35 -12.44 -7.46
CA VAL C 968 7.10 -12.50 -8.71
C VAL C 968 6.69 -11.38 -9.65
N GLN C 969 5.39 -11.12 -9.78
CA GLN C 969 4.90 -10.07 -10.66
C GLN C 969 5.29 -8.68 -10.19
N LYS C 970 5.60 -8.52 -8.91
CA LYS C 970 6.02 -7.21 -8.42
C LYS C 970 7.26 -6.71 -9.16
N HIS C 971 8.20 -7.60 -9.45
CA HIS C 971 9.45 -7.25 -10.11
C HIS C 971 9.64 -8.05 -11.39
N ALA C 972 8.59 -8.16 -12.21
CA ALA C 972 8.66 -9.01 -13.40
C ALA C 972 9.57 -8.42 -14.46
N SER C 973 9.41 -7.12 -14.75
CA SER C 973 10.25 -6.49 -15.77
C SER C 973 11.70 -6.42 -15.34
N LEU C 974 11.95 -6.11 -14.08
CA LEU C 974 13.31 -6.12 -13.56
C LEU C 974 13.92 -7.50 -13.65
N LYS C 975 13.16 -8.54 -13.29
CA LYS C 975 13.67 -9.90 -13.36
C LYS C 975 13.96 -10.31 -14.80
N ARG C 976 13.12 -9.90 -15.74
CA ARG C 976 13.32 -10.23 -17.14
C ARG C 976 14.60 -9.58 -17.68
N ILE C 977 14.74 -8.27 -17.45
CA ILE C 977 15.92 -7.57 -17.93
C ILE C 977 17.18 -8.08 -17.23
N ALA C 978 17.06 -8.43 -15.95
CA ALA C 978 18.19 -9.01 -15.23
C ALA C 978 18.58 -10.37 -15.81
N MET C 979 17.59 -11.17 -16.22
CA MET C 979 17.90 -12.44 -16.87
C MET C 979 18.66 -12.23 -18.17
N GLN C 980 18.22 -11.26 -18.99
CA GLN C 980 18.94 -10.99 -20.23
C GLN C 980 20.35 -10.49 -19.95
N VAL C 981 20.50 -9.58 -18.99
CA VAL C 981 21.81 -9.05 -18.65
C VAL C 981 22.72 -10.15 -18.14
N GLU C 982 22.21 -11.03 -17.29
CA GLU C 982 23.01 -12.13 -16.76
C GLU C 982 23.41 -13.10 -17.87
N LEU C 983 22.49 -13.41 -18.78
CA LEU C 983 22.82 -14.30 -19.88
C LEU C 983 23.97 -13.74 -20.71
N HIS C 984 23.87 -12.47 -21.08
CA HIS C 984 24.92 -11.90 -21.93
C HIS C 984 26.22 -11.69 -21.17
N THR C 985 26.15 -11.33 -19.88
CA THR C 985 27.36 -11.20 -19.08
C THR C 985 28.09 -12.52 -18.95
N SER C 986 27.37 -13.60 -18.68
CA SER C 986 27.99 -14.91 -18.57
C SER C 986 28.54 -15.36 -19.92
N LEU C 987 27.85 -15.04 -21.01
CA LEU C 987 28.35 -15.38 -22.33
C LEU C 987 29.66 -14.65 -22.64
N GLU C 988 29.73 -13.37 -22.29
CA GLU C 988 30.93 -12.59 -22.60
C GLU C 988 32.14 -13.07 -21.80
N LYS C 989 31.93 -13.58 -20.59
CA LYS C 989 33.03 -14.07 -19.78
C LYS C 989 33.66 -15.34 -20.33
N LYS C 990 33.00 -16.02 -21.27
CA LYS C 990 33.50 -17.26 -21.84
C LYS C 990 33.98 -17.10 -23.28
N LEU C 991 33.58 -16.06 -23.96
CA LEU C 991 33.91 -15.86 -25.37
C LEU C 991 35.29 -15.22 -25.51
N PRO C 992 36.00 -15.53 -26.60
CA PRO C 992 37.33 -14.93 -26.80
C PRO C 992 37.25 -13.44 -27.06
N LEU C 993 38.31 -12.74 -26.66
CA LEU C 993 38.34 -11.29 -26.80
C LEU C 993 38.34 -10.85 -28.26
N TRP C 994 39.01 -11.61 -29.13
CA TRP C 994 39.03 -11.25 -30.55
C TRP C 994 37.62 -11.30 -31.15
N PHE C 995 36.84 -12.33 -30.81
CA PHE C 995 35.49 -12.44 -31.34
C PHE C 995 34.61 -11.32 -30.79
N LEU C 996 34.72 -11.04 -29.49
CA LEU C 996 33.93 -9.97 -28.89
C LEU C 996 34.24 -8.63 -29.53
N ARG C 997 35.53 -8.35 -29.76
CA ARG C 997 35.90 -7.13 -30.47
C ARG C 997 35.38 -7.12 -31.90
N LYS C 998 35.31 -8.30 -32.53
CA LYS C 998 34.78 -8.38 -33.88
C LYS C 998 33.30 -8.04 -33.93
N VAL C 999 32.51 -8.50 -32.96
CA VAL C 999 31.06 -8.37 -33.02
C VAL C 999 30.52 -7.20 -32.21
N ASP C 1000 31.37 -6.50 -31.46
CA ASP C 1000 30.91 -5.42 -30.59
C ASP C 1000 30.63 -4.17 -31.41
N GLN C 1001 29.38 -3.71 -31.39
CA GLN C 1001 29.01 -2.45 -32.01
C GLN C 1001 29.08 -1.32 -30.99
N LYS C 1002 29.57 -0.16 -31.43
CA LYS C 1002 29.63 1.01 -30.58
C LYS C 1002 28.40 1.90 -30.71
N SER C 1003 27.62 1.73 -31.78
CA SER C 1003 26.41 2.49 -31.98
C SER C 1003 25.49 1.70 -32.91
N THR C 1004 24.20 2.01 -32.83
CA THR C 1004 23.21 1.33 -33.65
C THR C 1004 22.29 2.37 -34.28
N ILE C 1005 22.10 2.29 -35.59
CA ILE C 1005 21.26 3.22 -36.33
C ILE C 1005 19.93 2.52 -36.62
N VAL C 1006 18.83 3.15 -36.21
CA VAL C 1006 17.50 2.60 -36.41
C VAL C 1006 16.59 3.65 -37.05
N LEU C 1041 5.77 8.19 -0.98
CA LEU C 1041 6.89 7.99 -1.90
C LEU C 1041 8.19 8.35 -1.22
N GLU C 1042 9.17 7.45 -1.33
CA GLU C 1042 10.47 7.66 -0.67
C GLU C 1042 11.20 8.86 -1.24
N MET C 1043 11.16 9.04 -2.57
CA MET C 1043 11.91 10.09 -3.24
C MET C 1043 11.52 11.47 -2.71
N GLU C 1044 10.21 11.73 -2.70
CA GLU C 1044 9.70 13.02 -2.26
C GLU C 1044 10.04 13.28 -0.79
N ILE C 1045 9.88 12.25 0.05
CA ILE C 1045 10.16 12.41 1.47
C ILE C 1045 11.63 12.71 1.72
N LEU C 1046 12.52 11.99 1.03
CA LEU C 1046 13.95 12.23 1.22
C LEU C 1046 14.41 13.57 0.66
N LYS C 1047 13.88 13.99 -0.49
CA LYS C 1047 14.21 15.32 -1.00
C LYS C 1047 13.69 16.40 -0.06
N GLN C 1048 12.49 16.21 0.50
CA GLN C 1048 11.97 17.13 1.50
C GLN C 1048 12.85 17.18 2.74
N LYS C 1049 13.37 16.03 3.18
CA LYS C 1049 14.25 16.02 4.35
C LYS C 1049 15.55 16.75 4.06
N TYR C 1050 16.09 16.61 2.85
CA TYR C 1050 17.28 17.37 2.48
C TYR C 1050 17.00 18.87 2.49
N ARG C 1051 15.86 19.27 1.92
CA ARG C 1051 15.48 20.69 1.92
C ARG C 1051 15.32 21.21 3.33
N LEU C 1052 14.71 20.41 4.21
CA LEU C 1052 14.50 20.83 5.59
C LEU C 1052 15.82 20.95 6.35
N LYS C 1053 16.76 20.05 6.08
CA LYS C 1053 18.07 20.16 6.71
C LYS C 1053 18.79 21.43 6.27
N ASP C 1054 18.72 21.75 4.98
CA ASP C 1054 19.34 22.99 4.50
C ASP C 1054 18.66 24.21 5.11
N LEU C 1055 17.34 24.17 5.24
CA LEU C 1055 16.60 25.26 5.88
C LEU C 1055 17.02 25.43 7.33
N THR C 1056 17.20 24.32 8.05
CA THR C 1056 17.65 24.40 9.44
C THR C 1056 19.03 25.03 9.54
N PHE C 1057 19.94 24.64 8.65
CA PHE C 1057 21.28 25.23 8.65
C PHE C 1057 21.23 26.73 8.42
N LEU C 1058 20.43 27.15 7.43
CA LEU C 1058 20.32 28.58 7.13
C LEU C 1058 19.70 29.34 8.30
N LEU C 1059 18.69 28.76 8.94
CA LEU C 1059 18.04 29.44 10.05
C LEU C 1059 18.97 29.55 11.25
N GLU C 1060 19.82 28.55 11.48
CA GLU C 1060 20.80 28.66 12.56
C GLU C 1060 21.81 29.77 12.27
N LYS C 1061 22.27 29.87 11.01
CA LYS C 1061 23.16 30.97 10.65
C LYS C 1061 22.48 32.33 10.87
N GLN C 1062 21.22 32.43 10.48
CA GLN C 1062 20.46 33.67 10.67
C GLN C 1062 20.32 34.01 12.15
N HIS C 1063 20.06 33.01 12.98
CA HIS C 1063 19.93 33.22 14.41
C HIS C 1063 21.23 33.75 15.02
N GLU C 1064 22.36 33.17 14.62
CA GLU C 1064 23.64 33.68 15.09
C GLU C 1064 23.88 35.12 14.64
N LEU C 1065 23.50 35.43 13.40
CA LEU C 1065 23.66 36.79 12.91
C LEU C 1065 22.80 37.79 13.69
N ILE C 1066 21.57 37.41 14.03
CA ILE C 1066 20.70 38.32 14.78
C ILE C 1066 21.22 38.50 16.20
N LYS C 1067 21.75 37.42 16.80
CA LYS C 1067 22.38 37.57 18.10
C LYS C 1067 23.57 38.52 18.03
N LEU C 1068 24.36 38.45 16.97
CA LEU C 1068 25.47 39.38 16.80
C LEU C 1068 24.97 40.81 16.65
N ILE C 1069 23.88 40.99 15.91
CA ILE C 1069 23.29 42.33 15.78
C ILE C 1069 22.95 42.89 17.15
N ILE C 1070 22.29 42.09 17.99
CA ILE C 1070 21.96 42.54 19.34
C ILE C 1070 23.23 42.85 20.13
N GLN C 1071 24.28 42.05 19.91
CA GLN C 1071 25.53 42.26 20.63
C GLN C 1071 26.15 43.62 20.29
N LYS C 1072 26.15 43.99 19.01
CA LYS C 1072 26.88 45.17 18.55
C LYS C 1072 26.00 46.41 18.44
N MET C 1073 24.71 46.30 18.72
CA MET C 1073 23.75 47.38 18.44
C MET C 1073 23.86 48.50 19.46
N GLU C 1074 23.48 49.71 19.02
CA GLU C 1074 23.51 50.89 19.87
C GLU C 1074 22.16 51.06 20.55
N ILE C 1075 22.17 51.14 21.87
CA ILE C 1075 20.97 51.30 22.67
C ILE C 1075 21.15 52.53 23.54
N ILE C 1076 20.48 53.62 23.17
CA ILE C 1076 20.65 54.89 23.87
C ILE C 1076 19.31 55.40 24.39
N SER C 1077 18.37 55.65 23.48
CA SER C 1077 17.07 56.19 23.87
C SER C 1077 16.24 55.15 24.60
N GLU C 1078 16.38 53.87 24.24
CA GLU C 1078 15.60 52.79 24.81
C GLU C 1078 16.38 51.99 25.84
N THR C 1079 17.46 52.56 26.37
CA THR C 1079 18.26 51.88 27.37
C THR C 1079 17.50 51.76 28.68
N LYS D 448 22.71 59.89 -6.25
CA LYS D 448 22.35 58.72 -7.05
C LYS D 448 22.32 57.46 -6.19
N SER D 449 23.50 57.05 -5.70
CA SER D 449 23.58 55.90 -4.82
C SER D 449 22.78 56.08 -3.53
N PRO D 450 22.89 57.19 -2.79
CA PRO D 450 22.04 57.34 -1.61
C PRO D 450 20.55 57.36 -1.91
N LEU D 451 20.14 57.95 -3.03
CA LEU D 451 18.73 57.99 -3.37
C LEU D 451 18.22 56.62 -3.80
N HIS D 452 19.04 55.87 -4.53
CA HIS D 452 18.66 54.52 -4.92
C HIS D 452 18.56 53.61 -3.70
N PHE D 453 19.47 53.76 -2.75
CA PHE D 453 19.42 52.96 -1.53
C PHE D 453 18.18 53.29 -0.70
N ALA D 454 17.89 54.59 -0.54
CA ALA D 454 16.75 55.00 0.26
C ALA D 454 15.44 54.55 -0.37
N ALA D 455 15.30 54.70 -1.68
CA ALA D 455 14.10 54.24 -2.37
C ALA D 455 13.97 52.73 -2.29
N SER D 456 15.08 52.01 -2.46
CA SER D 456 15.03 50.55 -2.47
C SER D 456 14.60 49.97 -1.13
N TYR D 457 14.83 50.68 -0.03
CA TYR D 457 14.57 50.15 1.30
C TYR D 457 13.53 50.95 2.07
N GLY D 458 12.86 51.90 1.43
CA GLY D 458 11.71 52.56 2.02
C GLY D 458 12.02 53.63 3.04
N ARG D 459 13.26 54.11 3.09
CA ARG D 459 13.63 55.19 4.00
C ARG D 459 13.11 56.49 3.43
N ILE D 460 11.85 56.79 3.74
CA ILE D 460 11.15 57.90 3.10
C ILE D 460 11.69 59.25 3.56
N ASN D 461 12.13 59.35 4.82
CA ASN D 461 12.65 60.61 5.32
C ASN D 461 13.93 61.01 4.59
N THR D 462 14.78 60.03 4.26
CA THR D 462 15.94 60.30 3.43
C THR D 462 15.52 60.73 2.03
N CYS D 463 14.46 60.11 1.49
CA CYS D 463 13.99 60.47 0.15
C CYS D 463 13.46 61.90 0.12
N GLN D 464 12.74 62.32 1.16
CA GLN D 464 12.26 63.70 1.22
C GLN D 464 13.42 64.68 1.27
N ARG D 465 14.46 64.38 2.06
CA ARG D 465 15.59 65.28 2.19
C ARG D 465 16.43 65.32 0.92
N LEU D 466 16.52 64.21 0.20
CA LEU D 466 17.33 64.16 -1.02
C LEU D 466 16.62 64.78 -2.22
N LEU D 467 15.34 65.10 -2.10
CA LEU D 467 14.60 65.69 -3.20
C LEU D 467 14.03 67.06 -2.80
N THR D 473 15.11 66.99 -13.69
CA THR D 473 15.24 66.05 -12.58
C THR D 473 16.11 64.86 -12.97
N ARG D 474 17.42 65.09 -13.08
CA ARG D 474 18.35 64.03 -13.46
C ARG D 474 18.53 62.98 -12.37
N LEU D 475 18.04 63.23 -11.15
CA LEU D 475 18.14 62.27 -10.07
C LEU D 475 16.88 61.45 -9.89
N LEU D 476 15.71 62.02 -10.16
CA LEU D 476 14.46 61.28 -9.96
C LEU D 476 14.25 60.22 -11.03
N ASN D 477 14.84 60.40 -12.21
CA ASN D 477 14.61 59.51 -13.35
C ASN D 477 15.95 59.00 -13.90
N GLU D 478 16.82 58.53 -13.01
CA GLU D 478 18.09 57.96 -13.39
C GLU D 478 18.18 56.52 -12.91
N GLY D 479 18.68 55.64 -13.77
CA GLY D 479 18.77 54.23 -13.43
C GLY D 479 20.17 53.74 -13.20
N ASP D 480 20.30 52.61 -12.51
CA ASP D 480 21.60 52.01 -12.24
C ASP D 480 22.00 51.12 -13.42
N LEU D 481 23.02 50.28 -13.23
CA LEU D 481 23.49 49.39 -14.29
C LEU D 481 22.39 48.46 -14.82
N HIS D 482 21.28 48.32 -14.10
CA HIS D 482 20.15 47.55 -14.58
C HIS D 482 19.00 48.43 -15.07
N GLY D 483 19.22 49.74 -15.14
CA GLY D 483 18.20 50.63 -15.65
C GLY D 483 17.04 50.86 -14.70
N MET D 484 17.23 50.62 -13.41
CA MET D 484 16.16 50.75 -12.43
C MET D 484 16.20 52.15 -11.82
N THR D 485 15.15 52.93 -12.07
CA THR D 485 15.01 54.23 -11.48
C THR D 485 14.58 54.07 -10.01
N PRO D 486 14.65 55.14 -9.21
CA PRO D 486 14.16 55.05 -7.83
C PRO D 486 12.72 54.57 -7.73
N LEU D 487 11.87 54.91 -8.71
CA LEU D 487 10.50 54.41 -8.71
C LEU D 487 10.47 52.91 -8.95
N HIS D 488 11.38 52.40 -9.77
CA HIS D 488 11.46 50.96 -9.99
C HIS D 488 11.87 50.22 -8.72
N LEU D 489 12.83 50.77 -7.98
CA LEU D 489 13.33 50.10 -6.79
C LEU D 489 12.34 50.16 -5.63
N ALA D 490 11.66 51.31 -5.48
CA ALA D 490 10.64 51.42 -4.44
C ALA D 490 9.47 50.50 -4.73
N ALA D 491 9.05 50.42 -5.99
CA ALA D 491 7.95 49.52 -6.35
C ALA D 491 8.36 48.07 -6.21
N LYS D 492 9.62 47.74 -6.54
CA LYS D 492 10.07 46.37 -6.46
C LYS D 492 10.01 45.84 -5.04
N ASN D 493 10.37 46.67 -4.06
CA ASN D 493 10.42 46.25 -2.66
C ASN D 493 9.14 46.57 -1.89
N GLY D 494 8.15 47.18 -2.54
CA GLY D 494 6.85 47.33 -1.92
C GLY D 494 6.70 48.49 -0.97
N HIS D 495 7.21 49.66 -1.32
CA HIS D 495 7.14 50.84 -0.47
C HIS D 495 6.22 51.84 -1.18
N ASP D 496 4.92 51.72 -0.88
CA ASP D 496 3.93 52.56 -1.56
C ASP D 496 4.05 54.02 -1.17
N LYS D 497 4.47 54.30 0.07
CA LYS D 497 4.66 55.69 0.49
C LYS D 497 5.81 56.35 -0.27
N VAL D 498 6.89 55.61 -0.48
CA VAL D 498 8.01 56.15 -1.26
C VAL D 498 7.61 56.29 -2.73
N VAL D 499 6.86 55.31 -3.25
CA VAL D 499 6.36 55.39 -4.62
C VAL D 499 5.44 56.59 -4.78
N GLN D 500 4.52 56.79 -3.84
CA GLN D 500 3.60 57.92 -3.91
C GLN D 500 4.36 59.25 -3.87
N LEU D 501 5.36 59.36 -2.99
CA LEU D 501 6.13 60.59 -2.90
C LEU D 501 6.91 60.86 -4.17
N LEU D 502 7.50 59.82 -4.77
CA LEU D 502 8.21 59.99 -6.02
C LEU D 502 7.27 60.42 -7.14
N LEU D 503 6.06 59.86 -7.17
CA LEU D 503 5.10 60.21 -8.21
C LEU D 503 4.65 61.65 -8.10
N LYS D 504 4.42 62.13 -6.87
CA LYS D 504 4.03 63.52 -6.67
C LYS D 504 5.12 64.49 -7.09
N LYS D 505 6.37 64.04 -7.19
CA LYS D 505 7.49 64.88 -7.61
C LYS D 505 7.79 64.72 -9.09
N GLY D 506 6.79 64.38 -9.89
CA GLY D 506 6.95 64.30 -11.33
C GLY D 506 7.86 63.20 -11.82
N ALA D 507 7.77 62.01 -11.22
CA ALA D 507 8.51 60.86 -11.72
C ALA D 507 7.74 60.20 -12.84
N LEU D 508 8.45 59.85 -13.91
CA LEU D 508 7.83 59.25 -15.08
C LEU D 508 7.93 57.73 -15.02
N PHE D 509 6.95 57.06 -15.65
CA PHE D 509 6.90 55.61 -15.66
C PHE D 509 7.83 55.09 -16.76
N LEU D 510 9.12 55.10 -16.45
CA LEU D 510 10.14 54.65 -17.38
C LEU D 510 10.15 53.13 -17.44
N SER D 511 11.13 52.58 -18.15
CA SER D 511 11.28 51.13 -18.28
C SER D 511 12.74 50.76 -18.00
N ASP D 512 12.93 49.61 -17.37
CA ASP D 512 14.27 49.15 -17.04
C ASP D 512 14.90 48.50 -18.27
N HIS D 513 16.04 47.83 -18.09
CA HIS D 513 16.72 47.19 -19.21
C HIS D 513 15.87 46.10 -19.84
N ASN D 514 15.15 45.34 -19.02
CA ASN D 514 14.30 44.26 -19.50
C ASN D 514 12.91 44.74 -19.87
N GLY D 515 12.69 46.05 -19.96
CA GLY D 515 11.40 46.58 -20.31
C GLY D 515 10.38 46.64 -19.19
N TRP D 516 10.77 46.25 -17.98
CA TRP D 516 9.83 46.24 -16.86
C TRP D 516 9.51 47.66 -16.41
N THR D 517 8.27 47.88 -16.02
CA THR D 517 7.81 49.13 -15.44
C THR D 517 7.73 48.96 -13.92
N ALA D 518 7.59 50.08 -13.21
CA ALA D 518 7.37 50.01 -11.77
C ALA D 518 6.16 49.15 -11.43
N LEU D 519 5.14 49.16 -12.31
CA LEU D 519 3.99 48.28 -12.11
C LEU D 519 4.37 46.82 -12.34
N HIS D 520 5.32 46.56 -13.25
CA HIS D 520 5.81 45.20 -13.43
C HIS D 520 6.49 44.69 -12.17
N HIS D 521 7.28 45.55 -11.51
CA HIS D 521 8.01 45.14 -10.33
C HIS D 521 7.11 45.03 -9.11
N ALA D 522 6.05 45.84 -9.04
CA ALA D 522 5.11 45.72 -7.93
C ALA D 522 4.24 44.48 -8.08
N SER D 523 3.91 44.09 -9.32
CA SER D 523 3.07 42.92 -9.53
C SER D 523 3.85 41.62 -9.32
N MET D 524 5.14 41.63 -9.66
CA MET D 524 5.96 40.44 -9.42
C MET D 524 6.08 40.15 -7.94
N GLY D 525 6.17 41.18 -7.11
CA GLY D 525 6.19 41.01 -5.67
C GLY D 525 4.85 40.93 -5.00
N GLY D 526 3.76 41.16 -5.73
CA GLY D 526 2.44 41.05 -5.17
C GLY D 526 2.04 42.18 -4.25
N TYR D 527 2.71 43.32 -4.34
CA TYR D 527 2.44 44.46 -3.46
C TYR D 527 1.23 45.21 -3.99
N THR D 528 0.06 44.88 -3.46
CA THR D 528 -1.18 45.47 -3.96
C THR D 528 -1.26 46.96 -3.64
N GLN D 529 -0.75 47.36 -2.47
CA GLN D 529 -0.81 48.78 -2.10
C GLN D 529 0.07 49.62 -3.01
N THR D 530 1.24 49.11 -3.38
CA THR D 530 2.10 49.82 -4.32
C THR D 530 1.42 49.92 -5.68
N MET D 531 0.75 48.86 -6.12
CA MET D 531 0.03 48.90 -7.39
C MET D 531 -1.16 49.84 -7.32
N LYS D 532 -1.84 49.88 -6.17
CA LYS D 532 -2.95 50.83 -6.02
C LYS D 532 -2.48 52.26 -6.18
N VAL D 533 -1.34 52.60 -5.60
CA VAL D 533 -0.77 53.94 -5.78
C VAL D 533 -0.43 54.17 -7.25
N ILE D 534 0.19 53.18 -7.90
CA ILE D 534 0.60 53.33 -9.28
C ILE D 534 -0.61 53.48 -10.20
N LEU D 535 -1.64 52.66 -9.99
CA LEU D 535 -2.77 52.62 -10.90
C LEU D 535 -3.68 53.85 -10.77
N ASP D 536 -3.65 54.54 -9.63
CA ASP D 536 -4.53 55.66 -9.39
C ASP D 536 -3.95 57.00 -9.85
N THR D 537 -2.74 57.00 -10.42
CA THR D 537 -2.13 58.23 -10.92
C THR D 537 -2.07 58.28 -12.43
N ASN D 538 -1.49 57.26 -13.06
CA ASN D 538 -1.40 57.17 -14.52
C ASN D 538 -2.09 55.90 -14.96
N LEU D 539 -3.19 56.04 -15.70
CA LEU D 539 -3.92 54.90 -16.22
C LEU D 539 -3.46 54.53 -17.62
N LYS D 540 -2.14 54.47 -17.81
CA LYS D 540 -1.55 54.09 -19.09
C LYS D 540 -0.37 53.16 -18.96
N CYS D 541 -0.03 52.73 -17.75
CA CYS D 541 1.07 51.78 -17.53
C CYS D 541 0.58 50.36 -17.32
N THR D 542 -0.73 50.12 -17.34
CA THR D 542 -1.26 48.80 -17.04
C THR D 542 -0.91 47.79 -18.13
N ASP D 543 -0.91 48.21 -19.39
CA ASP D 543 -0.74 47.31 -20.51
C ASP D 543 0.63 47.43 -21.17
N ARG D 544 1.61 47.99 -20.48
CA ARG D 544 2.95 48.07 -21.03
C ARG D 544 3.55 46.67 -21.16
N LEU D 545 4.44 46.52 -22.13
CA LEU D 545 4.94 45.22 -22.56
C LEU D 545 6.42 45.13 -22.25
N ASP D 546 6.85 44.01 -21.67
CA ASP D 546 8.26 43.83 -21.35
C ASP D 546 8.99 43.31 -22.59
N GLU D 547 10.24 42.90 -22.42
CA GLU D 547 11.03 42.43 -23.56
C GLU D 547 10.48 41.12 -24.13
N ASP D 548 9.91 40.26 -23.29
CA ASP D 548 9.31 39.00 -23.74
C ASP D 548 7.82 39.11 -23.98
N GLY D 549 7.26 40.31 -23.96
CA GLY D 549 5.84 40.47 -24.22
C GLY D 549 4.93 40.22 -23.04
N ASN D 550 5.47 40.11 -21.83
CA ASN D 550 4.65 39.95 -20.64
C ASN D 550 4.23 41.30 -20.09
N THR D 551 3.06 41.32 -19.46
CA THR D 551 2.54 42.50 -18.80
C THR D 551 2.61 42.31 -17.28
N ALA D 552 2.10 43.31 -16.54
CA ALA D 552 2.02 43.18 -15.10
C ALA D 552 1.08 42.05 -14.70
N LEU D 553 0.02 41.84 -15.50
CA LEU D 553 -0.92 40.76 -15.21
C LEU D 553 -0.27 39.39 -15.38
N HIS D 554 0.64 39.26 -16.35
CA HIS D 554 1.36 38.00 -16.52
C HIS D 554 2.21 37.68 -15.30
N PHE D 555 2.92 38.68 -14.78
CA PHE D 555 3.82 38.45 -13.66
C PHE D 555 3.05 38.15 -12.37
N ALA D 556 1.93 38.84 -12.16
CA ALA D 556 1.13 38.59 -10.96
C ALA D 556 0.55 37.17 -10.98
N ALA D 557 0.10 36.71 -12.14
CA ALA D 557 -0.51 35.38 -12.22
C ALA D 557 0.55 34.29 -12.17
N ARG D 558 1.72 34.54 -12.77
CA ARG D 558 2.79 33.55 -12.74
C ARG D 558 3.35 33.37 -11.33
N GLU D 559 3.39 34.44 -10.54
CA GLU D 559 3.97 34.40 -9.21
C GLU D 559 2.96 34.03 -8.13
N GLY D 560 1.69 33.84 -8.49
CA GLY D 560 0.72 33.33 -7.55
C GLY D 560 0.08 34.34 -6.63
N HIS D 561 0.01 35.60 -7.04
CA HIS D 561 -0.58 36.67 -6.22
C HIS D 561 -2.02 36.88 -6.70
N ALA D 562 -2.95 36.19 -6.04
CA ALA D 562 -4.36 36.28 -6.42
C ALA D 562 -4.91 37.69 -6.21
N LYS D 563 -4.55 38.33 -5.10
CA LYS D 563 -5.03 39.68 -4.84
C LYS D 563 -4.48 40.66 -5.87
N ALA D 564 -3.24 40.45 -6.30
CA ALA D 564 -2.67 41.27 -7.38
C ALA D 564 -3.44 41.06 -8.68
N VAL D 565 -3.77 39.80 -9.00
CA VAL D 565 -4.49 39.50 -10.23
C VAL D 565 -5.89 40.11 -10.20
N ALA D 566 -6.57 39.99 -9.05
CA ALA D 566 -7.91 40.58 -8.93
C ALA D 566 -7.87 42.09 -9.07
N LEU D 567 -6.86 42.74 -8.49
CA LEU D 567 -6.76 44.20 -8.58
C LEU D 567 -6.48 44.64 -10.01
N LEU D 568 -5.59 43.93 -10.71
CA LEU D 568 -5.30 44.29 -12.09
C LEU D 568 -6.51 44.04 -13.00
N LEU D 569 -7.27 42.98 -12.72
CA LEU D 569 -8.45 42.70 -13.52
C LEU D 569 -9.54 43.74 -13.28
N SER D 570 -9.66 44.23 -12.05
CA SER D 570 -10.65 45.26 -11.73
C SER D 570 -10.33 46.61 -12.35
N HIS D 571 -9.11 46.81 -12.83
CA HIS D 571 -8.73 48.04 -13.52
C HIS D 571 -8.72 47.86 -15.04
N ASN D 572 -9.40 46.84 -15.54
CA ASN D 572 -9.58 46.62 -16.97
C ASN D 572 -8.24 46.46 -17.69
N ALA D 573 -7.38 45.63 -17.12
CA ALA D 573 -6.14 45.26 -17.79
C ALA D 573 -6.45 44.43 -19.04
N ASP D 574 -5.66 44.63 -20.08
CA ASP D 574 -5.86 43.92 -21.34
C ASP D 574 -5.29 42.51 -21.24
N ILE D 575 -6.13 41.51 -21.48
CA ILE D 575 -5.68 40.12 -21.50
C ILE D 575 -5.09 39.85 -22.88
N VAL D 576 -3.79 39.61 -22.93
CA VAL D 576 -3.06 39.44 -24.18
C VAL D 576 -2.19 38.19 -24.07
N LEU D 577 -1.55 37.86 -25.18
CA LEU D 577 -0.57 36.79 -25.23
C LEU D 577 0.82 37.38 -25.38
N ASN D 578 1.79 36.78 -24.70
CA ASN D 578 3.17 37.24 -24.79
C ASN D 578 3.80 36.67 -26.08
N LYS D 579 5.11 36.85 -26.23
CA LYS D 579 5.77 36.36 -27.44
C LYS D 579 5.80 34.85 -27.54
N GLN D 580 5.51 34.15 -26.45
CA GLN D 580 5.35 32.70 -26.47
C GLN D 580 3.89 32.28 -26.59
N GLN D 581 3.01 33.23 -26.90
CA GLN D 581 1.58 32.97 -27.11
C GLN D 581 0.94 32.38 -25.86
N ALA D 582 1.22 32.99 -24.72
CA ALA D 582 0.67 32.58 -23.44
C ALA D 582 0.01 33.77 -22.75
N SER D 583 -1.16 33.53 -22.19
CA SER D 583 -1.86 34.55 -21.42
C SER D 583 -1.50 34.40 -19.94
N PHE D 584 -2.01 35.30 -19.11
CA PHE D 584 -1.77 35.20 -17.68
C PHE D 584 -2.44 33.98 -17.08
N LEU D 585 -3.58 33.57 -17.63
CA LEU D 585 -4.22 32.34 -17.19
C LEU D 585 -3.35 31.12 -17.52
N HIS D 586 -2.70 31.14 -18.69
CA HIS D 586 -1.79 30.06 -19.04
C HIS D 586 -0.61 29.98 -18.08
N LEU D 587 -0.04 31.13 -17.73
CA LEU D 587 1.09 31.15 -16.81
C LEU D 587 0.70 30.65 -15.43
N ALA D 588 -0.50 31.02 -14.96
CA ALA D 588 -0.98 30.52 -13.68
C ALA D 588 -1.20 29.01 -13.72
N LEU D 589 -1.78 28.50 -14.81
CA LEU D 589 -2.05 27.07 -14.91
C LEU D 589 -0.76 26.27 -14.97
N HIS D 590 0.23 26.73 -15.73
CA HIS D 590 1.48 26.01 -15.85
C HIS D 590 2.28 26.03 -14.56
N ASN D 591 2.07 27.02 -13.70
CA ASN D 591 2.70 27.07 -12.39
C ASN D 591 1.82 26.49 -11.29
N LYS D 592 0.64 25.96 -11.65
CA LYS D 592 -0.28 25.37 -10.69
C LYS D 592 -0.67 26.35 -9.59
N ARG D 593 -0.96 27.59 -9.99
CA ARG D 593 -1.38 28.63 -9.05
C ARG D 593 -2.88 28.51 -8.85
N LYS D 594 -3.26 27.65 -7.90
CA LYS D 594 -4.67 27.37 -7.66
C LYS D 594 -5.44 28.61 -7.22
N GLU D 595 -4.83 29.43 -6.37
CA GLU D 595 -5.56 30.56 -5.78
C GLU D 595 -5.87 31.63 -6.82
N VAL D 596 -4.94 31.89 -7.74
CA VAL D 596 -5.19 32.93 -8.74
C VAL D 596 -6.03 32.39 -9.89
N VAL D 597 -5.94 31.10 -10.18
CA VAL D 597 -6.83 30.52 -11.19
C VAL D 597 -8.26 30.56 -10.72
N LEU D 598 -8.50 30.27 -9.43
CA LEU D 598 -9.83 30.43 -8.87
C LEU D 598 -10.29 31.88 -8.95
N THR D 599 -9.37 32.83 -8.74
CA THR D 599 -9.73 34.25 -8.85
C THR D 599 -10.16 34.59 -10.27
N ILE D 600 -9.45 34.08 -11.27
CA ILE D 600 -9.82 34.32 -12.66
C ILE D 600 -11.17 33.68 -12.98
N ILE D 601 -11.39 32.46 -12.50
CA ILE D 601 -12.65 31.76 -12.77
C ILE D 601 -13.82 32.52 -12.15
N ARG D 602 -13.67 32.97 -10.91
CA ARG D 602 -14.74 33.67 -10.22
C ARG D 602 -14.83 35.14 -10.62
N SER D 603 -13.90 35.63 -11.43
CA SER D 603 -13.94 37.02 -11.87
C SER D 603 -15.07 37.22 -12.87
N LYS D 604 -15.49 38.49 -12.99
CA LYS D 604 -16.52 38.84 -13.96
C LYS D 604 -16.01 38.80 -15.39
N ARG D 605 -14.71 38.68 -15.60
CA ARG D 605 -14.11 38.61 -16.93
C ARG D 605 -13.59 37.21 -17.25
N TRP D 606 -14.14 36.18 -16.62
CA TRP D 606 -13.67 34.82 -16.85
C TRP D 606 -13.90 34.39 -18.29
N ASP D 607 -15.05 34.77 -18.87
CA ASP D 607 -15.34 34.40 -20.26
C ASP D 607 -14.36 35.07 -21.22
N GLU D 608 -13.94 36.31 -20.91
CA GLU D 608 -12.97 36.99 -21.76
C GLU D 608 -11.60 36.32 -21.71
N CYS D 609 -11.18 35.87 -20.51
CA CYS D 609 -9.90 35.19 -20.40
C CYS D 609 -9.94 33.81 -21.04
N LEU D 610 -11.13 33.21 -21.14
CA LEU D 610 -11.27 31.90 -21.75
C LEU D 610 -11.02 31.95 -23.26
N LYS D 611 -11.35 33.06 -23.91
CA LYS D 611 -11.26 33.17 -25.35
C LYS D 611 -9.86 33.50 -25.84
N ILE D 612 -8.93 33.84 -24.95
CA ILE D 612 -7.61 34.33 -25.34
C ILE D 612 -6.64 33.15 -25.30
N PHE D 613 -6.41 32.55 -26.47
CA PHE D 613 -5.37 31.55 -26.65
C PHE D 613 -5.17 31.36 -28.15
N SER D 614 -4.11 30.66 -28.50
CA SER D 614 -3.78 30.38 -29.89
C SER D 614 -4.08 28.91 -30.21
N HIS D 615 -4.88 28.69 -31.25
CA HIS D 615 -5.18 27.32 -31.67
C HIS D 615 -3.96 26.61 -32.22
N ASN D 616 -2.94 27.36 -32.65
CA ASN D 616 -1.74 26.79 -33.23
C ASN D 616 -0.58 26.72 -32.24
N SER D 617 -0.80 27.08 -30.98
CA SER D 617 0.25 27.04 -29.98
C SER D 617 0.26 25.67 -29.31
N PRO D 618 1.33 24.89 -29.43
CA PRO D 618 1.35 23.55 -28.81
C PRO D 618 1.39 23.60 -27.30
N GLY D 619 2.30 24.40 -26.73
CA GLY D 619 2.44 24.45 -25.29
C GLY D 619 1.24 25.06 -24.60
N ASN D 620 0.71 26.17 -25.14
CA ASN D 620 -0.39 26.89 -24.53
C ASN D 620 -1.66 26.57 -25.30
N LYS D 621 -2.32 25.49 -24.91
CA LYS D 621 -3.55 25.04 -25.55
C LYS D 621 -4.74 25.79 -24.96
N CYS D 622 -5.94 25.29 -25.23
CA CYS D 622 -7.14 25.90 -24.65
C CYS D 622 -7.06 25.81 -23.13
N PRO D 623 -7.41 26.88 -22.41
CA PRO D 623 -7.29 26.87 -20.95
C PRO D 623 -8.10 25.79 -20.27
N ILE D 624 -9.21 25.34 -20.86
CA ILE D 624 -9.98 24.25 -20.26
C ILE D 624 -9.17 22.96 -20.25
N THR D 625 -8.50 22.66 -21.37
CA THR D 625 -7.65 21.48 -21.42
C THR D 625 -6.48 21.60 -20.45
N GLU D 626 -5.87 22.79 -20.38
CA GLU D 626 -4.75 23.00 -19.46
C GLU D 626 -5.22 22.91 -18.01
N MET D 627 -6.45 23.36 -17.73
CA MET D 627 -6.98 23.22 -16.37
C MET D 627 -7.14 21.76 -15.99
N ILE D 628 -7.64 20.94 -16.91
CA ILE D 628 -7.79 19.51 -16.63
C ILE D 628 -6.44 18.86 -16.37
N GLU D 629 -5.41 19.28 -17.12
CA GLU D 629 -4.11 18.66 -17.02
C GLU D 629 -3.32 19.12 -15.80
N TYR D 630 -3.53 20.36 -15.35
CA TYR D 630 -2.67 20.97 -14.34
C TYR D 630 -3.39 21.21 -13.01
N LEU D 631 -4.60 21.75 -13.03
CA LEU D 631 -5.35 22.07 -11.83
C LEU D 631 -6.76 21.50 -11.92
N PRO D 632 -6.91 20.18 -11.81
CA PRO D 632 -8.26 19.60 -11.88
C PRO D 632 -9.17 20.06 -10.77
N GLU D 633 -8.62 20.53 -9.65
CA GLU D 633 -9.47 21.07 -8.58
C GLU D 633 -10.15 22.36 -9.02
N CYS D 634 -9.46 23.18 -9.81
CA CYS D 634 -10.08 24.39 -10.35
C CYS D 634 -11.12 24.05 -11.40
N MET D 635 -10.91 22.95 -12.14
CA MET D 635 -11.92 22.51 -13.10
C MET D 635 -13.18 22.03 -12.39
N LYS D 636 -13.02 21.40 -11.22
CA LYS D 636 -14.19 20.98 -10.45
C LYS D 636 -15.00 22.18 -9.97
N VAL D 637 -14.31 23.24 -9.55
CA VAL D 637 -15.01 24.47 -9.17
C VAL D 637 -15.71 25.07 -10.38
N LEU D 638 -15.03 25.05 -11.54
CA LEU D 638 -15.64 25.55 -12.76
C LEU D 638 -16.84 24.72 -13.17
N LEU D 639 -16.77 23.40 -12.99
CA LEU D 639 -17.90 22.54 -13.35
C LEU D 639 -19.06 22.70 -12.39
N ASP D 640 -18.79 23.04 -11.12
CA ASP D 640 -19.87 23.26 -10.17
C ASP D 640 -20.73 24.44 -10.55
N PHE D 641 -20.17 25.42 -11.27
CA PHE D 641 -20.95 26.55 -11.75
C PHE D 641 -21.82 26.19 -12.95
N CYS D 642 -21.55 25.06 -13.60
CA CYS D 642 -22.33 24.62 -14.75
C CYS D 642 -23.54 23.78 -14.35
N MET D 643 -23.72 23.51 -13.06
CA MET D 643 -24.85 22.75 -12.55
C MET D 643 -25.63 23.67 -11.63
N LEU D 644 -26.73 24.23 -12.15
CA LEU D 644 -27.52 25.23 -11.43
C LEU D 644 -28.76 24.56 -10.84
N HIS D 645 -28.82 24.50 -9.51
CA HIS D 645 -29.96 23.91 -8.82
C HIS D 645 -31.13 24.89 -8.78
N TYR D 655 -38.24 21.20 -8.47
CA TYR D 655 -36.79 21.24 -8.31
C TYR D 655 -36.09 20.70 -9.54
N TYR D 656 -35.80 21.57 -10.51
CA TYR D 656 -35.14 21.19 -11.74
C TYR D 656 -33.68 21.63 -11.70
N ILE D 657 -32.79 20.72 -12.08
CA ILE D 657 -31.36 21.00 -12.15
C ILE D 657 -30.97 21.09 -13.61
N GLU D 658 -30.30 22.16 -13.99
CA GLU D 658 -29.83 22.38 -15.35
C GLU D 658 -28.32 22.21 -15.39
N TYR D 659 -27.86 21.31 -16.24
CA TYR D 659 -26.43 21.08 -16.44
C TYR D 659 -26.01 21.72 -17.76
N ASN D 660 -24.98 22.56 -17.70
CA ASN D 660 -24.47 23.25 -18.88
C ASN D 660 -23.17 22.60 -19.32
N PHE D 661 -23.06 22.32 -20.62
CA PHE D 661 -21.90 21.66 -21.20
C PHE D 661 -21.10 22.62 -22.08
N LYS D 662 -21.03 23.89 -21.67
CA LYS D 662 -20.31 24.88 -22.46
C LYS D 662 -18.81 24.61 -22.48
N TYR D 663 -18.25 24.17 -21.36
CA TYR D 663 -16.82 23.93 -21.23
C TYR D 663 -16.42 22.51 -21.56
N LEU D 664 -17.37 21.65 -21.93
CA LEU D 664 -17.10 20.23 -22.09
C LEU D 664 -16.76 19.83 -23.52
N GLN D 665 -16.88 20.73 -24.49
CA GLN D 665 -16.48 20.40 -25.85
C GLN D 665 -16.16 21.68 -26.61
N CYS D 666 -15.19 21.59 -27.51
CA CYS D 666 -14.77 22.72 -28.33
C CYS D 666 -15.29 22.57 -29.76
N ILE D 680 -8.18 21.16 -36.40
CA ILE D 680 -9.05 20.02 -36.15
C ILE D 680 -8.92 19.57 -34.70
N TYR D 681 -10.07 19.36 -34.05
CA TYR D 681 -10.11 18.92 -32.66
C TYR D 681 -10.90 17.62 -32.56
N GLU D 682 -10.45 16.73 -31.68
CA GLU D 682 -11.15 15.48 -31.45
C GLU D 682 -12.48 15.74 -30.75
N PRO D 683 -13.49 14.90 -31.02
CA PRO D 683 -14.77 15.06 -30.33
C PRO D 683 -14.61 14.77 -28.84
N LEU D 684 -15.50 15.38 -28.05
CA LEU D 684 -15.49 15.23 -26.59
C LEU D 684 -14.11 15.60 -26.03
N THR D 685 -13.66 16.80 -26.42
CA THR D 685 -12.28 17.20 -26.15
C THR D 685 -11.97 17.23 -24.67
N ALA D 686 -12.87 17.81 -23.87
CA ALA D 686 -12.64 17.88 -22.43
C ALA D 686 -12.65 16.49 -21.81
N LEU D 687 -13.60 15.64 -22.20
CA LEU D 687 -13.70 14.31 -21.61
C LEU D 687 -12.57 13.42 -22.07
N ASN D 688 -12.10 13.59 -23.31
CA ASN D 688 -10.90 12.88 -23.76
C ASN D 688 -9.68 13.33 -22.98
N ALA D 689 -9.58 14.62 -22.68
CA ALA D 689 -8.50 15.11 -21.83
C ALA D 689 -8.61 14.56 -20.42
N MET D 690 -9.83 14.44 -19.90
CA MET D 690 -10.03 13.86 -18.56
C MET D 690 -9.58 12.42 -18.52
N VAL D 691 -9.88 11.65 -19.57
CA VAL D 691 -9.48 10.24 -19.61
C VAL D 691 -7.96 10.12 -19.72
N GLN D 692 -7.35 10.91 -20.60
CA GLN D 692 -5.90 10.83 -20.80
C GLN D 692 -5.12 11.23 -19.55
N ASN D 693 -5.72 12.00 -18.65
CA ASN D 693 -5.06 12.46 -17.44
C ASN D 693 -5.54 11.73 -16.20
N ASN D 694 -6.29 10.64 -16.36
CA ASN D 694 -6.79 9.83 -15.25
C ASN D 694 -7.57 10.67 -14.25
N ARG D 695 -8.41 11.57 -14.76
CA ARG D 695 -9.22 12.45 -13.92
C ARG D 695 -10.57 11.79 -13.64
N ILE D 696 -10.52 10.70 -12.87
CA ILE D 696 -11.72 9.95 -12.55
C ILE D 696 -12.65 10.78 -11.67
N GLU D 697 -12.09 11.59 -10.78
CA GLU D 697 -12.92 12.47 -9.97
C GLU D 697 -13.59 13.55 -10.82
N LEU D 698 -12.96 13.94 -11.92
CA LEU D 698 -13.60 14.86 -12.86
C LEU D 698 -14.62 14.15 -13.72
N LEU D 699 -14.32 12.92 -14.15
CA LEU D 699 -15.25 12.17 -15.00
C LEU D 699 -16.49 11.72 -14.26
N ASN D 700 -16.42 11.63 -12.93
CA ASN D 700 -17.55 11.25 -12.11
C ASN D 700 -18.41 12.43 -11.70
N HIS D 701 -18.06 13.63 -12.17
CA HIS D 701 -18.84 14.82 -11.85
C HIS D 701 -20.24 14.69 -12.45
N PRO D 702 -21.28 15.18 -11.76
CA PRO D 702 -22.63 15.10 -12.33
C PRO D 702 -22.78 15.79 -13.67
N VAL D 703 -22.01 16.85 -13.91
CA VAL D 703 -22.06 17.51 -15.22
C VAL D 703 -21.51 16.61 -16.30
N CYS D 704 -20.40 15.93 -16.02
CA CYS D 704 -19.80 15.04 -17.01
C CYS D 704 -20.62 13.75 -17.17
N LYS D 705 -21.26 13.29 -16.09
CA LYS D 705 -22.14 12.14 -16.19
C LYS D 705 -23.35 12.45 -17.07
N GLU D 706 -23.92 13.64 -16.91
CA GLU D 706 -25.06 14.03 -17.74
C GLU D 706 -24.63 14.34 -19.17
N TYR D 707 -23.37 14.74 -19.35
CA TYR D 707 -22.87 14.98 -20.70
C TYR D 707 -22.77 13.67 -21.47
N LEU D 708 -22.23 12.62 -20.84
CA LEU D 708 -22.12 11.33 -21.49
C LEU D 708 -23.50 10.70 -21.70
N LEU D 709 -24.40 10.86 -20.74
CA LEU D 709 -25.75 10.33 -20.89
C LEU D 709 -26.50 11.05 -22.00
N MET D 710 -26.25 12.35 -22.17
CA MET D 710 -26.86 13.08 -23.27
C MET D 710 -26.39 12.55 -24.61
N LYS D 711 -25.09 12.29 -24.74
CA LYS D 711 -24.56 11.75 -26.00
C LYS D 711 -25.05 10.33 -26.24
N TRP D 712 -25.20 9.55 -25.18
CA TRP D 712 -25.77 8.22 -25.29
C TRP D 712 -27.20 8.27 -25.82
N LEU D 713 -28.03 9.13 -25.21
CA LEU D 713 -29.43 9.22 -25.60
C LEU D 713 -29.63 9.99 -26.88
N ALA D 714 -28.59 10.66 -27.38
CA ALA D 714 -28.73 11.41 -28.63
C ALA D 714 -28.42 10.54 -29.85
N TYR D 715 -27.22 9.98 -29.90
CA TYR D 715 -26.82 9.13 -31.01
C TYR D 715 -26.15 7.83 -30.60
N GLY D 716 -25.59 7.73 -29.40
CA GLY D 716 -24.81 6.55 -29.04
C GLY D 716 -25.65 5.31 -28.86
N PHE D 717 -26.78 5.43 -28.14
CA PHE D 717 -27.62 4.27 -27.90
C PHE D 717 -28.26 3.78 -29.20
N ARG D 718 -28.73 4.70 -30.04
CA ARG D 718 -29.34 4.32 -31.31
C ARG D 718 -28.33 3.63 -32.22
N ALA D 719 -27.10 4.16 -32.29
CA ALA D 719 -26.11 3.61 -33.21
C ALA D 719 -25.74 2.18 -32.82
N HIS D 720 -25.56 1.92 -31.52
CA HIS D 720 -25.23 0.58 -31.09
C HIS D 720 -26.40 -0.38 -31.27
N MET D 721 -27.62 0.10 -31.05
CA MET D 721 -28.78 -0.77 -31.17
C MET D 721 -29.03 -1.17 -32.62
N MET D 722 -28.76 -0.27 -33.57
CA MET D 722 -28.84 -0.64 -34.98
C MET D 722 -27.76 -1.65 -35.34
N ASN D 723 -26.55 -1.47 -34.81
CA ASN D 723 -25.48 -2.45 -35.03
C ASN D 723 -25.82 -3.79 -34.38
N LEU D 724 -26.33 -3.75 -33.15
CA LEU D 724 -26.72 -4.99 -32.47
C LEU D 724 -27.91 -5.64 -33.16
N GLY D 725 -28.91 -4.85 -33.54
CA GLY D 725 -30.08 -5.42 -34.20
C GLY D 725 -29.77 -6.04 -35.54
N SER D 726 -28.79 -5.47 -36.26
CA SER D 726 -28.35 -6.05 -37.51
C SER D 726 -27.71 -7.42 -37.29
N TYR D 727 -26.89 -7.54 -36.24
CA TYR D 727 -26.28 -8.82 -35.91
C TYR D 727 -27.33 -9.84 -35.49
N CYS D 728 -28.30 -9.41 -34.66
CA CYS D 728 -29.33 -10.32 -34.19
C CYS D 728 -30.26 -10.77 -35.30
N LEU D 729 -30.24 -10.08 -36.44
CA LEU D 729 -31.05 -10.49 -37.58
C LEU D 729 -30.53 -11.76 -38.22
N GLY D 730 -29.29 -12.17 -37.90
CA GLY D 730 -28.77 -13.44 -38.35
C GLY D 730 -28.48 -14.37 -37.19
N LEU D 731 -28.31 -13.79 -36.00
CA LEU D 731 -28.03 -14.60 -34.82
C LEU D 731 -29.27 -15.33 -34.33
N ILE D 732 -30.42 -14.67 -34.32
CA ILE D 732 -31.66 -15.24 -33.82
C ILE D 732 -32.21 -16.27 -34.81
N PRO D 733 -32.32 -15.97 -36.12
CA PRO D 733 -32.80 -17.00 -37.04
C PRO D 733 -31.91 -18.23 -37.08
N MET D 734 -30.59 -18.06 -36.91
CA MET D 734 -29.69 -19.20 -36.90
C MET D 734 -29.94 -20.08 -35.68
N THR D 735 -30.16 -19.46 -34.52
CA THR D 735 -30.47 -20.22 -33.31
C THR D 735 -31.81 -20.94 -33.44
N ILE D 736 -32.80 -20.28 -34.07
CA ILE D 736 -34.10 -20.91 -34.28
C ILE D 736 -33.96 -22.12 -35.18
N LEU D 737 -33.14 -22.02 -36.23
CA LEU D 737 -32.93 -23.15 -37.12
C LEU D 737 -32.29 -24.32 -36.39
N VAL D 738 -31.29 -24.05 -35.54
CA VAL D 738 -30.55 -25.12 -34.88
C VAL D 738 -31.45 -25.87 -33.90
N VAL D 739 -32.27 -25.15 -33.14
CA VAL D 739 -33.12 -25.79 -32.13
C VAL D 739 -34.42 -26.35 -32.70
N ASN D 740 -34.71 -26.10 -33.98
CA ASN D 740 -35.94 -26.60 -34.60
C ASN D 740 -35.72 -27.71 -35.60
N ILE D 741 -34.51 -27.86 -36.13
CA ILE D 741 -34.17 -28.94 -37.05
C ILE D 741 -33.21 -29.88 -36.35
N LYS D 742 -33.50 -31.17 -36.43
CA LYS D 742 -32.63 -32.18 -35.83
C LYS D 742 -31.25 -32.13 -36.46
N PRO D 743 -30.19 -31.97 -35.69
CA PRO D 743 -28.84 -31.89 -36.27
C PRO D 743 -28.50 -33.16 -37.04
N GLY D 744 -27.75 -32.97 -38.13
CA GLY D 744 -27.38 -34.05 -39.01
C GLY D 744 -28.35 -34.33 -40.12
N MET D 745 -29.50 -33.67 -40.15
CA MET D 745 -30.52 -33.88 -41.17
C MET D 745 -30.48 -32.75 -42.19
N ALA D 746 -30.50 -33.11 -43.47
CA ALA D 746 -30.52 -32.12 -44.52
C ALA D 746 -31.87 -31.40 -44.57
N PHE D 747 -31.83 -30.10 -44.84
CA PHE D 747 -33.04 -29.31 -44.95
C PHE D 747 -32.82 -28.22 -45.99
N ASN D 748 -33.94 -27.74 -46.55
CA ASN D 748 -33.92 -26.64 -47.51
C ASN D 748 -35.13 -25.78 -47.22
N SER D 749 -35.48 -24.90 -48.18
CA SER D 749 -36.64 -24.04 -48.01
C SER D 749 -37.93 -24.85 -47.90
N THR D 750 -38.01 -25.96 -48.64
CA THR D 750 -39.21 -26.78 -48.61
C THR D 750 -39.44 -27.38 -47.22
N GLY D 751 -38.40 -27.88 -46.59
CA GLY D 751 -38.52 -28.45 -45.27
C GLY D 751 -37.31 -29.32 -44.94
N ILE D 752 -37.54 -30.26 -44.03
CA ILE D 752 -36.50 -31.18 -43.59
C ILE D 752 -36.54 -32.42 -44.48
N ILE D 753 -35.50 -32.61 -45.28
CA ILE D 753 -35.43 -33.74 -46.19
C ILE D 753 -35.25 -35.04 -45.42
N LEU D 763 -39.60 -36.03 -46.72
CA LEU D 763 -39.72 -34.58 -46.56
C LEU D 763 -40.75 -34.23 -45.49
N ASP D 764 -40.36 -33.37 -44.57
CA ASP D 764 -41.21 -32.96 -43.44
C ASP D 764 -41.51 -31.47 -43.61
N THR D 765 -42.61 -31.17 -44.29
CA THR D 765 -43.03 -29.79 -44.54
C THR D 765 -44.11 -29.42 -43.53
N THR D 766 -43.67 -29.18 -42.29
CA THR D 766 -44.55 -28.75 -41.20
C THR D 766 -44.20 -27.36 -40.71
N ASN D 767 -42.94 -27.11 -40.39
CA ASN D 767 -42.44 -25.79 -40.03
C ASN D 767 -41.77 -25.10 -41.22
N SER D 768 -42.28 -25.36 -42.43
CA SER D 768 -41.59 -24.91 -43.64
C SER D 768 -41.48 -23.40 -43.71
N TYR D 769 -42.54 -22.68 -43.33
CA TYR D 769 -42.50 -21.24 -43.38
C TYR D 769 -41.44 -20.68 -42.43
N LEU D 770 -41.39 -21.22 -41.22
CA LEU D 770 -40.38 -20.77 -40.26
C LEU D 770 -38.97 -21.10 -40.74
N ILE D 771 -38.78 -22.28 -41.33
CA ILE D 771 -37.46 -22.67 -41.81
C ILE D 771 -37.02 -21.77 -42.96
N LYS D 772 -37.93 -21.54 -43.92
CA LYS D 772 -37.58 -20.71 -45.07
C LYS D 772 -37.30 -19.27 -44.65
N THR D 773 -38.12 -18.72 -43.76
CA THR D 773 -37.90 -17.35 -43.30
C THR D 773 -36.56 -17.22 -42.59
N CYS D 774 -36.24 -18.16 -41.71
CA CYS D 774 -34.98 -18.11 -40.99
C CYS D 774 -33.79 -18.35 -41.93
N MET D 775 -33.97 -19.20 -42.93
CA MET D 775 -32.90 -19.44 -43.89
C MET D 775 -32.60 -18.20 -44.72
N ILE D 776 -33.65 -17.48 -45.13
CA ILE D 776 -33.46 -16.24 -45.88
C ILE D 776 -32.81 -15.19 -45.01
N LEU D 777 -33.26 -15.05 -43.76
CA LEU D 777 -32.72 -14.04 -42.86
C LEU D 777 -31.25 -14.28 -42.57
N VAL D 778 -30.84 -15.54 -42.41
CA VAL D 778 -29.43 -15.85 -42.21
C VAL D 778 -28.63 -15.51 -43.45
N PHE D 779 -29.15 -15.86 -44.63
CA PHE D 779 -28.45 -15.55 -45.88
C PHE D 779 -28.32 -14.05 -46.09
N LEU D 780 -29.39 -13.31 -45.85
CA LEU D 780 -29.35 -11.86 -46.04
C LEU D 780 -28.41 -11.20 -45.05
N SER D 781 -28.43 -11.65 -43.80
CA SER D 781 -27.54 -11.08 -42.80
C SER D 781 -26.08 -11.39 -43.10
N SER D 782 -25.81 -12.56 -43.68
CA SER D 782 -24.44 -12.95 -43.98
C SER D 782 -23.86 -12.10 -45.11
N ILE D 783 -24.64 -11.87 -46.17
CA ILE D 783 -24.16 -11.03 -47.26
C ILE D 783 -24.11 -9.57 -46.86
N PHE D 784 -25.06 -9.12 -46.02
CA PHE D 784 -24.97 -7.77 -45.48
C PHE D 784 -23.78 -7.63 -44.56
N GLY D 785 -23.49 -8.66 -43.77
CA GLY D 785 -22.28 -8.64 -42.95
C GLY D 785 -21.02 -8.60 -43.79
N TYR D 786 -21.04 -9.23 -44.96
CA TYR D 786 -19.94 -9.07 -45.90
C TYR D 786 -19.80 -7.63 -46.35
N CYS D 787 -20.92 -6.97 -46.64
CA CYS D 787 -20.89 -5.56 -47.02
C CYS D 787 -20.46 -4.68 -45.86
N LYS D 788 -20.92 -4.98 -44.66
CA LYS D 788 -20.60 -4.19 -43.48
C LYS D 788 -19.19 -4.47 -42.98
N ASP D 803 -7.18 -7.78 -37.17
CA ASP D 803 -8.05 -7.74 -36.00
C ASP D 803 -8.82 -9.05 -35.83
N ILE D 804 -9.03 -9.45 -34.57
CA ILE D 804 -9.69 -10.71 -34.29
C ILE D 804 -11.17 -10.64 -34.64
N SER D 805 -11.81 -9.49 -34.37
CA SER D 805 -13.25 -9.38 -34.58
C SER D 805 -13.62 -9.55 -36.06
N ASN D 806 -12.81 -9.00 -36.97
CA ASN D 806 -13.07 -9.19 -38.39
C ASN D 806 -12.89 -10.66 -38.79
N VAL D 807 -11.89 -11.33 -38.21
CA VAL D 807 -11.72 -12.75 -38.46
C VAL D 807 -12.94 -13.53 -37.97
N LEU D 808 -13.43 -13.20 -36.78
CA LEU D 808 -14.59 -13.89 -36.23
C LEU D 808 -15.82 -13.68 -37.10
N GLU D 809 -16.06 -12.44 -37.54
CA GLU D 809 -17.24 -12.16 -38.35
C GLU D 809 -17.15 -12.83 -39.72
N TRP D 810 -15.96 -12.87 -40.31
CA TRP D 810 -15.80 -13.53 -41.61
C TRP D 810 -16.10 -15.01 -41.52
N ILE D 811 -15.65 -15.66 -40.44
CA ILE D 811 -15.99 -17.07 -40.22
C ILE D 811 -17.49 -17.23 -40.05
N ILE D 812 -18.12 -16.31 -39.31
CA ILE D 812 -19.55 -16.41 -39.03
C ILE D 812 -20.35 -16.34 -40.32
N TYR D 813 -20.02 -15.39 -41.20
CA TYR D 813 -20.80 -15.20 -42.42
C TYR D 813 -20.56 -16.31 -43.41
N THR D 814 -19.31 -16.79 -43.52
CA THR D 814 -19.01 -17.87 -44.44
C THR D 814 -19.67 -19.18 -44.00
N THR D 815 -19.51 -19.55 -42.74
CA THR D 815 -20.12 -20.76 -42.24
C THR D 815 -21.64 -20.64 -42.16
N GLY D 816 -22.15 -19.43 -41.95
CA GLY D 816 -23.59 -19.23 -41.99
C GLY D 816 -24.18 -19.42 -43.37
N ILE D 817 -23.45 -19.00 -44.41
CA ILE D 817 -23.93 -19.17 -45.78
C ILE D 817 -24.01 -20.64 -46.13
N ILE D 818 -22.96 -21.40 -45.80
CA ILE D 818 -22.95 -22.82 -46.13
C ILE D 818 -24.03 -23.57 -45.37
N PHE D 819 -24.36 -23.13 -44.15
CA PHE D 819 -25.43 -23.77 -43.39
C PHE D 819 -26.77 -23.63 -44.10
N VAL D 820 -27.04 -22.44 -44.65
CA VAL D 820 -28.29 -22.19 -45.37
C VAL D 820 -28.06 -22.22 -46.89
N LEU D 821 -26.97 -22.84 -47.34
CA LEU D 821 -26.72 -22.96 -48.77
C LEU D 821 -27.82 -23.71 -49.53
N PRO D 822 -28.43 -24.80 -49.01
CA PRO D 822 -29.49 -25.49 -49.78
C PRO D 822 -30.68 -24.62 -50.15
N LEU D 823 -30.66 -23.35 -49.73
CA LEU D 823 -31.64 -22.40 -50.25
C LEU D 823 -31.51 -22.23 -51.76
N PHE D 824 -30.29 -22.37 -52.29
CA PHE D 824 -30.05 -22.29 -53.73
C PHE D 824 -29.47 -23.57 -54.30
N VAL D 825 -28.37 -24.07 -53.74
CA VAL D 825 -27.65 -25.22 -54.27
C VAL D 825 -27.61 -26.30 -53.20
N GLU D 826 -27.96 -27.53 -53.59
CA GLU D 826 -27.98 -28.64 -52.64
C GLU D 826 -26.57 -29.02 -52.19
N ILE D 827 -26.42 -29.27 -50.90
CA ILE D 827 -25.16 -29.72 -50.32
C ILE D 827 -25.44 -30.90 -49.40
N PRO D 828 -24.43 -31.73 -49.13
CA PRO D 828 -24.63 -32.86 -48.21
C PRO D 828 -24.95 -32.38 -46.80
N ALA D 829 -25.71 -33.20 -46.07
CA ALA D 829 -26.11 -32.84 -44.73
C ALA D 829 -24.93 -32.76 -43.77
N HIS D 830 -23.89 -33.56 -44.02
CA HIS D 830 -22.72 -33.54 -43.15
C HIS D 830 -22.01 -32.20 -43.21
N LEU D 831 -21.80 -31.67 -44.41
CA LEU D 831 -21.15 -30.37 -44.54
C LEU D 831 -22.05 -29.26 -44.03
N GLN D 832 -23.36 -29.39 -44.23
CA GLN D 832 -24.31 -28.37 -43.79
C GLN D 832 -24.28 -28.21 -42.28
N TRP D 833 -24.27 -29.32 -41.55
CA TRP D 833 -24.31 -29.25 -40.09
C TRP D 833 -22.92 -29.14 -39.48
N GLN D 834 -21.88 -29.48 -40.24
CA GLN D 834 -20.53 -29.17 -39.80
C GLN D 834 -20.30 -27.67 -39.76
N CYS D 835 -20.80 -26.95 -40.76
CA CYS D 835 -20.71 -25.49 -40.77
C CYS D 835 -21.71 -24.86 -39.82
N GLY D 836 -22.86 -25.50 -39.60
CA GLY D 836 -23.83 -24.97 -38.65
C GLY D 836 -23.33 -25.02 -37.22
N ALA D 837 -22.57 -26.05 -36.87
CA ALA D 837 -21.96 -26.12 -35.55
C ALA D 837 -20.93 -25.01 -35.36
N ILE D 838 -20.12 -24.76 -36.38
CA ILE D 838 -19.12 -23.70 -36.31
C ILE D 838 -19.80 -22.34 -36.20
N ALA D 839 -20.83 -22.11 -37.01
CA ALA D 839 -21.44 -20.78 -37.06
C ALA D 839 -22.20 -20.48 -35.78
N VAL D 840 -23.00 -21.42 -35.28
CA VAL D 840 -23.79 -21.15 -34.09
C VAL D 840 -22.88 -20.96 -32.88
N TYR D 841 -21.71 -21.62 -32.86
CA TYR D 841 -20.77 -21.42 -31.78
C TYR D 841 -20.14 -20.04 -31.84
N PHE D 842 -19.66 -19.64 -33.02
CA PHE D 842 -19.02 -18.34 -33.17
C PHE D 842 -20.02 -17.20 -33.17
N TYR D 843 -21.27 -17.45 -33.55
CA TYR D 843 -22.29 -16.41 -33.49
C TYR D 843 -22.49 -15.92 -32.06
N TRP D 844 -22.60 -16.85 -31.11
CA TRP D 844 -22.82 -16.50 -29.73
C TRP D 844 -21.53 -16.10 -29.01
N MET D 845 -20.38 -16.48 -29.56
CA MET D 845 -19.11 -16.07 -28.98
C MET D 845 -18.78 -14.64 -29.38
N ASN D 846 -19.07 -14.27 -30.63
CA ASN D 846 -18.88 -12.90 -31.09
C ASN D 846 -19.96 -11.96 -30.55
N PHE D 847 -21.08 -12.50 -30.08
CA PHE D 847 -22.10 -11.68 -29.44
C PHE D 847 -21.58 -11.06 -28.15
N LEU D 848 -20.60 -11.70 -27.51
CA LEU D 848 -19.98 -11.12 -26.32
C LEU D 848 -19.24 -9.85 -26.63
N LEU D 849 -18.80 -9.67 -27.88
CA LEU D 849 -18.14 -8.44 -28.29
C LEU D 849 -19.12 -7.29 -28.47
N TYR D 850 -20.38 -7.61 -28.79
CA TYR D 850 -21.41 -6.57 -28.83
C TYR D 850 -21.84 -6.15 -27.44
N LEU D 851 -21.72 -7.05 -26.46
CA LEU D 851 -22.07 -6.73 -25.09
C LEU D 851 -21.02 -5.89 -24.39
N GLN D 852 -19.81 -5.79 -24.94
CA GLN D 852 -18.78 -4.96 -24.35
C GLN D 852 -19.11 -3.47 -24.39
N ARG D 853 -20.10 -3.07 -25.18
CA ARG D 853 -20.53 -1.68 -25.30
C ARG D 853 -21.73 -1.37 -24.40
N PHE D 854 -21.80 -2.02 -23.23
CA PHE D 854 -22.80 -1.75 -22.23
C PHE D 854 -22.13 -1.56 -20.88
N GLU D 855 -22.77 -0.76 -20.02
CA GLU D 855 -22.16 -0.40 -18.74
C GLU D 855 -21.95 -1.61 -17.86
N ASN D 856 -22.94 -2.50 -17.78
CA ASN D 856 -22.89 -3.62 -16.86
C ASN D 856 -22.07 -4.79 -17.39
N CYS D 857 -21.75 -4.82 -18.68
CA CYS D 857 -21.05 -5.95 -19.28
C CYS D 857 -19.65 -5.64 -19.75
N GLY D 858 -19.30 -4.36 -19.90
CA GLY D 858 -18.03 -4.02 -20.52
C GLY D 858 -16.83 -4.47 -19.72
N ILE D 859 -16.85 -4.26 -18.40
CA ILE D 859 -15.69 -4.58 -17.57
C ILE D 859 -15.49 -6.09 -17.49
N PHE D 860 -16.58 -6.87 -17.41
CA PHE D 860 -16.45 -8.31 -17.37
C PHE D 860 -15.82 -8.86 -18.65
N ILE D 861 -16.19 -8.31 -19.80
CA ILE D 861 -15.57 -8.73 -21.05
C ILE D 861 -14.10 -8.33 -21.08
N VAL D 862 -13.77 -7.18 -20.49
CA VAL D 862 -12.37 -6.76 -20.39
C VAL D 862 -11.58 -7.75 -19.53
N MET D 863 -12.16 -8.19 -18.42
CA MET D 863 -11.49 -9.16 -17.56
C MET D 863 -11.32 -10.50 -18.27
N LEU D 864 -12.34 -10.94 -19.00
CA LEU D 864 -12.27 -12.20 -19.71
C LEU D 864 -11.17 -12.17 -20.77
N GLU D 865 -11.02 -11.03 -21.45
CA GLU D 865 -9.94 -10.88 -22.42
C GLU D 865 -8.57 -10.94 -21.76
N VAL D 866 -8.43 -10.30 -20.59
CA VAL D 866 -7.14 -10.28 -19.90
C VAL D 866 -6.78 -11.68 -19.41
N ILE D 867 -7.75 -12.41 -18.86
CA ILE D 867 -7.49 -13.76 -18.39
C ILE D 867 -7.13 -14.67 -19.56
N LEU D 868 -7.88 -14.56 -20.66
CA LEU D 868 -7.66 -15.45 -21.81
C LEU D 868 -6.30 -15.19 -22.45
N LYS D 869 -5.92 -13.91 -22.60
CA LYS D 869 -4.64 -13.59 -23.22
C LYS D 869 -3.47 -14.06 -22.37
N THR D 870 -3.59 -13.94 -21.05
CA THR D 870 -2.54 -14.43 -20.16
C THR D 870 -2.40 -15.95 -20.27
N LEU D 871 -3.53 -16.66 -20.36
CA LEU D 871 -3.48 -18.10 -20.52
C LEU D 871 -2.86 -18.50 -21.86
N LEU D 872 -3.20 -17.76 -22.92
CA LEU D 872 -2.67 -18.08 -24.24
C LEU D 872 -1.17 -17.77 -24.35
N ARG D 873 -0.71 -16.74 -23.65
CA ARG D 873 0.73 -16.47 -23.61
C ARG D 873 1.47 -17.49 -22.77
N SER D 874 0.78 -18.17 -21.86
CA SER D 874 1.40 -19.18 -21.02
C SER D 874 1.24 -20.59 -21.54
N THR D 875 0.31 -20.82 -22.47
CA THR D 875 0.09 -22.16 -22.99
C THR D 875 1.19 -22.59 -23.95
N VAL D 876 1.91 -21.63 -24.54
CA VAL D 876 3.05 -21.97 -25.39
C VAL D 876 4.22 -22.47 -24.58
N VAL D 877 4.17 -22.35 -23.26
CA VAL D 877 5.19 -22.85 -22.37
C VAL D 877 4.80 -24.19 -21.75
N PHE D 878 3.59 -24.28 -21.21
CA PHE D 878 3.16 -25.49 -20.52
C PHE D 878 2.61 -26.56 -21.47
N ILE D 879 2.55 -26.29 -22.77
CA ILE D 879 2.23 -27.34 -23.74
C ILE D 879 3.32 -28.41 -23.73
N PHE D 880 4.56 -28.02 -23.48
CA PHE D 880 5.66 -28.98 -23.40
C PHE D 880 5.61 -29.76 -22.09
N LEU D 881 5.05 -29.17 -21.04
CA LEU D 881 4.79 -29.92 -19.82
C LEU D 881 3.75 -31.00 -20.06
N LEU D 882 2.70 -30.68 -20.80
CA LEU D 882 1.70 -31.68 -21.15
C LEU D 882 2.25 -32.70 -22.13
N LEU D 883 3.16 -32.26 -23.01
CA LEU D 883 3.80 -33.18 -23.94
C LEU D 883 4.69 -34.18 -23.20
N ALA D 884 5.39 -33.72 -22.16
CA ALA D 884 6.24 -34.61 -21.38
C ALA D 884 5.42 -35.71 -20.71
N PHE D 885 4.30 -35.33 -20.10
CA PHE D 885 3.47 -36.31 -19.41
C PHE D 885 2.65 -37.14 -20.38
N GLY D 886 2.20 -36.52 -21.47
CA GLY D 886 1.37 -37.24 -22.43
C GLY D 886 2.12 -38.34 -23.15
N LEU D 887 3.38 -38.09 -23.50
CA LEU D 887 4.18 -39.10 -24.19
C LEU D 887 4.65 -40.18 -23.22
N SER D 888 4.94 -39.80 -21.98
CA SER D 888 5.31 -40.79 -20.97
C SER D 888 4.14 -41.69 -20.62
N PHE D 889 2.95 -41.12 -20.43
CA PHE D 889 1.75 -41.92 -20.20
C PHE D 889 1.44 -42.81 -21.40
N TYR D 890 1.80 -42.35 -22.61
CA TYR D 890 1.60 -43.16 -23.80
C TYR D 890 2.42 -44.43 -23.75
N ILE D 891 3.68 -44.35 -23.31
CA ILE D 891 4.52 -45.54 -23.19
C ILE D 891 4.04 -46.40 -22.04
N LEU D 892 3.78 -45.78 -20.89
CA LEU D 892 3.49 -46.54 -19.67
C LEU D 892 2.12 -47.19 -19.71
N LEU D 893 1.11 -46.45 -20.17
CA LEU D 893 -0.27 -46.92 -20.17
C LEU D 893 -0.76 -47.23 -21.58
N ASN D 894 0.13 -47.78 -22.41
CA ASN D 894 -0.17 -47.99 -23.82
C ASN D 894 -1.33 -48.96 -24.01
N LEU D 895 -1.39 -50.00 -23.19
CA LEU D 895 -2.40 -51.06 -23.37
C LEU D 895 -3.80 -50.61 -23.04
N GLN D 896 -4.00 -49.36 -22.66
CA GLN D 896 -5.32 -48.82 -22.34
C GLN D 896 -5.79 -47.90 -23.46
N ASP D 897 -7.10 -47.93 -23.72
CA ASP D 897 -7.67 -47.12 -24.79
C ASP D 897 -7.40 -45.62 -24.68
N PRO D 898 -7.49 -44.99 -23.51
CA PRO D 898 -7.20 -43.55 -23.45
C PRO D 898 -5.77 -43.18 -23.83
N PHE D 899 -4.82 -44.12 -23.77
CA PHE D 899 -3.42 -43.84 -24.06
C PHE D 899 -2.91 -44.70 -25.21
N SER D 900 -3.80 -45.11 -26.11
CA SER D 900 -3.44 -46.01 -27.19
C SER D 900 -2.70 -45.30 -28.32
N SER D 901 -2.80 -43.99 -28.42
CA SER D 901 -2.12 -43.21 -29.44
C SER D 901 -1.39 -42.04 -28.80
N PRO D 902 -0.32 -41.56 -29.43
CA PRO D 902 0.33 -40.35 -28.90
C PRO D 902 -0.61 -39.15 -28.83
N LEU D 903 -1.48 -38.99 -29.82
CA LEU D 903 -2.40 -37.84 -29.83
C LEU D 903 -3.51 -38.01 -28.80
N LEU D 904 -4.05 -39.22 -28.68
CA LEU D 904 -5.08 -39.48 -27.68
C LEU D 904 -4.51 -39.33 -26.27
N SER D 905 -3.27 -39.73 -26.07
CA SER D 905 -2.63 -39.61 -24.76
C SER D 905 -2.45 -38.15 -24.37
N ILE D 906 -2.11 -37.29 -25.32
CA ILE D 906 -1.94 -35.87 -25.03
C ILE D 906 -3.28 -35.22 -24.70
N ILE D 907 -4.33 -35.60 -25.43
CA ILE D 907 -5.67 -35.08 -25.13
C ILE D 907 -6.13 -35.57 -23.77
N GLN D 908 -5.86 -36.84 -23.45
CA GLN D 908 -6.21 -37.37 -22.14
C GLN D 908 -5.44 -36.66 -21.03
N THR D 909 -4.15 -36.40 -21.25
CA THR D 909 -3.35 -35.70 -20.24
C THR D 909 -3.86 -34.28 -20.04
N PHE D 910 -4.27 -33.62 -21.13
CA PHE D 910 -4.87 -32.30 -21.04
C PHE D 910 -6.20 -32.35 -20.30
N SER D 911 -6.93 -33.47 -20.41
CA SER D 911 -8.24 -33.60 -19.77
C SER D 911 -8.13 -33.85 -18.28
N MET D 912 -7.07 -34.49 -17.83
CA MET D 912 -6.88 -34.77 -16.40
C MET D 912 -6.13 -33.65 -15.69
N MET D 913 -5.93 -32.52 -16.36
CA MET D 913 -5.22 -31.39 -15.78
C MET D 913 -6.06 -30.63 -14.77
N LEU D 914 -7.38 -30.87 -14.75
CA LEU D 914 -8.26 -30.24 -13.78
C LEU D 914 -8.52 -31.11 -12.55
N GLY D 915 -8.03 -32.34 -12.55
CA GLY D 915 -8.23 -33.25 -11.43
C GLY D 915 -8.90 -34.56 -11.79
N ASP D 916 -9.38 -34.74 -13.03
CA ASP D 916 -9.99 -36.00 -13.45
C ASP D 916 -8.91 -36.96 -13.91
N ILE D 917 -8.12 -37.42 -12.93
CA ILE D 917 -6.93 -38.21 -13.22
C ILE D 917 -7.29 -39.65 -13.56
N ASN D 918 -8.47 -40.12 -13.12
CA ASN D 918 -8.92 -41.49 -13.36
C ASN D 918 -7.98 -42.50 -12.72
N TYR D 919 -7.71 -42.29 -11.42
CA TYR D 919 -6.73 -43.10 -10.73
C TYR D 919 -7.16 -44.56 -10.66
N ARG D 920 -8.43 -44.82 -10.34
CA ARG D 920 -8.87 -46.19 -10.15
C ARG D 920 -8.96 -46.93 -11.48
N GLU D 921 -9.52 -46.29 -12.51
CA GLU D 921 -9.71 -46.96 -13.78
C GLU D 921 -8.41 -47.15 -14.54
N SER D 922 -7.43 -46.27 -14.31
CA SER D 922 -6.21 -46.28 -15.10
C SER D 922 -4.98 -46.77 -14.35
N PHE D 923 -4.97 -46.69 -13.02
CA PHE D 923 -3.80 -47.05 -12.25
C PHE D 923 -4.06 -48.17 -11.24
N LEU D 924 -5.12 -48.05 -10.45
CA LEU D 924 -5.32 -49.01 -9.36
C LEU D 924 -5.90 -50.33 -9.87
N GLU D 925 -6.98 -50.27 -10.64
CA GLU D 925 -7.59 -51.50 -11.16
C GLU D 925 -6.68 -52.23 -12.14
N PRO D 926 -6.03 -51.57 -13.11
CA PRO D 926 -5.06 -52.31 -13.95
C PRO D 926 -3.93 -52.94 -13.16
N TYR D 927 -3.46 -52.28 -12.10
CA TYR D 927 -2.35 -52.81 -11.33
C TYR D 927 -2.75 -54.06 -10.54
N LEU D 928 -3.94 -54.05 -9.95
CA LEU D 928 -4.42 -55.21 -9.22
C LEU D 928 -4.74 -56.37 -10.15
N ARG D 929 -4.95 -56.09 -11.43
CA ARG D 929 -5.13 -57.14 -12.44
C ARG D 929 -3.81 -57.53 -13.10
N ASN D 930 -2.69 -56.99 -12.63
CA ASN D 930 -1.36 -57.27 -13.20
C ASN D 930 -1.29 -56.90 -14.67
N GLU D 931 -2.02 -55.87 -15.08
CA GLU D 931 -2.03 -55.40 -16.46
C GLU D 931 -1.25 -54.12 -16.63
N LEU D 932 -0.52 -53.69 -15.61
CA LEU D 932 0.28 -52.47 -15.65
C LEU D 932 1.73 -52.84 -15.89
N ALA D 933 2.18 -52.72 -17.13
CA ALA D 933 3.60 -52.79 -17.40
C ALA D 933 4.28 -51.57 -16.77
N HIS D 934 5.42 -51.81 -16.13
CA HIS D 934 6.09 -50.79 -15.33
C HIS D 934 5.14 -50.24 -14.28
N PRO D 935 4.75 -51.02 -13.28
CA PRO D 935 3.81 -50.49 -12.28
C PRO D 935 4.44 -49.45 -11.36
N VAL D 936 5.70 -49.61 -10.99
CA VAL D 936 6.35 -48.61 -10.14
C VAL D 936 6.54 -47.31 -10.90
N LEU D 937 6.89 -47.40 -12.18
CA LEU D 937 7.06 -46.19 -12.99
C LEU D 937 5.73 -45.46 -13.17
N SER D 938 4.64 -46.22 -13.38
CA SER D 938 3.34 -45.60 -13.58
C SER D 938 2.88 -44.84 -12.34
N PHE D 939 3.06 -45.43 -11.16
CA PHE D 939 2.64 -44.77 -9.93
C PHE D 939 3.55 -43.59 -9.60
N ALA D 940 4.84 -43.70 -9.91
CA ALA D 940 5.75 -42.57 -9.73
C ALA D 940 5.37 -41.42 -10.67
N GLN D 941 5.02 -41.74 -11.91
CA GLN D 941 4.60 -40.71 -12.86
C GLN D 941 3.23 -40.14 -12.49
N LEU D 942 2.36 -40.96 -11.92
CA LEU D 942 1.06 -40.49 -11.47
C LEU D 942 1.20 -39.46 -10.34
N VAL D 943 2.08 -39.73 -9.39
CA VAL D 943 2.30 -38.79 -8.29
C VAL D 943 2.95 -37.52 -8.80
N SER D 944 3.92 -37.65 -9.71
CA SER D 944 4.58 -36.47 -10.25
C SER D 944 3.63 -35.64 -11.09
N PHE D 945 2.73 -36.29 -11.83
CA PHE D 945 1.74 -35.54 -12.60
C PHE D 945 0.83 -34.73 -11.70
N THR D 946 0.30 -35.38 -10.65
CA THR D 946 -0.62 -34.71 -9.75
C THR D 946 0.03 -33.52 -9.07
N ILE D 947 1.29 -33.67 -8.67
CA ILE D 947 2.02 -32.55 -8.08
C ILE D 947 2.20 -31.43 -9.09
N PHE D 948 2.52 -31.76 -10.34
CA PHE D 948 2.88 -30.74 -11.32
C PHE D 948 1.66 -30.05 -11.92
N VAL D 949 0.80 -30.80 -12.60
CA VAL D 949 -0.22 -30.15 -13.41
C VAL D 949 -1.46 -29.74 -12.62
N PRO D 950 -2.17 -30.64 -11.94
CA PRO D 950 -3.40 -30.20 -11.25
C PRO D 950 -3.16 -29.34 -10.02
N ILE D 951 -1.94 -29.27 -9.52
CA ILE D 951 -1.61 -28.45 -8.35
C ILE D 951 -0.73 -27.27 -8.73
N VAL D 952 0.49 -27.53 -9.19
CA VAL D 952 1.43 -26.44 -9.44
C VAL D 952 0.98 -25.61 -10.64
N LEU D 953 0.57 -26.27 -11.72
CA LEU D 953 0.18 -25.55 -12.93
C LEU D 953 -1.16 -24.84 -12.75
N MET D 954 -2.12 -25.50 -12.12
CA MET D 954 -3.43 -24.86 -11.92
C MET D 954 -3.35 -23.70 -10.94
N ASN D 955 -2.56 -23.86 -9.87
CA ASN D 955 -2.40 -22.77 -8.92
C ASN D 955 -1.62 -21.60 -9.52
N LEU D 956 -0.70 -21.90 -10.43
CA LEU D 956 -0.02 -20.84 -11.17
C LEU D 956 -1.01 -20.03 -11.99
N LEU D 957 -1.93 -20.70 -12.67
CA LEU D 957 -2.95 -20.01 -13.45
C LEU D 957 -3.92 -19.25 -12.55
N ILE D 958 -4.28 -19.84 -11.41
CA ILE D 958 -5.18 -19.18 -10.47
C ILE D 958 -4.52 -17.93 -9.90
N GLY D 959 -3.25 -18.05 -9.49
CA GLY D 959 -2.55 -16.89 -8.97
C GLY D 959 -2.32 -15.82 -10.02
N LEU D 960 -2.10 -16.23 -11.26
CA LEU D 960 -1.99 -15.28 -12.36
C LEU D 960 -3.31 -14.56 -12.59
N ALA D 961 -4.42 -15.29 -12.53
CA ALA D 961 -5.74 -14.69 -12.75
C ALA D 961 -6.11 -13.73 -11.62
N VAL D 962 -5.77 -14.10 -10.38
CA VAL D 962 -6.09 -13.24 -9.24
C VAL D 962 -5.41 -11.88 -9.39
N GLY D 963 -4.15 -11.90 -9.81
CA GLY D 963 -3.44 -10.65 -10.05
C GLY D 963 -4.00 -9.87 -11.23
N ASP D 964 -4.41 -10.58 -12.28
CA ASP D 964 -4.99 -9.92 -13.44
C ASP D 964 -6.30 -9.22 -13.09
N ILE D 965 -7.18 -9.90 -12.35
CA ILE D 965 -8.45 -9.29 -11.97
C ILE D 965 -8.22 -8.09 -11.06
N ALA D 966 -7.25 -8.20 -10.16
CA ALA D 966 -6.97 -7.11 -9.22
C ALA D 966 -6.49 -5.87 -9.97
N GLU D 967 -5.66 -6.03 -10.99
CA GLU D 967 -5.20 -4.89 -11.76
C GLU D 967 -6.33 -4.24 -12.53
N VAL D 968 -7.26 -5.04 -13.05
CA VAL D 968 -8.40 -4.49 -13.77
C VAL D 968 -9.32 -3.74 -12.82
N GLN D 969 -9.58 -4.32 -11.64
CA GLN D 969 -10.45 -3.68 -10.67
C GLN D 969 -9.86 -2.39 -10.10
N LYS D 970 -8.53 -2.23 -10.20
CA LYS D 970 -7.91 -1.00 -9.70
C LYS D 970 -8.42 0.22 -10.46
N HIS D 971 -8.60 0.10 -11.77
CA HIS D 971 -9.04 1.20 -12.61
C HIS D 971 -10.32 0.83 -13.34
N ALA D 972 -11.25 0.16 -12.65
CA ALA D 972 -12.48 -0.28 -13.30
C ALA D 972 -13.38 0.88 -13.66
N SER D 973 -13.53 1.85 -12.74
CA SER D 973 -14.38 3.00 -13.01
C SER D 973 -13.79 3.88 -14.11
N LEU D 974 -12.47 4.05 -14.11
CA LEU D 974 -11.82 4.81 -15.17
C LEU D 974 -11.92 4.08 -16.51
N LYS D 975 -11.74 2.76 -16.51
CA LYS D 975 -11.84 1.99 -17.74
C LYS D 975 -13.26 2.01 -18.28
N ARG D 976 -14.26 1.99 -17.40
CA ARG D 976 -15.65 1.99 -17.83
C ARG D 976 -16.02 3.30 -18.51
N ILE D 977 -15.66 4.43 -17.90
CA ILE D 977 -15.97 5.73 -18.49
C ILE D 977 -15.15 5.96 -19.75
N ALA D 978 -13.90 5.49 -19.77
CA ALA D 978 -13.08 5.63 -20.97
C ALA D 978 -13.67 4.85 -22.14
N MET D 979 -14.31 3.72 -21.88
CA MET D 979 -14.99 2.98 -22.95
C MET D 979 -16.17 3.77 -23.49
N GLN D 980 -16.94 4.42 -22.61
CA GLN D 980 -18.05 5.26 -23.06
C GLN D 980 -17.54 6.48 -23.82
N VAL D 981 -16.47 7.09 -23.34
CA VAL D 981 -15.89 8.23 -24.04
C VAL D 981 -15.35 7.81 -25.40
N GLU D 982 -14.67 6.67 -25.45
CA GLU D 982 -14.11 6.19 -26.72
C GLU D 982 -15.21 5.81 -27.71
N LEU D 983 -16.30 5.22 -27.22
CA LEU D 983 -17.38 4.81 -28.10
C LEU D 983 -18.02 6.01 -28.80
N HIS D 984 -18.27 7.08 -28.05
CA HIS D 984 -18.92 8.25 -28.62
C HIS D 984 -17.95 9.09 -29.43
N THR D 985 -16.67 9.14 -29.03
CA THR D 985 -15.68 9.88 -29.80
C THR D 985 -15.52 9.30 -31.20
N SER D 986 -15.42 7.97 -31.30
CA SER D 986 -15.29 7.33 -32.60
C SER D 986 -16.58 7.46 -33.41
N LEU D 987 -17.73 7.42 -32.74
CA LEU D 987 -18.99 7.61 -33.44
C LEU D 987 -19.10 9.00 -34.04
N GLU D 988 -18.68 10.02 -33.29
CA GLU D 988 -18.77 11.39 -33.79
C GLU D 988 -17.86 11.62 -34.97
N LYS D 989 -16.72 10.92 -35.03
CA LYS D 989 -15.80 11.06 -36.15
C LYS D 989 -16.35 10.49 -37.44
N LYS D 990 -17.40 9.67 -37.38
CA LYS D 990 -18.00 9.07 -38.56
C LYS D 990 -19.35 9.65 -38.92
N LEU D 991 -19.98 10.37 -38.03
CA LEU D 991 -21.32 10.91 -38.26
C LEU D 991 -21.24 12.25 -38.97
N PRO D 992 -22.22 12.57 -39.81
CA PRO D 992 -22.21 13.85 -40.51
C PRO D 992 -22.38 15.04 -39.57
N LEU D 993 -21.79 16.17 -39.97
CA LEU D 993 -21.85 17.36 -39.13
C LEU D 993 -23.26 17.91 -39.02
N TRP D 994 -24.07 17.77 -40.07
CA TRP D 994 -25.45 18.26 -40.01
C TRP D 994 -26.26 17.47 -38.98
N PHE D 995 -26.02 16.16 -38.89
CA PHE D 995 -26.74 15.34 -37.92
C PHE D 995 -26.28 15.63 -36.50
N LEU D 996 -24.96 15.76 -36.30
CA LEU D 996 -24.43 16.04 -34.97
C LEU D 996 -24.95 17.36 -34.44
N ARG D 997 -25.01 18.38 -35.29
CA ARG D 997 -25.57 19.67 -34.88
C ARG D 997 -27.05 19.54 -34.54
N LYS D 998 -27.75 18.61 -35.19
CA LYS D 998 -29.17 18.45 -34.94
C LYS D 998 -29.44 17.87 -33.54
N VAL D 999 -28.62 16.90 -33.12
CA VAL D 999 -28.88 16.17 -31.88
C VAL D 999 -28.04 16.67 -30.70
N ASP D 1000 -27.11 17.61 -30.93
CA ASP D 1000 -26.23 18.07 -29.87
C ASP D 1000 -26.99 19.03 -28.95
N GLN D 1001 -27.13 18.64 -27.69
CA GLN D 1001 -27.73 19.49 -26.68
C GLN D 1001 -26.64 20.30 -25.98
N LYS D 1002 -26.92 21.57 -25.75
CA LYS D 1002 -26.01 22.44 -25.02
C LYS D 1002 -26.27 22.43 -23.52
N SER D 1003 -27.43 21.96 -23.09
CA SER D 1003 -27.76 21.86 -21.68
C SER D 1003 -28.83 20.81 -21.50
N THR D 1004 -28.91 20.28 -20.28
CA THR D 1004 -29.89 19.26 -19.93
C THR D 1004 -30.57 19.64 -18.63
N ILE D 1005 -31.90 19.56 -18.61
CA ILE D 1005 -32.70 19.87 -17.43
C ILE D 1005 -33.24 18.55 -16.87
N VAL D 1006 -32.99 18.31 -15.58
CA VAL D 1006 -33.40 17.10 -14.90
C VAL D 1006 -34.47 17.46 -13.89
N TYR D 1007 -35.56 16.68 -13.88
CA TYR D 1007 -36.74 16.94 -13.04
C TYR D 1007 -37.40 18.25 -13.44
N SER D 1040 -5.78 12.29 -1.16
CA SER D 1040 -4.63 11.55 -1.68
C SER D 1040 -3.45 11.64 -0.71
N LEU D 1041 -2.37 10.94 -1.04
CA LEU D 1041 -1.17 10.98 -0.23
C LEU D 1041 0.06 11.37 -1.07
N GLU D 1042 -0.13 11.59 -2.37
CA GLU D 1042 0.90 12.19 -3.21
C GLU D 1042 0.58 13.63 -3.57
N MET D 1043 -0.68 14.05 -3.49
CA MET D 1043 -1.06 15.44 -3.67
C MET D 1043 -0.91 16.25 -2.39
N GLU D 1044 -0.62 15.59 -1.27
CA GLU D 1044 -0.32 16.26 -0.02
C GLU D 1044 1.18 16.31 0.27
N ILE D 1045 2.01 15.83 -0.66
CA ILE D 1045 3.45 15.86 -0.48
C ILE D 1045 4.05 16.77 -1.55
N LEU D 1046 3.41 16.84 -2.71
CA LEU D 1046 3.83 17.80 -3.72
C LEU D 1046 3.46 19.22 -3.31
N LYS D 1047 2.31 19.38 -2.65
CA LYS D 1047 1.95 20.69 -2.11
C LYS D 1047 2.89 21.11 -1.00
N GLN D 1048 3.29 20.16 -0.15
CA GLN D 1048 4.24 20.47 0.92
C GLN D 1048 5.61 20.82 0.35
N LYS D 1049 6.02 20.15 -0.72
CA LYS D 1049 7.29 20.48 -1.35
C LYS D 1049 7.26 21.90 -1.93
N TYR D 1050 6.13 22.31 -2.49
CA TYR D 1050 6.00 23.67 -2.98
C TYR D 1050 6.05 24.68 -1.84
N ARG D 1051 5.42 24.36 -0.71
CA ARG D 1051 5.47 25.24 0.45
C ARG D 1051 6.88 25.36 0.99
N LEU D 1052 7.63 24.25 1.05
CA LEU D 1052 9.00 24.28 1.52
C LEU D 1052 9.89 25.08 0.58
N LYS D 1053 9.67 24.96 -0.73
CA LYS D 1053 10.46 25.74 -1.67
C LYS D 1053 10.21 27.23 -1.52
N ASP D 1054 8.95 27.62 -1.29
CA ASP D 1054 8.65 29.02 -1.06
C ASP D 1054 9.22 29.50 0.26
N LEU D 1055 9.22 28.64 1.28
CA LEU D 1055 9.81 28.99 2.56
C LEU D 1055 11.31 29.19 2.43
N THR D 1056 11.97 28.34 1.64
CA THR D 1056 13.41 28.49 1.42
C THR D 1056 13.73 29.80 0.72
N PHE D 1057 12.92 30.17 -0.27
CA PHE D 1057 13.14 31.41 -1.01
C PHE D 1057 13.00 32.62 -0.10
N LEU D 1058 11.99 32.61 0.79
CA LEU D 1058 11.78 33.74 1.68
C LEU D 1058 12.90 33.85 2.72
N LEU D 1059 13.36 32.71 3.24
CA LEU D 1059 14.40 32.73 4.25
C LEU D 1059 15.73 33.19 3.68
N GLU D 1060 15.99 32.90 2.40
CA GLU D 1060 17.19 33.39 1.74
C GLU D 1060 17.11 34.91 1.54
N LYS D 1061 15.93 35.42 1.20
CA LYS D 1061 15.75 36.87 1.12
C LYS D 1061 15.94 37.52 2.49
N GLN D 1062 15.42 36.88 3.54
CA GLN D 1062 15.60 37.38 4.89
C GLN D 1062 17.06 37.38 5.29
N HIS D 1063 17.79 36.33 4.93
CA HIS D 1063 19.20 36.21 5.29
C HIS D 1063 20.02 37.32 4.67
N GLU D 1064 19.74 37.66 3.40
CA GLU D 1064 20.47 38.74 2.74
C GLU D 1064 20.15 40.08 3.39
N LEU D 1065 18.91 40.27 3.83
CA LEU D 1065 18.53 41.52 4.49
C LEU D 1065 19.22 41.68 5.84
N ILE D 1066 19.32 40.59 6.61
CA ILE D 1066 19.99 40.65 7.90
C ILE D 1066 21.48 40.90 7.72
N LYS D 1067 22.08 40.31 6.68
CA LYS D 1067 23.46 40.62 6.36
C LYS D 1067 23.63 42.08 5.98
N LEU D 1068 22.63 42.67 5.32
CA LEU D 1068 22.70 44.07 4.95
C LEU D 1068 22.57 44.97 6.18
N ILE D 1069 21.80 44.53 7.18
CA ILE D 1069 21.69 45.30 8.42
C ILE D 1069 23.06 45.44 9.07
N ILE D 1070 23.80 44.32 9.18
CA ILE D 1070 25.11 44.35 9.79
C ILE D 1070 26.06 45.24 9.00
N GLN D 1071 25.91 45.25 7.68
CA GLN D 1071 26.77 46.08 6.83
C GLN D 1071 26.59 47.56 7.15
N LYS D 1072 25.35 48.00 7.31
CA LYS D 1072 25.03 49.42 7.42
C LYS D 1072 24.84 49.90 8.85
N MET D 1073 24.70 48.98 9.80
CA MET D 1073 24.42 49.31 11.19
C MET D 1073 25.57 50.07 11.84
N GLU D 1074 25.22 50.86 12.85
CA GLU D 1074 26.17 51.67 13.59
C GLU D 1074 26.68 50.90 14.80
N ILE D 1075 28.00 50.79 14.93
CA ILE D 1075 28.63 50.09 16.04
C ILE D 1075 29.60 51.06 16.70
N ILE D 1076 29.23 51.57 17.87
CA ILE D 1076 30.03 52.59 18.56
C ILE D 1076 30.40 52.11 19.96
N SER D 1077 29.39 51.88 20.80
CA SER D 1077 29.66 51.48 22.18
C SER D 1077 30.19 50.06 22.27
N GLU D 1078 29.76 49.19 21.35
CA GLU D 1078 30.14 47.78 21.37
C GLU D 1078 31.22 47.47 20.35
N THR D 1079 31.90 48.49 19.83
CA THR D 1079 32.98 48.31 18.87
C THR D 1079 34.16 47.58 19.52
O1 A1BNO E . -25.42 -6.16 18.91
C7 A1BNO E . -21.47 -12.23 21.81
O2 A1BNO E . -24.70 -12.07 22.05
C6 A1BNO E . -22.59 -11.71 20.94
C1 A1BNO E . -24.86 -7.14 19.37
N1 A1BNO E . -23.99 -7.03 20.44
C5 A1BNO E . -22.16 -9.46 22.05
C4 A1BNO E . -23.56 -9.37 20.38
C3 A1BNO E . -23.36 -8.14 20.92
C2 A1BNO E . -23.78 -5.71 21.05
N A1BNO E . -25.02 -8.40 18.82
C A1BNO E . -24.42 -9.58 19.26
O A1BNO E . -24.65 -10.64 18.70
C10 A1BNO E . -26.25 -14.36 21.27
C11 A1BNO E . -27.23 -15.33 21.14
C12 A1BNO E . -27.09 -16.35 20.23
C13 A1BNO E . -25.94 -16.38 19.43
C14 A1BNO E . -25.72 -17.46 18.43
C15 A1BNO E . -26.74 -18.32 18.06
C16 A1BNO E . -25.59 -18.96 16.25
C17 A1BNO E . -24.63 -17.43 17.57
C18 A1BNO E . -25.47 -19.82 15.00
C19 A1BNO E . -25.93 -8.55 17.69
C20 A1BNO E . -25.28 -8.21 16.39
C21 A1BNO E . -24.03 -7.86 14.76
C22 A1BNO E . -22.79 -7.75 13.96
C8 A1BNO E . -23.90 -12.46 21.20
C9 A1BNO E . -25.14 -14.47 20.42
F A1BNO E . -25.77 -19.13 13.91
F1 A1BNO E . -26.29 -20.86 15.04
F2 A1BNO E . -24.25 -20.30 14.83
N2 A1BNO E . -22.76 -10.24 21.11
N3 A1BNO E . -22.50 -8.18 21.97
N4 A1BNO E . -24.06 -13.56 20.44
N5 A1BNO E . -24.98 -15.46 19.53
N6 A1BNO E . -26.70 -19.10 16.97
N7 A1BNO E . -24.53 -18.18 16.46
N8 A1BNO E . -24.02 -8.26 16.07
N9 A1BNO E . -25.21 -7.58 14.29
O3 A1BNO E . -26.07 -7.82 15.39
O1 A1BNO F . 14.98 -22.57 17.74
C7 A1BNO F . 18.02 -25.46 11.16
O2 A1BNO F . 17.78 -27.25 13.85
C6 A1BNO F . 17.02 -25.57 12.30
C1 A1BNO F . 15.44 -23.07 16.74
N1 A1BNO F . 16.63 -22.61 16.19
C5 A1BNO F . 18.32 -23.67 13.39
C4 A1BNO F . 16.48 -24.20 14.44
C3 A1BNO F . 17.13 -23.18 15.05
C2 A1BNO F . 17.33 -21.50 16.85
N A1BNO F . 14.80 -24.10 16.07
C A1BNO F . 15.25 -24.75 14.92
O A1BNO F . 14.60 -25.65 14.42
C10 A1BNO F . 16.62 -29.89 13.64
C11 A1BNO F . 16.30 -31.22 13.82
C12 A1BNO F . 15.35 -31.81 13.01
C13 A1BNO F . 14.74 -31.05 12.03
C14 A1BNO F . 13.71 -31.62 11.12
C15 A1BNO F . 13.04 -30.83 10.18
C16 A1BNO F . 11.49 -32.40 9.91
C17 A1BNO F . 13.12 -32.84 11.37
C18 A1BNO F . 10.21 -32.89 9.24
C19 A1BNO F . 13.56 -24.61 16.63
C20 A1BNO F . 12.38 -23.78 16.23
C21 A1BNO F . 10.95 -22.56 15.37
C22 A1BNO F . 10.32 -21.62 14.39
C8 A1BNO F . 17.05 -26.97 12.92
C9 A1BNO F . 15.96 -29.20 12.63
F A1BNO F . 9.13 -32.42 9.83
F1 A1BNO F . 10.12 -34.21 9.25
F2 A1BNO F . 10.15 -32.52 7.97
N2 A1BNO F . 17.26 -24.53 13.33
N3 A1BNO F . 18.27 -22.84 14.41
N4 A1BNO F . 16.19 -27.85 12.32
N5 A1BNO F . 15.05 -29.76 11.83
N6 A1BNO F . 11.93 -31.19 9.55
N7 A1BNO F . 11.99 -33.28 10.78
N8 A1BNO F . 12.22 -23.04 15.19
N9 A1BNO F . 10.36 -22.96 16.45
O3 A1BNO F . 11.32 -23.81 17.04
O1 A1BNO G . 18.28 -11.42 -24.29
C7 A1BNO G . 12.00 -11.03 -28.91
O2 A1BNO G . 14.51 -12.95 -29.61
C6 A1BNO G . 12.98 -11.87 -28.11
C1 A1BNO G . 17.31 -11.40 -25.02
N1 A1BNO G . 16.96 -10.26 -25.72
C5 A1BNO G . 14.35 -9.72 -27.90
C4 A1BNO G . 15.10 -11.38 -26.70
C3 A1BNO G . 15.86 -10.27 -26.54
C2 A1BNO G . 17.79 -9.06 -25.57
N A1BNO G . 16.50 -12.51 -25.18
C A1BNO G . 15.38 -12.61 -26.01
O A1BNO G . 14.74 -13.65 -26.09
C10 A1BNO G . 13.98 -15.70 -30.30
C11 A1BNO G . 14.03 -16.98 -30.83
C12 A1BNO G . 13.05 -17.91 -30.50
C13 A1BNO G . 12.05 -17.53 -29.63
C14 A1BNO G . 10.97 -18.47 -29.23
C15 A1BNO G . 10.01 -18.12 -28.28
C16 A1BNO G . 9.42 -20.25 -28.02
C17 A1BNO G . 11.07 -19.83 -29.47
C18 A1BNO G . 8.56 -21.31 -27.35
C19 A1BNO G . 16.85 -13.74 -24.47
C20 A1BNO G . 16.34 -13.72 -23.06
C21 A1BNO G . 15.38 -13.48 -21.24
C22 A1BNO G . 14.39 -12.99 -20.26
C8 A1BNO G . 13.50 -13.05 -28.93
C9 A1BNO G . 12.93 -15.41 -29.43
F A1BNO G . 9.02 -21.66 -26.17
F1 A1BNO G . 8.47 -22.41 -28.07
F2 A1BNO G . 7.32 -20.88 -27.16
N2 A1BNO G . 14.10 -11.04 -27.59
N3 A1BNO G . 15.41 -9.24 -27.30
N4 A1BNO G . 12.74 -14.16 -28.82
N5 A1BNO G . 11.97 -16.30 -29.10
N6 A1BNO G . 9.21 -18.98 -27.66
N7 A1BNO G . 10.30 -20.76 -28.88
N8 A1BNO G . 15.34 -13.10 -22.56
N9 A1BNO G . 16.34 -14.30 -20.95
O3 A1BNO G . 17.00 -14.48 -22.18
O1 A1BNO H . -22.11 4.99 -23.09
C7 A1BNO H . -27.52 2.17 -18.21
O2 A1BNO H . -28.00 2.24 -21.42
C6 A1BNO H . -26.64 1.99 -19.44
C1 A1BNO H . -22.96 4.52 -22.38
N1 A1BNO H . -23.63 5.31 -21.46
C5 A1BNO H . -26.11 4.47 -19.22
C4 A1BNO H . -24.92 3.44 -20.73
C3 A1BNO H . -24.60 4.76 -20.65
C2 A1BNO H . -23.30 6.73 -21.37
N A1BNO H . -23.31 3.17 -22.42
C A1BNO H . -24.29 2.55 -21.64
O A1BNO H . -24.52 1.35 -21.78
C10 A1BNO H . -28.92 -0.17 -22.71
C11 A1BNO H . -29.52 -1.08 -23.56
C12 A1BNO H . -29.38 -2.43 -23.33
C13 A1BNO H . -28.64 -2.86 -22.24
C14 A1BNO H . -28.45 -4.30 -21.93
C15 A1BNO H . -27.63 -4.71 -20.89
C16 A1BNO H . -27.57 -6.79 -21.70
C17 A1BNO H . -28.76 -5.29 -22.84
C18 A1BNO H . -27.10 -8.23 -21.60
C19 A1BNO H . -22.63 2.33 -23.38
C20 A1BNO H . -21.32 1.84 -22.87
C21 A1BNO H . -19.64 1.23 -21.82
C22 A1BNO H . -18.77 0.90 -20.65
C8 A1BNO H . -27.46 1.47 -20.62
C9 A1BNO H . -28.19 -0.68 -21.64
F A1BNO H . -25.88 -8.39 -22.10
F1 A1BNO H . -27.91 -9.06 -22.26
F2 A1BNO H . -27.06 -8.66 -20.34
N2 A1BNO H . -25.93 3.24 -19.79
N3 A1BNO H . -25.34 5.41 -19.72
N4 A1BNO H . -27.53 0.12 -20.69
N5 A1BNO H . -28.05 -1.99 -21.39
N6 A1BNO H . -27.16 -5.96 -20.73
N7 A1BNO H . -28.35 -6.56 -22.77
N8 A1BNO H . -20.92 1.70 -21.66
N9 A1BNO H . -19.26 1.09 -23.05
O3 A1BNO H . -20.39 1.50 -23.78
#